data_6T16
#
_entry.id   6T16
#
_cell.length_a   101.001
_cell.length_b   134.304
_cell.length_c   235.375
_cell.angle_alpha   90.000
_cell.angle_beta   90.000
_cell.angle_gamma   90.000
#
_symmetry.space_group_name_H-M   'P 21 21 21'
#
loop_
_entity.id
_entity.type
_entity.pdbx_description
1 polymer Alternansucrase
2 branched alpha-D-glucopyranose-(1-6)-alpha-D-glucopyranose
3 branched alpha-D-glucopyranose-(1-4)-alpha-D-glucopyranose
4 non-polymer 'CALCIUM ION'
5 non-polymer alpha-D-glucopyranose
#
_entity_poly.entity_id   1
_entity_poly.type   'polypeptide(L)'
_entity_poly.pdbx_seq_one_letter_code
;SNLSDPITGGHYENHNGYFVYIDASGKQVTGLQNIDGNLQYFDDNGYQVKGSFRDVNGKHIYFDSVTGKASSNVDIVNGK
AQGYDAQGNQLKKSYVADSSGQTYYFDGNGQPLIGLQTIDGNLQYFNQQGVQIKGGFQDVNNKRIYFAPNTGNAVANTEI
INGKLQGRDANGNQVKNAFSKDVAGNTFYFDANGVMLTGLQTISGKTYYLDEQGHLRKNYAGTFNNQFMYFDADTGAGKT
AIEYQFDQGLVSQSNENTPHNAAKSYDKSSFENVDGYLTADTWYRPTDILKNGDTWTASTETDMRPLLMTWWPDKQTQAN
YLNFMSSKGLGITTTYTAATSQKTLNDAAFVIQTAIEQQISLKKSTEWLRDAIDSFVKTQANWNKQTEDEAFDGLQWLQG
GFLAYQDDSHRTPNTDSGNNRKLGRQPINIDGSKDTTDGKGSEFLLANDIDNSNPIVQAEQLNWLHYLMNFGSITGNNDN
ANFDGIRVDAVDNVDADLLKIAGDYFKALYGTDKSDANANKHLSILEDWNGKDPQYVNQQGNAQLTMDYTVTSQFGNSLT
HGANNRSNMWYFLDTGYYLNGDLNKKIVDKNRPNSGTLVNRIANSGDTKVIPNYSFVRAHDYDAQDPIRKAMIDHGIIKN
MQDTFTFDQLAQGMEFYYKDQENPSGFKKYNDYNLPSAYAMLLTNKDTVPRVYYGDMYLEGGQYMEKGTIYNPVISALLK
ARIKYVSGGQTMATDSSGKDLKDGETDLLTSVRFGKGIMTSDQTTTQDNSQDYKNQGIGVIVGNNPDLKLNNDKTITLHM
GKAHKNQLYRALVLSNDSGIDVYDSDDKAPTLRTNDNGDLIFHKTNTFVKQDGTIINYEMKGSLNALISGYLGVWVPVGA
SDSQDARTVATESSSSNDGSVFHSNAALDSNVIYEGFSNFQAMPTSPEQSTNVVIATKANLFKELGITSFELAPQYRSSG
DTNYGGMSFLDSFLNNGYAFTDRYDLGFNKADGNPNPTKYGTDQDLRNAIEALHKNGMQAIADWVPDQIYALPGKEVVTA
TRVDERGNQLKDTDFVNLLYVANTKSSGVDYQAKYGGEFLDKLREEYPSLFKQNQVSTGQPIDASTKIKQWSAKYMNGTN
ILHRGAYYVLKDWATNQYFNIAKTNEVFLPLQLQNKDAQTGFISDASGVKYYSISGYQAKDTFIEDGNGNWYYFDKDGYM
VRSQQGENPIRTVETSVNTRNGNYYFMPNGVELRKGFGTDNSGNVYYFDDQGKMVRDKYINDDANNFYHLNVDGTMSR
;
_entity_poly.pdbx_strand_id   B,A
#
loop_
_chem_comp.id
_chem_comp.type
_chem_comp.name
_chem_comp.formula
CA non-polymer 'CALCIUM ION' 'Ca 2'
GLC D-saccharide, alpha linking alpha-D-glucopyranose 'C6 H12 O6'
#
# COMPACT_ATOMS: atom_id res chain seq x y z
N LYS A 93 6.19 -2.60 21.50
CA LYS A 93 5.48 -3.57 20.62
C LYS A 93 4.45 -2.88 19.73
N SER A 94 4.93 -1.90 18.98
CA SER A 94 4.09 -1.10 18.11
C SER A 94 4.86 -0.56 16.91
N TYR A 95 4.17 -0.38 15.80
CA TYR A 95 4.70 0.32 14.63
C TYR A 95 4.56 1.81 14.91
N VAL A 96 5.55 2.58 14.46
CA VAL A 96 5.36 4.01 14.32
C VAL A 96 5.99 4.53 13.03
N ALA A 97 5.25 5.40 12.37
CA ALA A 97 5.74 6.05 11.17
C ALA A 97 6.23 7.42 11.60
N ASP A 98 7.39 7.82 11.08
CA ASP A 98 7.98 9.13 11.41
C ASP A 98 7.44 10.22 10.45
N SER A 99 7.97 11.44 10.54
CA SER A 99 7.50 12.53 9.69
C SER A 99 7.64 12.27 8.20
N SER A 100 8.73 11.60 7.80
CA SER A 100 8.96 11.26 6.37
C SER A 100 8.12 10.09 5.84
N GLY A 101 7.24 9.51 6.65
CA GLY A 101 6.49 8.32 6.27
C GLY A 101 7.30 7.02 6.34
N GLN A 102 8.42 7.01 7.07
CA GLN A 102 9.24 5.80 7.29
C GLN A 102 8.75 5.09 8.56
N THR A 103 8.82 3.76 8.55
CA THR A 103 8.19 2.95 9.59
C THR A 103 9.22 2.11 10.37
N TYR A 104 9.14 2.21 11.69
CA TYR A 104 9.95 1.41 12.62
C TYR A 104 9.03 0.52 13.42
N TYR A 105 9.52 -0.62 13.88
CA TYR A 105 8.78 -1.40 14.85
C TYR A 105 9.59 -1.54 16.10
N PHE A 106 9.03 -1.05 17.19
CA PHE A 106 9.69 -1.09 18.49
C PHE A 106 9.17 -2.27 19.29
N ASP A 107 10.08 -3.04 19.87
CA ASP A 107 9.77 -4.32 20.53
C ASP A 107 9.30 -4.11 21.99
N GLY A 108 9.35 -5.17 22.79
CA GLY A 108 8.96 -5.09 24.20
C GLY A 108 9.74 -4.09 25.06
N ASN A 109 11.01 -3.87 24.70
CA ASN A 109 11.87 -2.92 25.41
C ASN A 109 11.89 -1.48 24.84
N GLY A 110 11.18 -1.26 23.72
CA GLY A 110 11.11 0.05 23.05
C GLY A 110 12.19 0.23 22.00
N GLN A 111 13.01 -0.81 21.80
CA GLN A 111 14.14 -0.76 20.87
C GLN A 111 13.71 -1.31 19.50
N PRO A 112 14.08 -0.60 18.41
CA PRO A 112 13.59 -0.99 17.10
C PRO A 112 14.21 -2.28 16.61
N LEU A 113 13.40 -3.09 15.92
CA LEU A 113 13.84 -4.38 15.37
C LEU A 113 14.62 -4.12 14.08
N ILE A 114 15.62 -4.96 13.84
CA ILE A 114 16.50 -4.86 12.69
C ILE A 114 16.59 -6.24 12.04
N GLY A 115 16.70 -6.27 10.72
CA GLY A 115 16.78 -7.52 9.99
C GLY A 115 15.42 -8.13 9.73
N LEU A 116 15.45 -9.39 9.31
CA LEU A 116 14.25 -10.14 9.00
C LEU A 116 13.43 -10.38 10.26
N GLN A 117 12.11 -10.17 10.16
CA GLN A 117 11.22 -10.27 11.32
C GLN A 117 9.86 -10.74 10.87
N THR A 118 9.16 -11.47 11.72
CA THR A 118 7.77 -11.83 11.45
C THR A 118 6.91 -11.11 12.48
N ILE A 119 5.98 -10.28 12.02
CA ILE A 119 5.09 -9.53 12.90
C ILE A 119 3.62 -9.72 12.51
N ASP A 120 2.78 -9.99 13.51
CA ASP A 120 1.38 -10.33 13.27
C ASP A 120 1.25 -11.33 12.12
N GLY A 121 2.16 -12.30 12.08
CA GLY A 121 2.21 -13.27 10.98
C GLY A 121 2.73 -12.75 9.64
N ASN A 122 3.34 -11.57 9.64
CA ASN A 122 3.87 -10.96 8.41
C ASN A 122 5.39 -10.94 8.42
N LEU A 123 6.01 -11.34 7.31
CA LEU A 123 7.47 -11.26 7.14
C LEU A 123 7.93 -9.88 6.66
N GLN A 124 8.90 -9.29 7.32
CA GLN A 124 9.40 -7.97 6.93
C GLN A 124 10.89 -7.83 7.18
N TYR A 125 11.40 -6.64 6.91
CA TYR A 125 12.80 -6.33 7.15
C TYR A 125 13.04 -4.84 7.36
N PHE A 126 13.86 -4.54 8.36
CA PHE A 126 14.23 -3.17 8.67
C PHE A 126 15.71 -2.95 8.39
N ASN A 127 16.03 -1.74 7.94
CA ASN A 127 17.40 -1.41 7.55
C ASN A 127 18.32 -1.08 8.74
N GLN A 128 19.60 -0.85 8.46
CA GLN A 128 20.55 -0.47 9.54
C GLN A 128 20.07 0.81 10.23
N GLN A 129 19.35 1.63 9.50
CA GLN A 129 18.76 2.83 10.08
C GLN A 129 17.70 2.43 11.12
N GLY A 130 16.96 1.35 10.87
CA GLY A 130 15.80 0.94 11.69
C GLY A 130 14.45 1.28 11.06
N VAL A 131 14.48 1.77 9.82
CA VAL A 131 13.29 2.09 9.06
C VAL A 131 12.99 1.00 8.04
N GLN A 132 11.73 0.54 8.02
CA GLN A 132 11.33 -0.51 7.10
C GLN A 132 11.21 0.04 5.68
N ILE A 133 11.43 -0.83 4.70
CA ILE A 133 11.39 -0.40 3.31
C ILE A 133 10.00 -0.66 2.70
N LYS A 134 9.64 0.14 1.71
CA LYS A 134 8.37 -0.02 1.01
C LYS A 134 8.56 0.07 -0.51
N GLY A 135 8.01 -0.92 -1.22
CA GLY A 135 8.11 -0.95 -2.67
C GLY A 135 9.53 -1.03 -3.17
N GLY A 136 10.34 -1.87 -2.54
CA GLY A 136 11.72 -2.05 -2.98
C GLY A 136 12.22 -3.46 -2.79
N PHE A 137 13.31 -3.76 -3.48
CA PHE A 137 13.94 -5.04 -3.38
C PHE A 137 15.17 -4.83 -2.50
N GLN A 138 15.26 -5.54 -1.39
CA GLN A 138 16.47 -5.52 -0.59
C GLN A 138 17.06 -6.90 -0.63
N ASP A 139 18.35 -7.02 -0.91
CA ASP A 139 18.98 -8.33 -0.93
C ASP A 139 19.39 -8.76 0.48
N VAL A 140 18.40 -9.02 1.32
CA VAL A 140 18.70 -9.46 2.67
C VAL A 140 19.02 -10.93 2.57
N ASN A 141 20.06 -11.36 3.28
CA ASN A 141 20.50 -12.74 3.30
C ASN A 141 20.82 -13.24 1.91
N ASN A 142 20.54 -14.52 1.68
CA ASN A 142 20.97 -15.20 0.47
C ASN A 142 20.28 -14.71 -0.82
N LYS A 143 19.00 -14.40 -0.77
CA LYS A 143 18.25 -14.04 -1.97
C LYS A 143 17.46 -12.72 -1.86
N ARG A 144 17.20 -12.10 -3.01
CA ARG A 144 16.51 -10.81 -3.08
C ARG A 144 15.00 -10.88 -2.87
N ILE A 145 14.42 -9.89 -2.19
CA ILE A 145 12.99 -9.90 -1.87
C ILE A 145 12.29 -8.56 -2.00
N TYR A 146 11.18 -8.50 -2.75
CA TYR A 146 10.43 -7.25 -2.91
C TYR A 146 9.61 -6.99 -1.64
N PHE A 147 9.40 -5.71 -1.32
CA PHE A 147 8.63 -5.34 -0.13
C PHE A 147 7.42 -4.51 -0.47
N ALA A 148 6.33 -4.76 0.25
CA ALA A 148 5.06 -4.11 0.01
C ALA A 148 5.18 -2.61 0.14
N PRO A 149 4.63 -1.86 -0.84
CA PRO A 149 4.59 -0.39 -0.85
C PRO A 149 3.97 0.20 0.39
N ASN A 150 2.90 -0.40 0.87
CA ASN A 150 2.28 0.13 2.09
C ASN A 150 2.32 -0.82 3.28
N THR A 151 2.40 -2.11 3.04
CA THR A 151 2.46 -3.10 4.12
C THR A 151 3.86 -3.65 4.40
N GLY A 152 4.80 -3.49 3.47
CA GLY A 152 6.13 -4.02 3.65
C GLY A 152 6.22 -5.52 3.82
N ASN A 153 5.13 -6.21 3.48
CA ASN A 153 5.09 -7.65 3.63
C ASN A 153 5.78 -8.35 2.46
N ALA A 154 6.37 -9.51 2.75
CA ALA A 154 7.02 -10.32 1.73
C ALA A 154 5.97 -10.78 0.75
N VAL A 155 6.26 -10.63 -0.54
CA VAL A 155 5.34 -11.00 -1.61
C VAL A 155 6.12 -11.44 -2.82
N ALA A 156 5.50 -12.30 -3.60
CA ALA A 156 6.09 -12.73 -4.84
C ALA A 156 6.16 -11.52 -5.78
N ASN A 157 7.24 -11.48 -6.54
CA ASN A 157 7.41 -10.44 -7.52
C ASN A 157 8.39 -10.87 -8.59
N THR A 158 8.30 -10.12 -9.69
CA THR A 158 9.11 -10.29 -10.86
C THR A 158 9.78 -8.97 -11.23
N GLU A 159 11.06 -9.07 -11.58
CA GLU A 159 11.91 -7.92 -11.92
C GLU A 159 12.66 -8.23 -13.21
N ILE A 160 13.12 -7.20 -13.91
CA ILE A 160 13.74 -7.42 -15.22
C ILE A 160 15.27 -7.51 -15.15
N ILE A 161 15.83 -8.64 -15.57
CA ILE A 161 17.29 -8.81 -15.67
C ILE A 161 17.64 -9.03 -17.12
N ASN A 162 18.59 -8.26 -17.64
CA ASN A 162 18.91 -8.26 -19.06
C ASN A 162 17.63 -7.95 -19.83
N GLY A 163 17.24 -8.79 -20.78
CA GLY A 163 15.95 -8.60 -21.46
C GLY A 163 14.82 -9.48 -20.96
N LYS A 164 15.11 -10.39 -20.04
CA LYS A 164 14.22 -11.50 -19.71
C LYS A 164 13.79 -11.52 -18.23
N LEU A 165 12.47 -11.46 -17.98
CA LEU A 165 11.90 -11.40 -16.64
C LEU A 165 12.03 -12.71 -15.82
N GLN A 166 12.12 -12.53 -14.50
CA GLN A 166 12.31 -13.62 -13.55
C GLN A 166 11.27 -13.48 -12.47
N GLY A 167 11.01 -14.59 -11.77
CA GLY A 167 10.06 -14.61 -10.68
C GLY A 167 10.74 -14.88 -9.35
N ARG A 168 10.35 -14.11 -8.34
CA ARG A 168 10.83 -14.27 -6.98
C ARG A 168 9.65 -14.50 -6.06
N ASP A 169 9.70 -15.56 -5.23
CA ASP A 169 8.57 -15.88 -4.37
C ASP A 169 8.60 -15.07 -3.05
N ALA A 170 7.69 -15.40 -2.13
CA ALA A 170 7.60 -14.68 -0.86
C ALA A 170 8.77 -15.02 0.08
N ASN A 171 9.31 -16.24 -0.03
CA ASN A 171 10.46 -16.65 0.79
C ASN A 171 11.82 -16.17 0.25
N GLY A 172 11.82 -15.48 -0.89
CA GLY A 172 13.03 -14.96 -1.50
C GLY A 172 13.73 -15.91 -2.46
N ASN A 173 13.18 -17.10 -2.62
CA ASN A 173 13.72 -18.07 -3.57
C ASN A 173 13.17 -17.81 -4.96
N GLN A 174 14.04 -17.96 -5.95
CA GLN A 174 13.61 -17.83 -7.34
C GLN A 174 12.66 -19.00 -7.67
N VAL A 175 11.74 -18.76 -8.61
CA VAL A 175 10.74 -19.77 -8.96
C VAL A 175 11.15 -20.55 -10.22
N LYS A 176 11.11 -21.87 -10.06
CA LYS A 176 11.43 -22.83 -11.09
C LYS A 176 10.26 -23.81 -11.13
N ASN A 177 9.80 -24.11 -12.34
CA ASN A 177 8.71 -25.03 -12.56
C ASN A 177 7.53 -24.64 -11.69
N ALA A 178 7.03 -23.43 -11.89
CA ALA A 178 5.87 -22.98 -11.13
C ALA A 178 5.32 -21.65 -11.61
N PHE A 179 4.06 -21.42 -11.21
CA PHE A 179 3.37 -20.16 -11.40
C PHE A 179 3.74 -19.20 -10.28
N SER A 180 3.93 -17.94 -10.61
CA SER A 180 4.23 -16.90 -9.61
C SER A 180 3.70 -15.56 -10.05
N LYS A 181 3.22 -14.78 -9.10
CA LYS A 181 2.63 -13.49 -9.42
C LYS A 181 3.64 -12.37 -9.43
N ASP A 182 3.18 -11.21 -9.90
CA ASP A 182 3.87 -9.94 -9.65
C ASP A 182 2.94 -8.97 -8.90
N VAL A 183 3.52 -7.91 -8.37
CA VAL A 183 2.79 -6.97 -7.51
C VAL A 183 1.55 -6.37 -8.20
N ALA A 184 1.60 -6.11 -9.50
CA ALA A 184 0.40 -5.61 -10.22
C ALA A 184 -0.81 -6.58 -10.16
N GLY A 185 -0.52 -7.87 -10.15
CA GLY A 185 -1.56 -8.91 -10.06
C GLY A 185 -1.54 -9.93 -11.18
N ASN A 186 -0.58 -9.83 -12.09
CA ASN A 186 -0.46 -10.78 -13.19
C ASN A 186 0.20 -12.06 -12.77
N THR A 187 -0.26 -13.18 -13.31
CA THR A 187 0.42 -14.44 -13.06
C THR A 187 1.29 -14.81 -14.27
N PHE A 188 2.45 -15.40 -14.01
CA PHE A 188 3.34 -15.94 -15.04
C PHE A 188 3.69 -17.37 -14.70
N TYR A 189 4.34 -18.07 -15.63
CA TYR A 189 4.85 -19.41 -15.32
C TYR A 189 6.32 -19.42 -15.65
N PHE A 190 7.12 -20.06 -14.80
CA PHE A 190 8.56 -20.10 -15.03
C PHE A 190 9.11 -21.52 -15.04
N ASP A 191 9.87 -21.81 -16.09
CA ASP A 191 10.45 -23.13 -16.33
C ASP A 191 11.76 -23.30 -15.56
N ALA A 192 12.47 -24.41 -15.76
CA ALA A 192 13.75 -24.64 -15.08
C ALA A 192 14.73 -23.52 -15.35
N ASN A 193 14.78 -23.05 -16.58
CA ASN A 193 15.63 -21.93 -16.93
C ASN A 193 15.23 -20.61 -16.26
N GLY A 194 13.94 -20.42 -15.97
CA GLY A 194 13.46 -19.20 -15.35
C GLY A 194 12.92 -18.16 -16.34
N VAL A 195 13.03 -18.49 -17.62
CA VAL A 195 12.53 -17.61 -18.67
C VAL A 195 11.02 -17.65 -18.55
N MET A 196 10.38 -16.49 -18.69
CA MET A 196 8.92 -16.46 -18.60
C MET A 196 8.35 -17.20 -19.79
N LEU A 197 7.45 -18.14 -19.54
CA LEU A 197 6.89 -18.91 -20.62
C LEU A 197 5.81 -18.05 -21.32
N THR A 198 5.60 -18.32 -22.60
CA THR A 198 4.58 -17.61 -23.41
C THR A 198 3.66 -18.57 -24.20
N GLY A 199 2.53 -18.06 -24.70
CA GLY A 199 1.62 -18.86 -25.56
C GLY A 199 0.87 -19.99 -24.88
N LEU A 200 0.33 -20.91 -25.67
CA LEU A 200 -0.43 -22.02 -25.10
C LEU A 200 0.54 -23.03 -24.45
N GLN A 201 0.34 -23.36 -23.17
CA GLN A 201 1.22 -24.30 -22.44
C GLN A 201 0.52 -25.36 -21.62
N THR A 202 0.97 -26.61 -21.81
CA THR A 202 0.39 -27.76 -21.11
C THR A 202 1.31 -28.14 -20.01
N ILE A 203 0.86 -27.98 -18.78
CA ILE A 203 1.63 -28.43 -17.64
C ILE A 203 0.76 -29.21 -16.68
N SER A 204 1.33 -30.31 -16.15
CA SER A 204 0.63 -31.17 -15.20
C SER A 204 -0.76 -31.57 -15.73
N GLY A 205 -0.77 -32.01 -16.99
CA GLY A 205 -1.99 -32.47 -17.67
C GLY A 205 -3.08 -31.44 -17.90
N LYS A 206 -2.77 -30.16 -17.69
CA LYS A 206 -3.72 -29.06 -17.92
C LYS A 206 -3.09 -28.01 -18.80
N THR A 207 -3.95 -27.34 -19.57
CA THR A 207 -3.52 -26.39 -20.57
C THR A 207 -3.98 -24.98 -20.20
N TYR A 208 -3.00 -24.08 -20.17
CA TYR A 208 -3.19 -22.70 -19.79
C TYR A 208 -2.79 -21.85 -20.96
N TYR A 209 -3.39 -20.66 -21.07
CA TYR A 209 -3.06 -19.75 -22.17
C TYR A 209 -2.37 -18.51 -21.64
N LEU A 210 -1.13 -18.29 -22.08
CA LEU A 210 -0.34 -17.13 -21.70
C LEU A 210 -0.24 -16.24 -22.92
N ASP A 211 -0.50 -14.96 -22.74
CA ASP A 211 -0.46 -14.03 -23.89
C ASP A 211 0.96 -13.64 -24.22
N GLU A 212 1.12 -12.75 -25.19
CA GLU A 212 2.46 -12.29 -25.63
C GLU A 212 3.34 -11.78 -24.48
N GLN A 213 2.72 -11.11 -23.51
CA GLN A 213 3.43 -10.62 -22.33
C GLN A 213 3.71 -11.66 -21.25
N GLY A 214 3.14 -12.87 -21.42
CA GLY A 214 3.34 -13.96 -20.46
C GLY A 214 2.31 -13.98 -19.36
N HIS A 215 1.27 -13.15 -19.50
CA HIS A 215 0.16 -13.09 -18.54
C HIS A 215 -0.75 -14.28 -18.72
N LEU A 216 -1.06 -14.94 -17.60
CA LEU A 216 -2.00 -16.03 -17.56
C LEU A 216 -3.34 -15.40 -17.73
N ARG A 217 -4.12 -15.91 -18.67
CA ARG A 217 -5.44 -15.34 -19.01
C ARG A 217 -6.54 -16.21 -18.41
N LYS A 218 -7.34 -15.61 -17.54
CA LYS A 218 -8.42 -16.32 -16.92
C LYS A 218 -9.72 -15.78 -17.49
N ASN A 219 -10.78 -16.59 -17.47
CA ASN A 219 -12.08 -16.22 -18.04
C ASN A 219 -11.94 -15.72 -19.48
N TYR A 220 -11.30 -16.56 -20.29
CA TYR A 220 -10.94 -16.23 -21.64
C TYR A 220 -11.38 -17.37 -22.54
N ALA A 221 -12.19 -17.05 -23.54
CA ALA A 221 -12.66 -18.05 -24.48
C ALA A 221 -11.88 -17.93 -25.78
N GLY A 222 -11.47 -19.05 -26.36
CA GLY A 222 -10.86 -19.03 -27.67
C GLY A 222 -10.68 -20.38 -28.28
N THR A 223 -10.54 -20.43 -29.60
CA THR A 223 -10.22 -21.68 -30.29
C THR A 223 -8.70 -21.86 -30.31
N PHE A 224 -8.23 -22.69 -29.40
CA PHE A 224 -6.82 -22.89 -29.12
C PHE A 224 -6.21 -24.10 -29.87
N ASN A 225 -6.83 -25.27 -29.75
CA ASN A 225 -6.34 -26.47 -30.46
C ASN A 225 -7.02 -26.70 -31.83
N ASN A 226 -7.42 -25.59 -32.47
CA ASN A 226 -8.27 -25.68 -33.63
C ASN A 226 -9.67 -26.08 -33.18
N GLN A 227 -9.83 -26.15 -31.87
CA GLN A 227 -11.04 -26.57 -31.22
C GLN A 227 -11.31 -25.62 -30.07
N PHE A 228 -12.57 -25.31 -29.82
CA PHE A 228 -12.94 -24.36 -28.77
C PHE A 228 -12.34 -24.75 -27.43
N MET A 229 -11.97 -23.74 -26.65
CA MET A 229 -11.47 -23.91 -25.28
C MET A 229 -11.72 -22.68 -24.42
N TYR A 230 -12.37 -22.87 -23.29
CA TYR A 230 -12.63 -21.80 -22.33
C TYR A 230 -11.67 -21.94 -21.16
N PHE A 231 -10.94 -20.87 -20.87
CA PHE A 231 -9.98 -20.89 -19.77
C PHE A 231 -10.57 -20.36 -18.47
N ASP A 232 -10.53 -21.24 -17.48
CA ASP A 232 -11.16 -21.11 -16.17
C ASP A 232 -11.04 -19.73 -15.56
N ALA A 233 -12.09 -19.24 -14.91
CA ALA A 233 -11.98 -18.00 -14.14
C ALA A 233 -11.14 -18.20 -12.87
N ASP A 234 -11.17 -19.39 -12.30
CA ASP A 234 -10.46 -19.72 -11.07
C ASP A 234 -8.95 -19.79 -11.28
N THR A 235 -8.49 -20.74 -12.11
CA THR A 235 -7.06 -21.05 -12.29
C THR A 235 -6.51 -20.88 -13.71
N GLY A 236 -7.36 -20.52 -14.66
CA GLY A 236 -6.96 -20.40 -16.07
C GLY A 236 -6.84 -21.68 -16.86
N ALA A 237 -7.26 -22.81 -16.30
CA ALA A 237 -7.09 -24.08 -16.96
C ALA A 237 -8.19 -24.29 -17.98
N GLY A 238 -7.78 -24.77 -19.16
CA GLY A 238 -8.70 -24.96 -20.28
C GLY A 238 -9.71 -26.07 -20.08
N LYS A 239 -10.98 -25.75 -20.24
CA LYS A 239 -12.05 -26.74 -20.30
C LYS A 239 -12.60 -26.72 -21.70
N THR A 240 -13.22 -27.81 -22.09
CA THR A 240 -13.79 -27.86 -23.41
C THR A 240 -15.19 -27.17 -23.49
N ALA A 241 -15.81 -26.89 -22.34
CA ALA A 241 -17.14 -26.22 -22.26
C ALA A 241 -18.20 -26.98 -23.02
N ILE A 242 -18.05 -28.31 -22.95
CA ILE A 242 -18.95 -29.26 -23.60
C ILE A 242 -19.95 -29.73 -22.58
N GLU A 243 -19.54 -29.91 -21.33
CA GLU A 243 -20.46 -30.30 -20.27
C GLU A 243 -21.44 -29.22 -19.89
N TYR A 244 -22.73 -29.55 -19.89
CA TYR A 244 -23.75 -28.63 -19.44
C TYR A 244 -23.54 -28.36 -17.95
N GLN A 245 -23.58 -27.09 -17.55
CA GLN A 245 -23.32 -26.69 -16.15
C GLN A 245 -24.59 -26.53 -15.33
N PHE A 246 -25.75 -26.56 -15.98
CA PHE A 246 -27.00 -26.52 -15.26
C PHE A 246 -27.21 -27.87 -14.59
N ASP A 247 -27.69 -27.84 -13.35
CA ASP A 247 -27.77 -29.04 -12.50
C ASP A 247 -29.22 -29.45 -12.22
N GLN A 248 -30.19 -28.91 -12.97
CA GLN A 248 -31.63 -29.09 -12.67
C GLN A 248 -32.42 -29.63 -13.90
N GLY A 249 -32.76 -30.92 -13.83
CA GLY A 249 -33.49 -31.61 -14.91
C GLY A 249 -34.95 -31.26 -14.84
N LEU A 250 -35.69 -31.58 -15.89
CA LEU A 250 -37.10 -31.23 -15.92
C LEU A 250 -37.80 -32.07 -14.88
N VAL A 251 -38.49 -31.41 -13.94
CA VAL A 251 -39.21 -32.13 -12.88
C VAL A 251 -40.61 -31.56 -12.68
N SER A 252 -41.51 -32.45 -12.31
CA SER A 252 -42.91 -32.10 -12.14
C SER A 252 -43.07 -31.71 -10.69
N GLN A 253 -43.81 -30.66 -10.47
CA GLN A 253 -43.95 -30.14 -9.16
C GLN A 253 -45.25 -30.58 -8.52
N SER A 254 -46.23 -31.00 -9.31
CA SER A 254 -47.55 -31.31 -8.79
C SER A 254 -47.47 -32.53 -7.89
N ASN A 255 -48.22 -32.48 -6.80
CA ASN A 255 -48.27 -33.58 -5.86
C ASN A 255 -49.58 -33.52 -5.08
N GLU A 256 -49.65 -34.21 -3.94
CA GLU A 256 -50.89 -34.30 -3.17
C GLU A 256 -51.38 -32.95 -2.60
N ASN A 257 -50.48 -31.99 -2.44
CA ASN A 257 -50.85 -30.71 -1.88
C ASN A 257 -51.24 -29.65 -2.92
N THR A 258 -50.97 -29.91 -4.18
CA THR A 258 -51.23 -28.93 -5.23
C THR A 258 -52.69 -28.48 -5.27
N PRO A 259 -53.66 -29.43 -5.34
CA PRO A 259 -55.05 -28.97 -5.40
C PRO A 259 -55.52 -28.23 -4.14
N HIS A 260 -54.86 -28.47 -3.01
CA HIS A 260 -55.18 -27.78 -1.77
C HIS A 260 -54.65 -26.35 -1.77
N ASN A 261 -53.40 -26.18 -2.16
CA ASN A 261 -52.81 -24.84 -2.15
C ASN A 261 -53.16 -24.00 -3.37
N ALA A 262 -53.81 -24.59 -4.37
CA ALA A 262 -54.24 -23.81 -5.53
C ALA A 262 -55.23 -22.74 -5.14
N ALA A 263 -55.31 -21.72 -5.99
CA ALA A 263 -56.14 -20.56 -5.71
C ALA A 263 -57.57 -20.96 -5.77
N LYS A 264 -58.35 -20.45 -4.82
CA LYS A 264 -59.80 -20.65 -4.78
C LYS A 264 -60.46 -20.04 -6.00
N SER A 265 -59.90 -18.95 -6.48
CA SER A 265 -60.49 -18.17 -7.56
C SER A 265 -59.35 -17.44 -8.28
N TYR A 266 -59.51 -17.16 -9.58
CA TYR A 266 -58.49 -16.41 -10.34
C TYR A 266 -58.98 -14.98 -10.63
N ASP A 267 -59.11 -14.20 -9.55
CA ASP A 267 -59.65 -12.85 -9.63
C ASP A 267 -59.35 -12.05 -8.36
N LYS A 268 -59.85 -10.83 -8.31
CA LYS A 268 -59.49 -9.92 -7.25
C LYS A 268 -59.95 -10.39 -5.86
N SER A 269 -60.94 -11.27 -5.81
CA SER A 269 -61.43 -11.79 -4.54
C SER A 269 -60.37 -12.54 -3.80
N SER A 270 -59.74 -13.47 -4.52
CA SER A 270 -58.82 -14.42 -3.90
C SER A 270 -57.36 -13.99 -3.96
N PHE A 271 -57.10 -12.85 -4.58
CA PHE A 271 -55.72 -12.34 -4.71
C PHE A 271 -55.58 -10.87 -4.35
N GLU A 272 -54.74 -10.55 -3.36
CA GLU A 272 -54.43 -9.18 -3.07
C GLU A 272 -53.62 -8.70 -4.25
N ASN A 273 -53.96 -7.52 -4.75
CA ASN A 273 -53.33 -7.02 -5.98
C ASN A 273 -53.32 -5.51 -6.11
N VAL A 274 -52.66 -5.02 -7.15
CA VAL A 274 -52.67 -3.60 -7.52
C VAL A 274 -52.99 -3.56 -8.99
N ASP A 275 -54.08 -2.89 -9.35
CA ASP A 275 -54.54 -2.78 -10.75
C ASP A 275 -54.53 -4.15 -11.48
N GLY A 276 -54.79 -5.23 -10.74
CA GLY A 276 -54.80 -6.57 -11.33
C GLY A 276 -53.51 -7.34 -11.18
N TYR A 277 -52.39 -6.64 -11.03
CA TYR A 277 -51.11 -7.29 -10.98
C TYR A 277 -50.83 -7.81 -9.58
N LEU A 278 -49.85 -8.71 -9.46
CA LEU A 278 -49.45 -9.28 -8.17
C LEU A 278 -48.10 -8.73 -7.73
N THR A 279 -47.85 -8.78 -6.43
CA THR A 279 -46.63 -8.25 -5.87
C THR A 279 -46.00 -9.28 -4.97
N ALA A 280 -44.75 -9.07 -4.60
CA ALA A 280 -44.03 -10.04 -3.81
C ALA A 280 -44.72 -10.37 -2.49
N ASP A 281 -45.38 -9.37 -1.91
CA ASP A 281 -46.05 -9.53 -0.59
C ASP A 281 -47.55 -9.74 -0.74
N THR A 282 -47.99 -10.09 -1.94
CA THR A 282 -49.36 -10.55 -2.17
C THR A 282 -49.70 -11.74 -1.28
N TRP A 283 -50.89 -11.70 -0.70
CA TRP A 283 -51.48 -12.86 -0.07
C TRP A 283 -52.67 -13.27 -0.91
N TYR A 284 -52.98 -14.57 -0.93
CA TYR A 284 -54.09 -15.11 -1.74
C TYR A 284 -54.89 -16.08 -0.89
N ARG A 285 -56.03 -16.51 -1.44
CA ARG A 285 -56.90 -17.47 -0.78
C ARG A 285 -56.70 -18.85 -1.37
N PRO A 286 -56.04 -19.77 -0.64
CA PRO A 286 -55.92 -21.12 -1.20
C PRO A 286 -57.24 -21.86 -1.09
N THR A 287 -57.46 -22.84 -1.97
CA THR A 287 -58.68 -23.64 -1.93
C THR A 287 -58.89 -24.21 -0.54
N ASP A 288 -57.87 -24.86 0.00
CA ASP A 288 -57.92 -25.43 1.34
C ASP A 288 -56.75 -24.91 2.20
N ILE A 289 -56.89 -25.10 3.50
CA ILE A 289 -55.92 -24.66 4.49
C ILE A 289 -55.52 -25.83 5.38
N LEU A 290 -54.21 -26.04 5.55
CA LEU A 290 -53.72 -27.09 6.44
C LEU A 290 -53.78 -26.61 7.87
N LYS A 291 -54.99 -26.47 8.43
CA LYS A 291 -55.12 -25.88 9.75
C LYS A 291 -54.29 -26.66 10.76
N ASN A 292 -53.55 -25.92 11.58
CA ASN A 292 -52.76 -26.50 12.66
C ASN A 292 -51.69 -27.51 12.20
N GLY A 293 -51.51 -27.61 10.89
CA GLY A 293 -50.64 -28.61 10.30
C GLY A 293 -51.17 -30.02 10.40
N ASP A 294 -52.47 -30.20 10.54
CA ASP A 294 -53.05 -31.53 10.72
C ASP A 294 -54.00 -31.89 9.60
N THR A 295 -55.03 -31.07 9.44
CA THR A 295 -56.17 -31.41 8.60
C THR A 295 -56.49 -30.29 7.63
N TRP A 296 -56.64 -30.68 6.38
CA TRP A 296 -56.98 -29.76 5.31
C TRP A 296 -58.43 -29.40 5.41
N THR A 297 -58.72 -28.12 5.43
CA THR A 297 -60.10 -27.65 5.47
C THR A 297 -60.34 -26.58 4.42
N ALA A 298 -61.52 -26.60 3.82
CA ALA A 298 -61.91 -25.58 2.85
C ALA A 298 -61.72 -24.21 3.48
N SER A 299 -61.31 -23.24 2.69
CA SER A 299 -61.01 -21.90 3.22
C SER A 299 -62.22 -21.01 3.28
N THR A 300 -62.24 -20.10 4.25
CA THR A 300 -63.21 -19.02 4.34
C THR A 300 -62.57 -17.73 3.85
N GLU A 301 -63.38 -16.85 3.25
CA GLU A 301 -62.93 -15.62 2.59
C GLU A 301 -61.84 -14.84 3.34
N THR A 302 -61.84 -14.93 4.67
CA THR A 302 -60.81 -14.28 5.50
C THR A 302 -59.48 -15.05 5.58
N ASP A 303 -59.46 -16.33 5.22
CA ASP A 303 -58.25 -17.16 5.29
C ASP A 303 -57.29 -16.88 4.14
N MET A 304 -56.57 -15.76 4.24
CA MET A 304 -55.60 -15.38 3.23
C MET A 304 -54.23 -15.87 3.65
N ARG A 305 -53.43 -16.27 2.68
CA ARG A 305 -52.08 -16.75 2.96
C ARG A 305 -51.09 -16.13 1.98
N PRO A 306 -49.83 -15.96 2.38
CA PRO A 306 -48.84 -15.33 1.50
C PRO A 306 -48.53 -16.18 0.29
N LEU A 307 -48.49 -15.55 -0.86
CA LEU A 307 -48.11 -16.23 -2.10
C LEU A 307 -46.78 -16.94 -1.95
N LEU A 308 -45.84 -16.34 -1.22
CA LEU A 308 -44.50 -16.93 -1.05
C LEU A 308 -44.45 -18.15 -0.13
N MET A 309 -45.58 -18.52 0.47
CA MET A 309 -45.70 -19.79 1.17
C MET A 309 -45.74 -20.96 0.21
N THR A 310 -46.18 -20.69 -1.01
CA THR A 310 -46.53 -21.69 -2.02
C THR A 310 -45.81 -21.52 -3.37
N TRP A 311 -45.41 -20.31 -3.76
CA TRP A 311 -44.82 -20.09 -5.07
C TRP A 311 -43.65 -19.15 -4.93
N TRP A 312 -42.71 -19.25 -5.86
CA TRP A 312 -41.54 -18.39 -5.88
C TRP A 312 -41.20 -18.03 -7.32
N PRO A 313 -40.59 -16.87 -7.56
CA PRO A 313 -40.23 -16.49 -8.92
C PRO A 313 -39.06 -17.29 -9.49
N ASP A 314 -38.20 -17.79 -8.62
CA ASP A 314 -37.00 -18.52 -9.03
C ASP A 314 -36.47 -19.29 -7.84
N LYS A 315 -35.54 -20.20 -8.10
CA LYS A 315 -35.02 -21.04 -7.04
C LYS A 315 -34.20 -20.25 -6.03
N GLN A 316 -33.47 -19.25 -6.49
CA GLN A 316 -32.68 -18.43 -5.59
C GLN A 316 -33.58 -17.82 -4.51
N THR A 317 -34.67 -17.20 -4.93
CA THR A 317 -35.62 -16.62 -4.01
C THR A 317 -36.23 -17.69 -3.12
N GLN A 318 -36.60 -18.82 -3.70
CA GLN A 318 -37.17 -19.89 -2.89
C GLN A 318 -36.18 -20.28 -1.80
N ALA A 319 -34.91 -20.40 -2.15
CA ALA A 319 -33.91 -20.86 -1.19
C ALA A 319 -33.74 -19.85 -0.09
N ASN A 320 -33.81 -18.58 -0.48
CA ASN A 320 -33.65 -17.50 0.48
C ASN A 320 -34.83 -17.42 1.43
N TYR A 321 -36.03 -17.59 0.89
CA TYR A 321 -37.24 -17.67 1.73
C TYR A 321 -37.10 -18.78 2.77
N LEU A 322 -36.68 -19.95 2.33
CA LEU A 322 -36.54 -21.10 3.22
C LEU A 322 -35.52 -20.82 4.33
N ASN A 323 -34.38 -20.27 3.95
CA ASN A 323 -33.34 -19.95 4.92
C ASN A 323 -33.78 -18.91 5.92
N PHE A 324 -34.50 -17.91 5.44
CA PHE A 324 -34.96 -16.82 6.30
C PHE A 324 -36.02 -17.27 7.33
N MET A 325 -37.02 -18.02 6.87
CA MET A 325 -38.07 -18.52 7.74
C MET A 325 -37.53 -19.54 8.74
N SER A 326 -36.62 -20.40 8.28
CA SER A 326 -35.88 -21.34 9.15
C SER A 326 -35.22 -20.65 10.33
N SER A 327 -34.61 -19.49 10.07
CA SER A 327 -33.92 -18.70 11.09
C SER A 327 -34.84 -18.17 12.15
N LYS A 328 -36.13 -18.21 11.89
CA LYS A 328 -37.11 -17.71 12.85
C LYS A 328 -37.75 -18.82 13.69
N GLY A 329 -37.15 -20.02 13.69
CA GLY A 329 -37.61 -21.16 14.46
C GLY A 329 -38.65 -22.02 13.75
N LEU A 330 -38.82 -21.84 12.45
CA LEU A 330 -39.90 -22.54 11.71
C LEU A 330 -39.48 -23.90 11.15
N GLY A 331 -38.21 -24.25 11.28
CA GLY A 331 -37.76 -25.58 10.92
C GLY A 331 -36.27 -25.70 11.09
N ILE A 332 -35.73 -26.84 10.67
CA ILE A 332 -34.27 -27.05 10.66
C ILE A 332 -33.69 -25.84 9.96
N THR A 333 -32.71 -25.19 10.58
CA THR A 333 -32.11 -24.02 9.94
C THR A 333 -31.31 -24.53 8.77
N THR A 334 -31.50 -23.92 7.61
CA THR A 334 -30.95 -24.47 6.39
C THR A 334 -30.08 -23.45 5.65
N THR A 335 -28.99 -23.94 5.10
CA THR A 335 -28.29 -23.27 4.04
C THR A 335 -28.75 -23.90 2.75
N TYR A 336 -29.69 -23.26 2.10
CA TYR A 336 -30.08 -23.67 0.78
C TYR A 336 -29.57 -22.70 -0.27
N THR A 337 -29.25 -23.21 -1.45
CA THR A 337 -28.79 -22.39 -2.55
C THR A 337 -29.74 -22.55 -3.70
N ALA A 338 -29.63 -21.68 -4.70
CA ALA A 338 -30.26 -21.95 -6.00
C ALA A 338 -29.84 -23.27 -6.61
N ALA A 339 -28.65 -23.76 -6.27
CA ALA A 339 -28.18 -25.05 -6.75
C ALA A 339 -28.91 -26.26 -6.16
N THR A 340 -29.50 -26.10 -4.98
CA THR A 340 -30.29 -27.18 -4.33
C THR A 340 -31.38 -27.64 -5.29
N SER A 341 -31.67 -28.94 -5.27
CA SER A 341 -32.62 -29.52 -6.19
C SER A 341 -33.98 -28.94 -5.92
N GLN A 342 -34.78 -28.82 -6.98
CA GLN A 342 -36.07 -28.19 -6.86
C GLN A 342 -36.92 -28.98 -5.89
N LYS A 343 -36.81 -30.30 -5.98
CA LYS A 343 -37.61 -31.23 -5.18
C LYS A 343 -37.36 -30.98 -3.71
N THR A 344 -36.09 -30.85 -3.35
CA THR A 344 -35.71 -30.65 -1.97
C THR A 344 -36.26 -29.35 -1.44
N LEU A 345 -36.20 -28.30 -2.26
CA LEU A 345 -36.69 -26.96 -1.85
C LEU A 345 -38.19 -26.98 -1.63
N ASN A 346 -38.93 -27.61 -2.55
CA ASN A 346 -40.38 -27.74 -2.42
C ASN A 346 -40.81 -28.56 -1.20
N ASP A 347 -40.12 -29.66 -0.92
CA ASP A 347 -40.37 -30.47 0.28
C ASP A 347 -40.14 -29.61 1.50
N ALA A 348 -39.06 -28.82 1.47
CA ALA A 348 -38.70 -27.95 2.58
C ALA A 348 -39.67 -26.82 2.74
N ALA A 349 -40.27 -26.36 1.65
CA ALA A 349 -41.29 -25.32 1.73
C ALA A 349 -42.56 -25.82 2.41
N PHE A 350 -42.90 -27.10 2.21
CA PHE A 350 -44.08 -27.67 2.84
C PHE A 350 -43.87 -27.89 4.35
N VAL A 351 -42.68 -28.32 4.77
CA VAL A 351 -42.43 -28.47 6.21
C VAL A 351 -42.47 -27.09 6.87
N ILE A 352 -42.04 -26.05 6.15
CA ILE A 352 -42.20 -24.68 6.64
C ILE A 352 -43.68 -24.27 6.64
N GLN A 353 -44.45 -24.65 5.61
CA GLN A 353 -45.89 -24.34 5.59
C GLN A 353 -46.57 -24.97 6.79
N THR A 354 -46.25 -26.24 7.08
CA THR A 354 -46.79 -26.93 8.26
C THR A 354 -46.46 -26.13 9.52
N ALA A 355 -45.19 -25.85 9.72
CA ALA A 355 -44.76 -25.04 10.85
C ALA A 355 -45.49 -23.70 10.95
N ILE A 356 -45.77 -23.08 9.79
CA ILE A 356 -46.48 -21.80 9.76
C ILE A 356 -47.90 -21.96 10.29
N GLU A 357 -48.59 -23.00 9.86
CA GLU A 357 -49.97 -23.17 10.29
C GLU A 357 -50.06 -23.46 11.79
N GLN A 358 -48.99 -24.06 12.35
CA GLN A 358 -48.92 -24.34 13.78
C GLN A 358 -48.78 -23.08 14.61
N GLN A 359 -47.92 -22.17 14.17
CA GLN A 359 -47.76 -20.88 14.85
C GLN A 359 -48.95 -19.96 14.63
N ILE A 360 -49.74 -20.18 13.57
CA ILE A 360 -50.98 -19.44 13.39
C ILE A 360 -52.05 -19.94 14.37
N SER A 361 -52.13 -21.25 14.59
CA SER A 361 -53.03 -21.80 15.62
C SER A 361 -52.59 -21.43 17.02
N LEU A 362 -51.28 -21.51 17.27
CA LEU A 362 -50.70 -21.18 18.58
C LEU A 362 -50.93 -19.71 18.93
N LYS A 363 -50.69 -18.80 17.99
CA LYS A 363 -50.89 -17.36 18.23
C LYS A 363 -52.31 -16.86 17.93
N LYS A 364 -53.12 -17.63 17.18
CA LYS A 364 -54.45 -17.20 16.70
C LYS A 364 -54.42 -15.88 15.90
N SER A 365 -53.34 -15.67 15.16
CA SER A 365 -53.09 -14.40 14.49
C SER A 365 -52.26 -14.67 13.22
N THR A 366 -52.35 -13.78 12.24
CA THR A 366 -51.47 -13.80 11.06
C THR A 366 -50.62 -12.55 10.92
N GLU A 367 -50.68 -11.66 11.90
CA GLU A 367 -49.92 -10.40 11.83
C GLU A 367 -48.40 -10.64 11.96
N TRP A 368 -48.04 -11.61 12.78
CA TRP A 368 -46.65 -12.00 12.92
C TRP A 368 -46.06 -12.41 11.57
N LEU A 369 -46.88 -13.08 10.75
CA LEU A 369 -46.46 -13.54 9.41
C LEU A 369 -46.37 -12.37 8.42
N ARG A 370 -47.34 -11.45 8.45
CA ARG A 370 -47.25 -10.24 7.63
C ARG A 370 -45.93 -9.52 7.80
N ASP A 371 -45.49 -9.40 9.05
CA ASP A 371 -44.22 -8.77 9.38
C ASP A 371 -43.00 -9.61 8.93
N ALA A 372 -43.13 -10.92 9.03
CA ALA A 372 -42.08 -11.81 8.57
C ALA A 372 -41.92 -11.76 7.04
N ILE A 373 -43.04 -11.76 6.33
CA ILE A 373 -43.00 -11.68 4.87
C ILE A 373 -42.47 -10.33 4.44
N ASP A 374 -43.01 -9.24 4.99
CA ASP A 374 -42.52 -7.88 4.67
C ASP A 374 -41.03 -7.78 4.80
N SER A 375 -40.50 -8.27 5.92
CA SER A 375 -39.06 -8.24 6.19
C SER A 375 -38.28 -9.06 5.18
N PHE A 376 -38.76 -10.27 4.90
CA PHE A 376 -38.09 -11.13 3.97
C PHE A 376 -38.06 -10.50 2.57
N VAL A 377 -39.16 -9.92 2.16
CA VAL A 377 -39.26 -9.37 0.82
C VAL A 377 -38.25 -8.28 0.59
N LYS A 378 -38.02 -7.43 1.59
CA LYS A 378 -37.09 -6.32 1.45
C LYS A 378 -35.64 -6.80 1.36
N THR A 379 -35.37 -8.01 1.86
CA THR A 379 -34.07 -8.67 1.79
C THR A 379 -33.60 -8.89 0.36
N GLN A 380 -34.54 -9.10 -0.55
CA GLN A 380 -34.21 -9.49 -1.91
C GLN A 380 -33.97 -8.35 -2.86
N ALA A 381 -32.89 -8.41 -3.61
CA ALA A 381 -32.45 -7.32 -4.51
C ALA A 381 -33.50 -6.89 -5.50
N ASN A 382 -34.19 -7.83 -6.10
CA ASN A 382 -35.25 -7.48 -7.04
C ASN A 382 -36.43 -6.80 -6.41
N TRP A 383 -36.53 -6.90 -5.08
CA TRP A 383 -37.59 -6.30 -4.31
C TRP A 383 -37.13 -5.19 -3.35
N ASN A 384 -36.00 -4.57 -3.66
CA ASN A 384 -35.54 -3.42 -2.90
C ASN A 384 -34.74 -2.45 -3.77
N LYS A 385 -34.10 -1.45 -3.15
CA LYS A 385 -33.47 -0.37 -3.91
C LYS A 385 -32.25 -0.77 -4.72
N GLN A 386 -31.73 -1.97 -4.48
CA GLN A 386 -30.51 -2.41 -5.11
C GLN A 386 -30.71 -2.54 -6.60
N THR A 387 -31.94 -2.84 -7.01
CA THR A 387 -32.26 -2.87 -8.44
C THR A 387 -32.84 -1.55 -8.95
N GLU A 388 -32.77 -0.49 -8.12
CA GLU A 388 -33.29 0.83 -8.48
C GLU A 388 -32.20 1.85 -8.81
N ASP A 389 -30.93 1.47 -8.68
CA ASP A 389 -29.83 2.34 -9.07
C ASP A 389 -29.81 3.67 -8.34
N GLU A 390 -29.88 3.61 -7.02
CA GLU A 390 -29.77 4.80 -6.20
C GLU A 390 -28.57 5.59 -6.66
N ALA A 391 -28.73 6.90 -6.83
CA ALA A 391 -27.65 7.84 -7.16
C ALA A 391 -27.91 9.16 -6.47
N PHE A 392 -26.86 9.93 -6.19
CA PHE A 392 -27.04 11.18 -5.46
C PHE A 392 -26.44 12.40 -6.17
N ASP A 393 -26.20 12.30 -7.46
CA ASP A 393 -25.58 13.42 -8.13
C ASP A 393 -26.68 14.32 -8.65
N GLY A 394 -26.44 15.63 -8.62
CA GLY A 394 -27.47 16.62 -8.95
C GLY A 394 -28.63 16.55 -7.96
N LEU A 395 -29.83 16.89 -8.41
CA LEU A 395 -30.98 16.94 -7.52
C LEU A 395 -31.33 15.59 -6.93
N GLN A 396 -30.75 14.55 -7.50
CA GLN A 396 -30.89 13.22 -6.96
C GLN A 396 -30.35 13.16 -5.53
N TRP A 397 -29.48 14.12 -5.20
CA TRP A 397 -28.95 14.29 -3.86
C TRP A 397 -30.00 14.26 -2.77
N LEU A 398 -31.21 14.69 -3.11
CA LEU A 398 -32.22 14.92 -2.11
C LEU A 398 -32.82 13.64 -1.62
N GLN A 399 -33.21 12.79 -2.57
CA GLN A 399 -33.98 11.58 -2.26
C GLN A 399 -33.50 10.25 -2.87
N GLY A 400 -32.44 10.30 -3.65
CA GLY A 400 -31.80 9.10 -4.12
C GLY A 400 -32.07 8.71 -5.55
N GLY A 401 -32.90 9.47 -6.27
CA GLY A 401 -33.11 9.21 -7.70
C GLY A 401 -34.57 9.18 -8.13
N PHE A 402 -34.80 9.28 -9.43
CA PHE A 402 -36.15 9.44 -9.94
C PHE A 402 -36.55 8.41 -10.97
N LEU A 403 -37.87 8.18 -11.03
CA LEU A 403 -38.53 7.36 -12.07
C LEU A 403 -39.45 8.25 -12.88
N ALA A 404 -39.36 8.18 -14.20
CA ALA A 404 -40.29 8.87 -15.07
C ALA A 404 -41.38 7.89 -15.50
N TYR A 405 -42.64 8.26 -15.34
CA TYR A 405 -43.76 7.41 -15.76
C TYR A 405 -43.93 7.50 -17.26
N GLN A 406 -44.39 6.40 -17.87
CA GLN A 406 -44.53 6.29 -19.30
C GLN A 406 -45.98 6.09 -19.74
N ASP A 407 -46.27 6.51 -20.96
CA ASP A 407 -47.59 6.33 -21.56
C ASP A 407 -47.66 4.93 -22.18
N ASP A 408 -48.36 4.00 -21.54
CA ASP A 408 -48.31 2.58 -21.94
C ASP A 408 -49.71 2.01 -21.84
N SER A 409 -50.48 2.29 -22.88
CA SER A 409 -51.88 1.93 -22.95
C SER A 409 -52.11 0.42 -22.89
N HIS A 410 -51.15 -0.39 -23.34
CA HIS A 410 -51.35 -1.82 -23.33
C HIS A 410 -51.34 -2.43 -21.92
N ARG A 411 -50.35 -2.09 -21.12
CA ARG A 411 -50.19 -2.73 -19.80
C ARG A 411 -50.76 -1.96 -18.62
N THR A 412 -50.78 -0.63 -18.74
CA THR A 412 -51.03 0.23 -17.61
C THR A 412 -51.81 1.49 -18.05
N PRO A 413 -53.00 1.28 -18.59
CA PRO A 413 -53.73 2.32 -19.30
C PRO A 413 -54.28 3.44 -18.41
N ASN A 414 -54.57 3.13 -17.15
CA ASN A 414 -55.04 4.16 -16.21
C ASN A 414 -53.96 5.22 -15.97
N THR A 415 -52.72 4.83 -16.22
CA THR A 415 -51.55 5.63 -15.96
C THR A 415 -51.10 6.39 -17.20
N ASP A 416 -51.74 6.16 -18.35
CA ASP A 416 -51.43 6.89 -19.57
C ASP A 416 -51.78 8.38 -19.40
N SER A 417 -50.91 9.26 -19.87
CA SER A 417 -51.08 10.71 -19.72
C SER A 417 -51.64 11.40 -20.96
N GLY A 418 -52.06 10.65 -21.95
CA GLY A 418 -52.66 11.25 -23.12
C GLY A 418 -51.64 12.09 -23.85
N ASN A 419 -50.43 11.58 -23.95
CA ASN A 419 -49.34 12.22 -24.68
C ASN A 419 -48.93 13.57 -24.19
N ASN A 420 -48.92 13.70 -22.86
CA ASN A 420 -48.46 14.91 -22.21
C ASN A 420 -47.08 14.64 -21.66
N ARG A 421 -46.85 14.97 -20.40
CA ARG A 421 -45.57 14.74 -19.73
C ARG A 421 -44.36 15.34 -20.45
N LYS A 422 -44.48 16.59 -20.89
CA LYS A 422 -43.33 17.33 -21.43
C LYS A 422 -42.46 17.73 -20.27
N LEU A 423 -41.23 17.21 -20.27
CA LEU A 423 -40.34 17.40 -19.15
C LEU A 423 -39.41 18.58 -19.37
N GLY A 424 -39.17 19.35 -18.30
CA GLY A 424 -38.10 20.34 -18.28
C GLY A 424 -38.39 21.57 -19.10
N ARG A 425 -39.66 21.95 -19.13
CA ARG A 425 -40.03 23.17 -19.84
C ARG A 425 -39.83 24.40 -18.95
N GLN A 426 -38.64 24.57 -18.40
CA GLN A 426 -38.29 25.77 -17.60
C GLN A 426 -38.26 26.97 -18.54
N PRO A 427 -38.14 28.19 -17.99
CA PRO A 427 -38.26 29.36 -18.85
C PRO A 427 -37.34 29.33 -20.08
N ILE A 428 -36.07 29.00 -19.88
CA ILE A 428 -35.14 28.96 -20.99
C ILE A 428 -35.39 27.78 -21.93
N ASN A 429 -36.21 26.82 -21.53
CA ASN A 429 -36.56 25.69 -22.42
C ASN A 429 -38.07 25.51 -22.55
N ILE A 430 -38.81 26.62 -22.49
CA ILE A 430 -40.26 26.54 -22.47
C ILE A 430 -40.81 25.87 -23.73
N ASP A 431 -40.09 26.00 -24.84
CA ASP A 431 -40.49 25.38 -26.12
C ASP A 431 -39.79 24.04 -26.46
N GLY A 432 -39.08 23.45 -25.50
CA GLY A 432 -38.35 22.20 -25.74
C GLY A 432 -37.11 22.27 -26.64
N SER A 433 -36.76 23.46 -27.10
CA SER A 433 -35.67 23.57 -28.08
C SER A 433 -34.29 23.27 -27.51
N LYS A 434 -34.20 23.17 -26.19
CA LYS A 434 -32.96 22.77 -25.53
C LYS A 434 -33.06 21.39 -24.86
N ASP A 435 -33.98 20.52 -25.32
CA ASP A 435 -34.21 19.21 -24.68
C ASP A 435 -32.96 18.32 -24.68
N THR A 436 -32.13 18.49 -25.69
CA THR A 436 -30.94 17.67 -25.88
C THR A 436 -29.70 18.18 -25.13
N THR A 437 -29.80 19.33 -24.48
CA THR A 437 -28.68 19.95 -23.79
C THR A 437 -28.93 20.03 -22.29
N ASP A 438 -27.99 20.59 -21.54
CA ASP A 438 -28.18 20.86 -20.12
C ASP A 438 -29.22 21.95 -19.85
N GLY A 439 -29.60 22.68 -20.90
CA GLY A 439 -30.63 23.70 -20.79
C GLY A 439 -32.04 23.16 -20.64
N LYS A 440 -32.20 21.85 -20.79
CA LYS A 440 -33.43 21.18 -20.39
C LYS A 440 -33.58 21.29 -18.88
N GLY A 441 -34.78 21.64 -18.45
CA GLY A 441 -35.03 21.85 -17.04
C GLY A 441 -35.00 20.59 -16.23
N SER A 442 -34.53 20.70 -15.00
CA SER A 442 -34.55 19.61 -14.06
C SER A 442 -35.96 19.48 -13.49
N GLU A 443 -36.81 18.75 -14.20
CA GLU A 443 -38.23 18.68 -13.86
C GLU A 443 -38.46 17.97 -12.54
N PHE A 444 -37.54 17.08 -12.21
CA PHE A 444 -37.70 16.24 -11.05
C PHE A 444 -36.90 16.81 -9.94
N LEU A 445 -37.57 17.00 -8.81
CA LEU A 445 -36.97 17.62 -7.68
C LEU A 445 -37.23 16.78 -6.45
N LEU A 446 -38.51 16.69 -6.10
CA LEU A 446 -38.88 16.03 -4.88
C LEU A 446 -40.20 15.32 -5.12
N ALA A 447 -40.38 14.29 -4.31
CA ALA A 447 -41.62 13.57 -4.16
C ALA A 447 -42.28 13.19 -5.50
N ASN A 448 -43.61 13.26 -5.54
CA ASN A 448 -44.36 13.00 -6.76
C ASN A 448 -44.41 14.23 -7.60
N ASP A 449 -43.73 14.23 -8.73
CA ASP A 449 -43.65 15.42 -9.53
C ASP A 449 -44.90 15.52 -10.42
N ILE A 450 -45.62 16.62 -10.24
CA ILE A 450 -46.89 16.90 -10.94
C ILE A 450 -46.64 17.31 -12.38
N ASP A 451 -47.45 16.78 -13.29
CA ASP A 451 -47.31 17.07 -14.73
C ASP A 451 -47.99 18.37 -15.08
N ASN A 452 -47.28 19.47 -14.89
CA ASN A 452 -47.80 20.80 -15.22
C ASN A 452 -47.78 21.15 -16.71
N SER A 453 -47.39 20.21 -17.56
CA SER A 453 -47.48 20.38 -19.01
C SER A 453 -48.83 19.94 -19.56
N ASN A 454 -49.63 19.31 -18.71
CA ASN A 454 -50.97 18.85 -19.04
C ASN A 454 -52.02 19.96 -18.84
N PRO A 455 -52.68 20.39 -19.92
CA PRO A 455 -53.70 21.43 -19.81
C PRO A 455 -54.72 21.24 -18.66
N ILE A 456 -55.15 20.02 -18.39
CA ILE A 456 -56.10 19.76 -17.31
C ILE A 456 -55.48 20.10 -15.96
N VAL A 457 -54.21 19.75 -15.79
CA VAL A 457 -53.49 20.02 -14.56
C VAL A 457 -53.22 21.53 -14.44
N GLN A 458 -52.95 22.18 -15.57
CA GLN A 458 -52.72 23.63 -15.58
C GLN A 458 -53.95 24.36 -15.06
N ALA A 459 -55.13 23.94 -15.51
CA ALA A 459 -56.40 24.53 -15.04
C ALA A 459 -56.56 24.33 -13.55
N GLU A 460 -56.20 23.14 -13.05
CA GLU A 460 -56.30 22.83 -11.63
C GLU A 460 -55.36 23.70 -10.82
N GLN A 461 -54.20 24.01 -11.36
CA GLN A 461 -53.27 24.91 -10.68
C GLN A 461 -53.84 26.32 -10.58
N LEU A 462 -54.57 26.73 -11.61
CA LEU A 462 -55.29 28.01 -11.57
C LEU A 462 -56.42 28.02 -10.54
N ASN A 463 -57.13 26.91 -10.45
CA ASN A 463 -58.15 26.76 -9.42
C ASN A 463 -57.54 26.95 -8.05
N TRP A 464 -56.43 26.28 -7.81
CA TRP A 464 -55.75 26.39 -6.54
C TRP A 464 -55.31 27.83 -6.27
N LEU A 465 -54.81 28.46 -7.32
CA LEU A 465 -54.35 29.84 -7.26
C LEU A 465 -55.50 30.78 -6.89
N HIS A 466 -56.65 30.57 -7.52
CA HIS A 466 -57.82 31.34 -7.18
C HIS A 466 -58.21 31.12 -5.71
N TYR A 467 -58.21 29.85 -5.31
CA TYR A 467 -58.55 29.50 -3.94
C TYR A 467 -57.69 30.25 -2.93
N LEU A 468 -56.41 30.40 -3.21
CA LEU A 468 -55.52 31.08 -2.28
C LEU A 468 -55.76 32.58 -2.26
N MET A 469 -55.96 33.15 -3.45
CA MET A 469 -56.17 34.59 -3.61
C MET A 469 -57.54 35.02 -3.10
N ASN A 470 -58.44 34.05 -2.92
CA ASN A 470 -59.71 34.30 -2.26
C ASN A 470 -59.90 33.38 -1.06
N PHE A 471 -58.83 33.05 -0.35
CA PHE A 471 -58.91 32.07 0.73
C PHE A 471 -59.91 32.50 1.77
N GLY A 472 -59.80 33.74 2.22
CA GLY A 472 -60.71 34.30 3.23
C GLY A 472 -62.19 34.34 2.81
N SER A 473 -62.47 34.75 1.58
CA SER A 473 -63.82 34.76 1.05
C SER A 473 -64.46 33.37 1.06
N ILE A 474 -63.69 32.37 0.64
CA ILE A 474 -64.20 31.04 0.46
C ILE A 474 -64.34 30.28 1.78
N THR A 475 -63.38 30.41 2.67
CA THR A 475 -63.36 29.63 3.90
C THR A 475 -63.93 30.33 5.15
N GLY A 476 -64.01 31.67 5.14
CA GLY A 476 -64.60 32.40 6.26
C GLY A 476 -65.58 33.53 5.91
N ASN A 477 -66.01 33.54 4.65
CA ASN A 477 -66.72 34.66 4.08
C ASN A 477 -66.21 36.02 4.63
N ASN A 478 -64.88 36.13 4.72
CA ASN A 478 -64.18 37.30 5.22
C ASN A 478 -63.29 37.91 4.10
N ASP A 479 -63.84 38.86 3.35
CA ASP A 479 -63.12 39.45 2.21
C ASP A 479 -61.87 40.26 2.62
N ASN A 480 -61.59 40.36 3.91
CA ASN A 480 -60.32 40.93 4.37
C ASN A 480 -59.24 39.91 4.78
N ALA A 481 -59.53 38.64 4.61
CA ALA A 481 -58.58 37.62 5.03
C ALA A 481 -58.05 36.87 3.81
N ASN A 482 -57.81 37.60 2.72
CA ASN A 482 -57.35 36.99 1.46
C ASN A 482 -55.91 37.32 1.18
N PHE A 483 -55.15 36.36 0.65
CA PHE A 483 -53.78 36.62 0.21
C PHE A 483 -53.79 37.63 -0.94
N ASP A 484 -52.73 38.43 -1.03
CA ASP A 484 -52.67 39.49 -2.03
C ASP A 484 -51.78 39.14 -3.20
N GLY A 485 -50.75 38.33 -2.96
CA GLY A 485 -49.77 38.02 -3.99
C GLY A 485 -49.20 36.65 -3.74
N ILE A 486 -48.29 36.21 -4.62
CA ILE A 486 -47.77 34.85 -4.56
C ILE A 486 -46.25 34.78 -4.73
N ARG A 487 -45.67 33.72 -4.18
CA ARG A 487 -44.31 33.32 -4.46
C ARG A 487 -44.41 32.02 -5.23
N VAL A 488 -43.76 31.95 -6.38
CA VAL A 488 -43.83 30.74 -7.20
C VAL A 488 -42.64 29.85 -6.85
N ASP A 489 -42.92 28.73 -6.16
CA ASP A 489 -41.88 27.80 -5.68
C ASP A 489 -41.34 26.96 -6.84
N ALA A 490 -40.01 26.91 -6.93
CA ALA A 490 -39.34 25.97 -7.80
C ALA A 490 -39.70 26.22 -9.28
N VAL A 491 -39.53 27.47 -9.70
CA VAL A 491 -39.85 27.87 -11.08
C VAL A 491 -39.15 27.02 -12.15
N ASP A 492 -37.88 26.71 -11.91
CA ASP A 492 -37.09 25.99 -12.90
C ASP A 492 -37.37 24.47 -12.93
N ASN A 493 -38.17 23.98 -12.00
CA ASN A 493 -38.54 22.55 -11.93
C ASN A 493 -39.96 22.23 -12.42
N VAL A 494 -40.57 23.20 -13.10
CA VAL A 494 -41.93 23.06 -13.59
C VAL A 494 -42.01 23.65 -14.99
N ASP A 495 -43.13 23.38 -15.63
CA ASP A 495 -43.47 23.94 -16.91
C ASP A 495 -43.75 25.45 -16.77
N ALA A 496 -42.97 26.25 -17.48
CA ALA A 496 -42.98 27.70 -17.35
C ALA A 496 -44.28 28.35 -17.80
N ASP A 497 -45.17 27.61 -18.44
CA ASP A 497 -46.53 28.12 -18.67
C ASP A 497 -47.20 28.65 -17.39
N LEU A 498 -46.88 28.04 -16.26
CA LEU A 498 -47.48 28.45 -15.00
C LEU A 498 -47.29 29.93 -14.68
N LEU A 499 -46.21 30.51 -15.18
CA LEU A 499 -45.93 31.93 -14.96
C LEU A 499 -46.91 32.79 -15.73
N LYS A 500 -47.20 32.39 -16.97
CA LYS A 500 -48.17 33.09 -17.81
C LYS A 500 -49.59 32.93 -17.27
N ILE A 501 -49.94 31.73 -16.85
CA ILE A 501 -51.25 31.46 -16.28
C ILE A 501 -51.47 32.34 -15.07
N ALA A 502 -50.49 32.39 -14.17
CA ALA A 502 -50.57 33.23 -12.99
C ALA A 502 -50.60 34.73 -13.34
N GLY A 503 -49.74 35.14 -14.25
CA GLY A 503 -49.67 36.55 -14.68
C GLY A 503 -50.97 37.05 -15.25
N ASP A 504 -51.51 36.29 -16.18
CA ASP A 504 -52.74 36.64 -16.86
C ASP A 504 -53.95 36.66 -15.95
N TYR A 505 -53.95 35.79 -14.95
CA TYR A 505 -55.02 35.75 -13.94
C TYR A 505 -55.02 37.05 -13.18
N PHE A 506 -53.86 37.46 -12.70
CA PHE A 506 -53.73 38.73 -11.97
C PHE A 506 -54.07 39.91 -12.85
N LYS A 507 -53.77 39.86 -14.15
CA LYS A 507 -54.17 40.91 -15.07
C LYS A 507 -55.67 41.00 -15.18
N ALA A 508 -56.31 39.86 -15.39
CA ALA A 508 -57.75 39.81 -15.53
C ALA A 508 -58.49 40.25 -14.27
N LEU A 509 -58.05 39.77 -13.11
CA LEU A 509 -58.76 40.00 -11.84
C LEU A 509 -58.41 41.27 -11.12
N TYR A 510 -57.17 41.72 -11.27
CA TYR A 510 -56.73 42.91 -10.55
C TYR A 510 -56.18 44.05 -11.45
N GLY A 511 -56.24 43.89 -12.77
CA GLY A 511 -55.81 44.91 -13.69
C GLY A 511 -54.40 45.36 -13.38
N THR A 512 -53.52 44.40 -13.13
CA THR A 512 -52.14 44.69 -12.76
C THR A 512 -51.36 45.36 -13.89
N ASP A 513 -51.78 45.15 -15.14
CA ASP A 513 -51.15 45.81 -16.28
C ASP A 513 -51.62 47.26 -16.51
N LYS A 514 -52.59 47.72 -15.72
CA LYS A 514 -53.21 49.04 -15.90
C LYS A 514 -52.44 50.17 -15.24
N SER A 515 -51.92 49.92 -14.04
CA SER A 515 -51.18 50.93 -13.29
C SER A 515 -50.16 50.32 -12.35
N ASP A 516 -49.24 51.14 -11.86
CA ASP A 516 -48.32 50.69 -10.82
C ASP A 516 -49.01 50.45 -9.48
N ALA A 517 -50.08 51.17 -9.20
CA ALA A 517 -50.83 51.00 -7.95
C ALA A 517 -51.52 49.64 -7.90
N ASN A 518 -52.07 49.22 -9.03
CA ASN A 518 -52.69 47.91 -9.16
C ASN A 518 -51.67 46.80 -9.06
N ALA A 519 -50.60 46.96 -9.83
CA ALA A 519 -49.52 45.99 -9.85
C ALA A 519 -48.94 45.80 -8.46
N ASN A 520 -48.59 46.92 -7.83
CA ASN A 520 -47.90 46.87 -6.55
C ASN A 520 -48.83 46.50 -5.38
N LYS A 521 -50.15 46.49 -5.59
CA LYS A 521 -51.12 46.03 -4.59
C LYS A 521 -51.07 44.52 -4.43
N HIS A 522 -50.47 43.86 -5.40
CA HIS A 522 -50.38 42.40 -5.41
C HIS A 522 -48.94 41.98 -5.73
N LEU A 523 -48.03 42.39 -4.86
CA LEU A 523 -46.63 42.03 -4.97
C LEU A 523 -46.46 40.55 -5.03
N SER A 524 -45.73 40.11 -6.06
CA SER A 524 -45.50 38.69 -6.37
C SER A 524 -44.06 38.44 -6.79
N ILE A 525 -43.48 37.37 -6.25
CA ILE A 525 -42.09 37.03 -6.48
C ILE A 525 -41.92 35.62 -7.05
N LEU A 526 -40.77 35.39 -7.68
CA LEU A 526 -40.38 34.11 -8.26
C LEU A 526 -39.14 33.55 -7.56
N GLU A 527 -39.15 32.26 -7.25
CA GLU A 527 -37.92 31.53 -6.91
C GLU A 527 -37.36 30.99 -8.24
N ASP A 528 -36.59 31.83 -8.93
CA ASP A 528 -36.10 31.57 -10.29
C ASP A 528 -34.58 31.66 -10.34
N TRP A 529 -33.92 30.54 -10.05
CA TRP A 529 -32.49 30.59 -9.79
C TRP A 529 -31.63 30.69 -11.05
N ASN A 530 -32.13 30.26 -12.19
CA ASN A 530 -31.28 30.22 -13.36
C ASN A 530 -30.84 31.62 -13.71
N GLY A 531 -29.57 31.76 -14.02
CA GLY A 531 -29.01 33.05 -14.34
C GLY A 531 -29.57 33.69 -15.61
N LYS A 532 -30.34 32.95 -16.42
CA LYS A 532 -30.96 33.49 -17.63
C LYS A 532 -32.45 33.77 -17.47
N ASP A 533 -32.98 33.51 -16.26
CA ASP A 533 -34.37 33.80 -15.91
C ASP A 533 -34.70 35.31 -15.88
N PRO A 534 -33.84 36.15 -15.29
CA PRO A 534 -34.16 37.58 -15.25
C PRO A 534 -34.53 38.14 -16.60
N GLN A 535 -33.79 37.77 -17.64
CA GLN A 535 -34.02 38.36 -18.97
C GLN A 535 -35.27 37.78 -19.59
N TYR A 536 -35.50 36.49 -19.36
CA TYR A 536 -36.77 35.87 -19.76
C TYR A 536 -37.95 36.61 -19.11
N VAL A 537 -37.92 36.73 -17.78
CA VAL A 537 -39.00 37.34 -17.01
C VAL A 537 -39.32 38.73 -17.54
N ASN A 538 -38.28 39.48 -17.85
CA ASN A 538 -38.43 40.83 -18.34
C ASN A 538 -38.99 40.89 -19.76
N GLN A 539 -38.60 39.95 -20.62
CA GLN A 539 -39.17 39.84 -21.96
C GLN A 539 -40.67 39.57 -21.85
N GLN A 540 -41.06 38.76 -20.86
CA GLN A 540 -42.47 38.40 -20.66
C GLN A 540 -43.26 39.42 -19.83
N GLY A 541 -42.67 40.57 -19.52
CA GLY A 541 -43.43 41.69 -18.94
C GLY A 541 -43.46 41.74 -17.42
N ASN A 542 -42.56 41.00 -16.77
CA ASN A 542 -42.42 41.05 -15.32
C ASN A 542 -43.73 40.91 -14.54
N ALA A 543 -44.52 39.90 -14.84
CA ALA A 543 -45.74 39.65 -14.09
C ALA A 543 -45.45 39.25 -12.63
N GLN A 544 -44.29 38.65 -12.40
CA GLN A 544 -43.78 38.43 -11.05
C GLN A 544 -42.33 38.85 -11.02
N LEU A 545 -41.86 39.25 -9.85
CA LEU A 545 -40.53 39.82 -9.75
C LEU A 545 -39.50 38.74 -9.74
N THR A 546 -38.51 38.87 -10.62
CA THR A 546 -37.35 37.98 -10.57
C THR A 546 -36.53 38.23 -9.32
N MET A 547 -35.85 37.20 -8.84
CA MET A 547 -34.81 37.43 -7.82
C MET A 547 -33.59 38.06 -8.50
N ASP A 548 -32.69 38.61 -7.68
CA ASP A 548 -31.41 39.16 -8.16
C ASP A 548 -30.28 38.47 -7.44
N TYR A 549 -29.94 37.29 -7.98
CA TYR A 549 -28.87 36.49 -7.42
C TYR A 549 -27.49 37.18 -7.56
N THR A 550 -27.33 38.07 -8.53
CA THR A 550 -26.00 38.67 -8.77
C THR A 550 -25.54 39.46 -7.56
N VAL A 551 -26.46 40.14 -6.91
CA VAL A 551 -26.11 40.83 -5.69
C VAL A 551 -26.01 39.87 -4.49
N THR A 552 -26.89 38.88 -4.39
CA THR A 552 -26.81 37.88 -3.32
C THR A 552 -25.48 37.11 -3.38
N SER A 553 -25.08 36.82 -4.61
CA SER A 553 -23.81 36.16 -4.90
C SER A 553 -22.63 36.99 -4.43
N GLN A 554 -22.66 38.29 -4.74
CA GLN A 554 -21.55 39.15 -4.41
C GLN A 554 -21.42 39.32 -2.92
N PHE A 555 -22.54 39.27 -2.19
CA PHE A 555 -22.48 39.29 -0.73
C PHE A 555 -21.73 38.06 -0.24
N GLY A 556 -22.03 36.93 -0.84
CA GLY A 556 -21.35 35.70 -0.51
C GLY A 556 -19.86 35.82 -0.64
N ASN A 557 -19.39 36.32 -1.79
CA ASN A 557 -17.96 36.38 -2.07
C ASN A 557 -17.18 37.46 -1.32
N SER A 558 -17.80 38.61 -1.13
CA SER A 558 -17.12 39.78 -0.58
C SER A 558 -17.33 40.01 0.92
N LEU A 559 -18.39 39.46 1.51
CA LEU A 559 -18.70 39.76 2.92
C LEU A 559 -19.14 38.57 3.73
N THR A 560 -20.15 37.88 3.20
CA THR A 560 -20.92 36.90 3.92
C THR A 560 -20.20 35.57 4.11
N HIS A 561 -19.42 35.13 3.12
CA HIS A 561 -18.73 33.82 3.20
C HIS A 561 -17.23 33.90 3.39
N GLY A 562 -16.78 33.23 4.45
CA GLY A 562 -15.36 33.02 4.67
C GLY A 562 -14.71 33.99 5.63
N ALA A 563 -13.87 33.45 6.50
CA ALA A 563 -13.16 34.23 7.51
C ALA A 563 -12.13 35.16 6.89
N ASN A 564 -11.57 34.78 5.75
CA ASN A 564 -10.50 35.58 5.17
C ASN A 564 -10.57 35.86 3.67
N ASN A 565 -10.41 34.87 2.82
CA ASN A 565 -10.12 35.22 1.44
C ASN A 565 -11.38 35.56 0.74
N ARG A 566 -11.60 36.85 0.55
CA ARG A 566 -12.87 37.36 0.08
C ARG A 566 -12.61 38.22 -1.11
N SER A 567 -13.56 38.25 -2.04
CA SER A 567 -13.45 39.13 -3.19
C SER A 567 -13.54 40.57 -2.70
N ASN A 568 -12.81 41.46 -3.36
CA ASN A 568 -12.86 42.86 -3.00
C ASN A 568 -14.25 43.46 -3.17
N MET A 569 -14.49 44.50 -2.38
CA MET A 569 -15.74 45.25 -2.47
C MET A 569 -15.86 45.89 -3.85
N TRP A 570 -14.72 46.15 -4.51
CA TRP A 570 -14.69 46.57 -5.92
C TRP A 570 -15.68 45.81 -6.81
N TYR A 571 -15.84 44.51 -6.56
CA TYR A 571 -16.70 43.67 -7.42
C TYR A 571 -18.17 44.04 -7.36
N PHE A 572 -18.61 44.66 -6.29
CA PHE A 572 -19.97 45.18 -6.23
C PHE A 572 -20.28 46.20 -7.33
N LEU A 573 -19.27 46.91 -7.80
CA LEU A 573 -19.50 48.00 -8.75
C LEU A 573 -19.84 47.51 -10.14
N ASP A 574 -19.19 46.44 -10.57
CA ASP A 574 -19.32 45.94 -11.95
C ASP A 574 -18.97 47.06 -12.93
N THR A 575 -17.72 47.54 -12.85
CA THR A 575 -17.25 48.64 -13.70
C THR A 575 -17.27 48.31 -15.19
N GLY A 576 -17.14 47.03 -15.51
CA GLY A 576 -17.32 46.56 -16.88
C GLY A 576 -18.58 47.07 -17.54
N TYR A 577 -19.56 47.44 -16.73
CA TYR A 577 -20.79 48.06 -17.21
C TYR A 577 -20.48 49.22 -18.16
N TYR A 578 -19.50 50.02 -17.77
CA TYR A 578 -19.00 51.12 -18.62
C TYR A 578 -17.84 50.66 -19.50
N LEU A 579 -17.65 51.32 -20.64
CA LEU A 579 -16.59 50.96 -21.57
C LEU A 579 -15.26 51.22 -20.93
N ASN A 580 -14.43 50.16 -20.84
CA ASN A 580 -13.07 50.22 -20.24
C ASN A 580 -13.01 50.65 -18.77
N GLY A 581 -14.06 50.39 -18.02
CA GLY A 581 -14.22 50.94 -16.67
C GLY A 581 -13.89 52.41 -16.54
N ASP A 582 -14.26 53.22 -17.55
CA ASP A 582 -13.99 54.68 -17.52
C ASP A 582 -15.04 55.36 -16.64
N LEU A 583 -14.75 55.38 -15.34
CA LEU A 583 -15.62 56.01 -14.39
C LEU A 583 -15.53 57.51 -14.59
N ASN A 584 -14.47 57.97 -15.23
CA ASN A 584 -14.44 59.35 -15.64
C ASN A 584 -15.37 59.62 -16.80
N LYS A 585 -15.37 58.75 -17.80
CA LYS A 585 -16.09 59.00 -19.05
C LYS A 585 -17.51 58.42 -19.08
N LYS A 586 -17.70 57.27 -18.44
CA LYS A 586 -19.02 56.66 -18.20
C LYS A 586 -19.83 56.35 -19.45
N ILE A 587 -19.20 55.75 -20.44
CA ILE A 587 -19.89 55.35 -21.64
C ILE A 587 -20.35 53.92 -21.45
N VAL A 588 -21.65 53.69 -21.56
CA VAL A 588 -22.22 52.35 -21.32
C VAL A 588 -21.78 51.41 -22.44
N ASP A 589 -21.48 50.17 -22.06
CA ASP A 589 -21.07 49.14 -23.01
C ASP A 589 -22.30 48.42 -23.57
N LYS A 590 -22.62 48.78 -24.81
CA LYS A 590 -23.80 48.28 -25.50
C LYS A 590 -23.77 46.75 -25.77
N ASN A 591 -22.57 46.17 -25.84
CA ASN A 591 -22.45 44.73 -26.16
C ASN A 591 -21.40 43.98 -25.33
N ARG A 592 -21.80 43.56 -24.14
CA ARG A 592 -20.98 42.72 -23.29
C ARG A 592 -21.48 41.29 -23.36
N PRO A 593 -20.63 40.31 -22.97
CA PRO A 593 -21.02 38.87 -22.99
C PRO A 593 -22.16 38.39 -21.99
N ASN A 594 -23.34 39.01 -21.99
CA ASN A 594 -24.46 38.62 -21.10
C ASN A 594 -24.03 38.43 -19.62
N SER A 595 -23.34 39.43 -19.06
CA SER A 595 -22.67 39.31 -17.75
C SER A 595 -22.93 40.47 -16.81
N GLY A 596 -22.41 40.35 -15.58
CA GLY A 596 -22.38 41.45 -14.64
C GLY A 596 -23.60 41.46 -13.76
N THR A 597 -23.62 42.45 -12.87
CA THR A 597 -24.71 42.62 -11.93
C THR A 597 -25.94 43.18 -12.67
N LEU A 598 -27.13 42.86 -12.17
CA LEU A 598 -28.39 43.17 -12.83
C LEU A 598 -28.65 44.66 -13.00
N VAL A 599 -28.29 45.42 -11.97
CA VAL A 599 -28.57 46.86 -11.92
C VAL A 599 -27.28 47.57 -11.54
N ASN A 600 -26.78 48.42 -12.41
CA ASN A 600 -25.59 49.15 -12.05
C ASN A 600 -25.94 50.26 -11.08
N ARG A 601 -25.10 50.42 -10.06
CA ARG A 601 -25.34 51.42 -9.02
C ARG A 601 -24.16 52.38 -8.80
N ILE A 602 -23.26 52.44 -9.79
CA ILE A 602 -22.08 53.29 -9.72
C ILE A 602 -22.54 54.72 -9.76
N ALA A 603 -23.39 55.03 -10.74
CA ALA A 603 -24.02 56.34 -10.87
C ALA A 603 -25.41 56.17 -11.46
N ASN A 604 -26.33 55.66 -10.63
CA ASN A 604 -27.69 55.40 -11.03
C ASN A 604 -28.59 56.59 -10.74
N SER A 605 -28.89 57.35 -11.79
CA SER A 605 -29.80 58.50 -11.72
C SER A 605 -31.24 58.19 -12.16
N GLY A 606 -31.58 56.91 -12.37
CA GLY A 606 -32.90 56.51 -12.83
C GLY A 606 -33.16 56.79 -14.30
N ASP A 607 -32.12 57.10 -15.07
CA ASP A 607 -32.28 57.48 -16.49
C ASP A 607 -32.35 56.28 -17.44
N THR A 608 -31.80 55.14 -17.03
CA THR A 608 -31.85 53.92 -17.86
C THR A 608 -32.81 52.91 -17.23
N LYS A 609 -33.70 52.38 -18.05
CA LYS A 609 -34.66 51.37 -17.61
C LYS A 609 -33.92 50.10 -17.16
N VAL A 610 -34.39 49.50 -16.09
CA VAL A 610 -33.73 48.33 -15.53
C VAL A 610 -34.76 47.23 -15.14
N ILE A 611 -34.31 45.99 -14.94
CA ILE A 611 -35.23 44.88 -14.66
C ILE A 611 -35.69 44.85 -13.20
N PRO A 612 -37.00 44.97 -12.97
CA PRO A 612 -37.49 45.00 -11.59
C PRO A 612 -37.24 43.70 -10.90
N ASN A 613 -36.93 43.78 -9.61
CA ASN A 613 -36.44 42.62 -8.89
C ASN A 613 -36.55 42.71 -7.38
N TYR A 614 -36.54 41.56 -6.72
CA TYR A 614 -36.32 41.51 -5.28
C TYR A 614 -34.94 40.96 -4.99
N SER A 615 -34.37 41.29 -3.85
CA SER A 615 -33.03 40.84 -3.53
C SER A 615 -32.93 40.53 -2.06
N PHE A 616 -31.99 39.64 -1.70
CA PHE A 616 -31.84 39.23 -0.30
C PHE A 616 -30.43 38.80 0.04
N VAL A 617 -30.15 38.74 1.34
CA VAL A 617 -28.86 38.23 1.84
C VAL A 617 -28.97 36.74 2.18
N ARG A 618 -30.06 36.39 2.88
CA ARG A 618 -30.36 35.01 3.21
C ARG A 618 -31.83 34.69 2.98
N ALA A 619 -32.14 33.42 2.99
CA ALA A 619 -33.50 32.97 2.81
C ALA A 619 -33.74 31.70 3.63
N HIS A 620 -35.01 31.28 3.75
CA HIS A 620 -35.37 30.05 4.46
C HIS A 620 -34.63 28.86 3.88
N ASP A 621 -34.33 28.97 2.58
CA ASP A 621 -33.62 27.97 1.79
C ASP A 621 -32.28 28.46 1.22
N TYR A 622 -31.67 29.48 1.80
CA TYR A 622 -30.33 29.93 1.34
C TYR A 622 -29.51 30.35 2.53
N ASP A 623 -28.33 29.76 2.64
CA ASP A 623 -27.44 29.88 3.80
C ASP A 623 -28.11 29.54 5.13
N ALA A 624 -29.03 28.58 5.13
CA ALA A 624 -29.66 28.14 6.36
C ALA A 624 -29.60 26.63 6.51
N GLN A 625 -30.25 25.95 5.59
CA GLN A 625 -30.37 24.48 5.63
C GLN A 625 -29.02 23.76 5.71
N ASP A 626 -28.04 24.23 4.96
CA ASP A 626 -26.75 23.56 4.95
C ASP A 626 -25.95 23.80 6.23
N PRO A 627 -25.67 25.05 6.55
CA PRO A 627 -25.07 25.32 7.85
C PRO A 627 -25.74 24.61 9.04
N ILE A 628 -27.07 24.70 9.18
CA ILE A 628 -27.74 24.09 10.35
C ILE A 628 -27.45 22.59 10.42
N ARG A 629 -27.37 21.94 9.27
CA ARG A 629 -27.09 20.51 9.23
C ARG A 629 -25.60 20.22 9.43
N LYS A 630 -24.73 20.96 8.77
CA LYS A 630 -23.28 20.80 9.00
C LYS A 630 -22.94 20.91 10.47
N ALA A 631 -23.61 21.81 11.18
CA ALA A 631 -23.44 21.92 12.63
C ALA A 631 -23.85 20.62 13.34
N MET A 632 -24.97 20.02 12.94
CA MET A 632 -25.41 18.76 13.55
C MET A 632 -24.46 17.62 13.25
N ILE A 633 -23.95 17.61 12.02
CA ILE A 633 -22.97 16.60 11.59
C ILE A 633 -21.67 16.74 12.38
N ASP A 634 -21.20 17.97 12.51
CA ASP A 634 -19.95 18.28 13.16
C ASP A 634 -19.97 17.85 14.63
N HIS A 635 -21.13 17.86 15.28
CA HIS A 635 -21.25 17.47 16.69
C HIS A 635 -21.85 16.06 16.85
N GLY A 636 -21.76 15.27 15.78
CA GLY A 636 -22.15 13.87 15.81
C GLY A 636 -23.63 13.58 16.00
N ILE A 637 -24.50 14.56 15.77
CA ILE A 637 -25.94 14.39 16.00
C ILE A 637 -26.60 13.56 14.88
N ILE A 638 -26.12 13.74 13.66
CA ILE A 638 -26.51 12.91 12.52
C ILE A 638 -25.26 12.63 11.74
N LYS A 639 -25.35 11.72 10.78
CA LYS A 639 -24.19 11.38 9.96
C LYS A 639 -24.22 12.06 8.60
N ASN A 640 -25.36 12.04 7.93
CA ASN A 640 -25.49 12.61 6.58
C ASN A 640 -26.49 13.75 6.47
N MET A 641 -26.34 14.57 5.44
CA MET A 641 -27.26 15.69 5.17
C MET A 641 -28.68 15.19 4.85
N GLN A 642 -28.78 14.00 4.26
CA GLN A 642 -30.09 13.41 3.94
C GLN A 642 -30.67 12.60 5.07
N ASP A 643 -29.90 12.42 6.13
CA ASP A 643 -30.32 11.58 7.22
C ASP A 643 -31.55 12.19 7.94
N THR A 644 -32.46 11.33 8.39
CA THR A 644 -33.58 11.78 9.20
C THR A 644 -33.13 12.19 10.60
N PHE A 645 -33.61 13.35 11.05
CA PHE A 645 -33.42 13.77 12.42
C PHE A 645 -34.74 14.11 13.11
N THR A 646 -34.77 13.90 14.42
CA THR A 646 -35.91 14.18 15.26
C THR A 646 -35.86 15.66 15.66
N PHE A 647 -36.99 16.18 16.14
CA PHE A 647 -37.05 17.58 16.60
C PHE A 647 -36.09 17.86 17.77
N ASP A 648 -35.99 16.91 18.71
CA ASP A 648 -35.03 17.02 19.83
C ASP A 648 -33.60 17.09 19.34
N GLN A 649 -33.31 16.28 18.33
CA GLN A 649 -32.01 16.29 17.70
C GLN A 649 -31.75 17.65 17.10
N LEU A 650 -32.76 18.20 16.43
CA LEU A 650 -32.65 19.54 15.86
C LEU A 650 -32.34 20.59 16.94
N ALA A 651 -33.04 20.53 18.07
CA ALA A 651 -32.90 21.52 19.16
C ALA A 651 -31.50 21.55 19.73
N GLN A 652 -30.92 20.35 19.90
CA GLN A 652 -29.56 20.21 20.40
C GLN A 652 -28.54 20.81 19.44
N GLY A 653 -28.71 20.51 18.15
CA GLY A 653 -27.83 21.06 17.12
C GLY A 653 -27.96 22.56 17.03
N MET A 654 -29.19 23.04 17.18
CA MET A 654 -29.45 24.45 17.16
C MET A 654 -28.69 25.20 18.23
N GLU A 655 -28.53 24.58 19.40
CA GLU A 655 -27.78 25.24 20.48
C GLU A 655 -26.34 25.50 20.07
N PHE A 656 -25.74 24.59 19.28
CA PHE A 656 -24.37 24.77 18.77
C PHE A 656 -24.32 25.83 17.68
N TYR A 657 -25.32 25.82 16.80
CA TYR A 657 -25.49 26.82 15.77
C TYR A 657 -25.60 28.22 16.35
N TYR A 658 -26.42 28.38 17.39
CA TYR A 658 -26.56 29.65 18.07
C TYR A 658 -25.21 30.07 18.71
N LYS A 659 -24.55 29.14 19.40
CA LYS A 659 -23.25 29.41 20.07
C LYS A 659 -22.22 29.92 19.07
N ASP A 660 -22.20 29.32 17.89
CA ASP A 660 -21.31 29.72 16.80
C ASP A 660 -21.68 31.08 16.19
N GLN A 661 -22.97 31.30 16.00
CA GLN A 661 -23.48 32.56 15.43
C GLN A 661 -23.09 33.78 16.28
N GLU A 662 -23.26 33.64 17.60
CA GLU A 662 -23.08 34.74 18.55
C GLU A 662 -21.67 34.73 19.18
N ASN A 663 -20.74 33.99 18.57
CA ASN A 663 -19.41 33.82 19.12
C ASN A 663 -18.65 35.15 19.22
N PRO A 664 -18.20 35.54 20.44
CA PRO A 664 -17.47 36.81 20.61
C PRO A 664 -16.13 36.83 19.92
N SER A 665 -15.51 35.67 19.72
CA SER A 665 -14.27 35.57 18.99
C SER A 665 -14.40 36.29 17.65
N GLY A 666 -15.57 36.18 17.04
CA GLY A 666 -15.83 36.80 15.74
C GLY A 666 -15.72 35.83 14.58
N PHE A 667 -15.25 34.63 14.88
CA PHE A 667 -15.10 33.56 13.91
C PHE A 667 -16.44 32.83 13.89
N LYS A 668 -16.82 32.38 12.69
CA LYS A 668 -18.06 31.64 12.46
C LYS A 668 -17.75 30.41 11.60
N LYS A 669 -18.15 29.23 12.08
CA LYS A 669 -17.87 27.99 11.36
C LYS A 669 -19.01 27.64 10.42
N TYR A 670 -20.24 27.77 10.89
CA TYR A 670 -21.42 27.43 10.08
C TYR A 670 -22.12 28.70 9.58
N ASN A 671 -22.17 29.71 10.44
CA ASN A 671 -22.93 30.93 10.20
C ASN A 671 -22.21 31.90 9.28
N ASP A 672 -22.98 32.89 8.82
CA ASP A 672 -22.47 33.91 7.90
C ASP A 672 -21.86 35.13 8.60
N TYR A 673 -20.82 35.68 7.96
CA TYR A 673 -20.13 36.87 8.44
C TYR A 673 -20.78 38.13 7.92
N ASN A 674 -20.59 39.23 8.65
CA ASN A 674 -20.92 40.57 8.14
C ASN A 674 -22.40 40.80 7.75
N LEU A 675 -23.32 40.14 8.44
CA LEU A 675 -24.73 40.28 8.09
C LEU A 675 -25.30 41.70 8.25
N PRO A 676 -24.95 42.40 9.33
CA PRO A 676 -25.31 43.81 9.43
C PRO A 676 -24.85 44.64 8.24
N SER A 677 -23.60 44.44 7.84
CA SER A 677 -23.00 45.21 6.75
C SER A 677 -23.72 44.88 5.43
N ALA A 678 -24.05 43.61 5.27
CA ALA A 678 -24.79 43.16 4.11
C ALA A 678 -26.18 43.81 4.04
N TYR A 679 -26.88 43.85 5.18
CA TYR A 679 -28.21 44.46 5.22
C TYR A 679 -28.13 45.95 4.97
N ALA A 680 -27.06 46.57 5.45
CA ALA A 680 -26.90 47.99 5.21
C ALA A 680 -26.93 48.29 3.73
N MET A 681 -26.29 47.43 2.95
CA MET A 681 -26.24 47.63 1.51
C MET A 681 -27.54 47.25 0.86
N LEU A 682 -28.08 46.12 1.27
CA LEU A 682 -29.32 45.64 0.70
C LEU A 682 -30.40 46.68 0.82
N LEU A 683 -30.45 47.30 1.99
CA LEU A 683 -31.56 48.17 2.34
C LEU A 683 -31.40 49.60 1.85
N THR A 684 -30.24 49.94 1.29
CA THR A 684 -30.02 51.26 0.70
C THR A 684 -29.97 51.26 -0.83
N ASN A 685 -30.00 50.08 -1.42
CA ASN A 685 -29.91 49.98 -2.87
C ASN A 685 -31.14 50.47 -3.59
N LYS A 686 -30.90 51.28 -4.61
CA LYS A 686 -31.93 51.73 -5.55
C LYS A 686 -32.34 50.59 -6.51
N ASP A 687 -33.55 50.67 -7.04
CA ASP A 687 -34.06 49.73 -8.04
C ASP A 687 -34.04 48.27 -7.56
N THR A 688 -34.71 48.01 -6.45
CA THR A 688 -34.90 46.65 -5.91
C THR A 688 -35.93 46.71 -4.82
N VAL A 689 -36.66 45.62 -4.67
CA VAL A 689 -37.50 45.39 -3.51
C VAL A 689 -36.73 44.46 -2.58
N PRO A 690 -36.15 44.99 -1.51
CA PRO A 690 -35.39 44.11 -0.65
C PRO A 690 -36.25 43.16 0.17
N ARG A 691 -35.71 41.98 0.46
CA ARG A 691 -36.37 40.99 1.27
C ARG A 691 -35.52 40.62 2.48
N VAL A 692 -36.18 40.58 3.62
CA VAL A 692 -35.51 40.34 4.88
C VAL A 692 -35.90 38.98 5.42
N TYR A 693 -34.91 38.25 5.90
CA TYR A 693 -35.11 36.87 6.38
C TYR A 693 -35.37 36.83 7.89
N TYR A 694 -36.51 36.25 8.28
CA TYR A 694 -36.85 36.03 9.68
C TYR A 694 -35.67 35.60 10.54
N GLY A 695 -34.89 34.66 10.02
CA GLY A 695 -33.78 34.07 10.76
C GLY A 695 -32.53 34.93 10.97
N ASP A 696 -32.50 36.08 10.32
CA ASP A 696 -31.50 37.10 10.61
C ASP A 696 -31.99 38.04 11.71
N MET A 697 -33.30 38.02 11.97
CA MET A 697 -33.94 38.88 12.95
C MET A 697 -34.20 38.12 14.25
N TYR A 698 -34.66 36.88 14.11
CA TYR A 698 -34.91 36.02 15.26
C TYR A 698 -34.21 34.69 15.03
N LEU A 699 -34.04 33.91 16.08
CA LEU A 699 -33.30 32.66 15.99
C LEU A 699 -34.10 31.64 15.21
N GLU A 700 -33.39 30.89 14.37
CA GLU A 700 -34.04 30.00 13.38
C GLU A 700 -34.73 28.78 13.96
N GLY A 701 -34.34 28.38 15.17
CA GLY A 701 -34.98 27.26 15.84
C GLY A 701 -35.89 27.65 16.99
N GLY A 702 -36.44 26.64 17.67
CA GLY A 702 -37.33 26.87 18.78
C GLY A 702 -38.60 27.54 18.32
N GLN A 703 -39.15 28.38 19.17
CA GLN A 703 -40.46 28.96 18.96
C GLN A 703 -40.41 30.19 18.06
N TYR A 704 -41.53 30.52 17.42
CA TYR A 704 -41.58 31.68 16.54
C TYR A 704 -41.41 32.98 17.33
N MET A 705 -40.45 33.79 16.93
CA MET A 705 -40.11 35.04 17.61
C MET A 705 -39.72 34.86 19.09
N GLU A 706 -39.14 33.71 19.44
CA GLU A 706 -38.79 33.41 20.84
C GLU A 706 -37.69 34.30 21.39
N LYS A 707 -36.71 34.58 20.55
CA LYS A 707 -35.55 35.34 20.96
C LYS A 707 -34.90 36.01 19.75
N GLY A 708 -34.65 37.32 19.85
CA GLY A 708 -34.03 38.05 18.76
C GLY A 708 -32.60 37.61 18.60
N THR A 709 -32.04 37.92 17.44
CA THR A 709 -30.62 37.64 17.15
C THR A 709 -29.81 38.83 17.57
N ILE A 710 -28.50 38.67 17.57
CA ILE A 710 -27.64 39.80 17.88
C ILE A 710 -27.67 40.88 16.80
N TYR A 711 -28.07 40.51 15.58
CA TYR A 711 -28.15 41.48 14.50
C TYR A 711 -29.42 42.33 14.52
N ASN A 712 -30.43 41.89 15.25
CA ASN A 712 -31.75 42.56 15.28
C ASN A 712 -31.74 44.08 15.44
N PRO A 713 -30.99 44.60 16.43
CA PRO A 713 -30.98 46.05 16.64
C PRO A 713 -30.55 46.82 15.38
N VAL A 714 -29.46 46.37 14.78
CA VAL A 714 -28.85 47.08 13.67
C VAL A 714 -29.74 47.03 12.45
N ILE A 715 -30.27 45.86 12.17
CA ILE A 715 -31.13 45.67 11.02
C ILE A 715 -32.45 46.44 11.21
N SER A 716 -32.98 46.43 12.44
CA SER A 716 -34.21 47.17 12.73
C SER A 716 -34.01 48.67 12.50
N ALA A 717 -32.84 49.16 12.89
CA ALA A 717 -32.51 50.56 12.72
C ALA A 717 -32.43 50.91 11.23
N LEU A 718 -31.73 50.06 10.49
CA LEU A 718 -31.59 50.24 9.06
C LEU A 718 -32.97 50.32 8.37
N LEU A 719 -33.89 49.47 8.86
CA LEU A 719 -35.20 49.37 8.26
C LEU A 719 -36.02 50.60 8.48
N LYS A 720 -35.92 51.17 9.68
CA LYS A 720 -36.64 52.38 10.03
C LYS A 720 -36.05 53.59 9.35
N ALA A 721 -34.72 53.58 9.25
CA ALA A 721 -33.99 54.61 8.54
C ALA A 721 -34.32 54.61 7.04
N ARG A 722 -34.59 53.44 6.50
CA ARG A 722 -34.96 53.33 5.11
C ARG A 722 -36.26 54.09 4.80
N ILE A 723 -37.21 54.03 5.73
CA ILE A 723 -38.47 54.76 5.60
C ILE A 723 -38.23 56.28 5.55
N LYS A 724 -37.39 56.75 6.48
CA LYS A 724 -37.12 58.19 6.68
C LYS A 724 -36.26 58.83 5.62
N TYR A 725 -35.18 58.15 5.24
CA TYR A 725 -34.12 58.78 4.44
C TYR A 725 -33.88 58.22 3.02
N VAL A 726 -34.26 56.97 2.75
CA VAL A 726 -33.85 56.35 1.50
C VAL A 726 -34.75 56.76 0.36
N SER A 727 -34.24 57.65 -0.48
CA SER A 727 -34.83 57.92 -1.77
C SER A 727 -33.82 58.62 -2.68
N GLY A 728 -34.23 58.86 -3.92
CA GLY A 728 -33.39 59.55 -4.90
C GLY A 728 -32.33 58.66 -5.52
N GLY A 729 -31.43 59.29 -6.27
CA GLY A 729 -30.44 58.57 -7.05
C GLY A 729 -29.44 57.90 -6.13
N GLN A 730 -28.58 57.09 -6.75
CA GLN A 730 -27.55 56.39 -6.01
C GLN A 730 -26.21 56.54 -6.69
N THR A 731 -25.17 56.53 -5.86
CA THR A 731 -23.81 56.29 -6.33
C THR A 731 -23.15 55.25 -5.45
N MET A 732 -22.14 54.63 -6.02
CA MET A 732 -21.38 53.61 -5.34
C MET A 732 -19.97 53.63 -5.91
N ALA A 733 -18.98 53.61 -5.02
CA ALA A 733 -17.58 53.60 -5.40
C ALA A 733 -16.78 52.81 -4.37
N THR A 734 -15.53 52.50 -4.69
CA THR A 734 -14.64 51.84 -3.73
C THR A 734 -13.27 52.43 -3.83
N ASP A 735 -12.55 52.41 -2.72
CA ASP A 735 -11.19 52.86 -2.71
C ASP A 735 -10.34 51.72 -3.27
N SER A 736 -10.54 51.46 -4.55
CA SER A 736 -9.98 50.29 -5.16
C SER A 736 -10.21 50.33 -6.66
N SER A 737 -9.31 49.72 -7.42
CA SER A 737 -9.42 49.69 -8.87
C SER A 737 -9.48 48.27 -9.47
N GLY A 738 -9.48 47.23 -8.64
CA GLY A 738 -9.45 45.86 -9.16
C GLY A 738 -9.20 44.82 -8.08
N LYS A 739 -8.64 43.68 -8.47
CA LYS A 739 -8.29 42.60 -7.53
C LYS A 739 -7.28 43.05 -6.48
N ASP A 740 -6.31 43.86 -6.89
CA ASP A 740 -5.14 44.13 -6.08
C ASP A 740 -5.15 45.55 -5.61
N LEU A 741 -4.64 45.79 -4.39
CA LEU A 741 -4.67 47.13 -3.77
C LEU A 741 -3.29 47.81 -3.78
N LYS A 742 -3.25 49.01 -4.31
CA LYS A 742 -2.07 49.86 -4.24
C LYS A 742 -1.84 50.36 -2.82
N ASP A 743 -0.73 51.08 -2.63
CA ASP A 743 -0.24 51.49 -1.30
C ASP A 743 -1.28 52.09 -0.34
N GLY A 744 -1.90 53.21 -0.73
CA GLY A 744 -2.87 53.88 0.14
C GLY A 744 -4.25 53.24 0.20
N GLU A 745 -4.54 52.35 -0.75
CA GLU A 745 -5.90 51.83 -0.99
C GLU A 745 -6.43 50.91 0.11
N THR A 746 -7.67 51.14 0.49
CA THR A 746 -8.34 50.49 1.61
C THR A 746 -9.36 49.43 1.18
N ASP A 747 -9.87 49.57 -0.05
CA ASP A 747 -10.96 48.77 -0.57
C ASP A 747 -12.23 48.89 0.28
N LEU A 748 -12.52 50.13 0.65
CA LEU A 748 -13.68 50.45 1.45
C LEU A 748 -14.73 50.99 0.47
N LEU A 749 -15.94 50.47 0.57
CA LEU A 749 -17.00 50.83 -0.36
C LEU A 749 -17.83 51.98 0.19
N THR A 750 -18.13 52.94 -0.67
CA THR A 750 -18.95 54.10 -0.28
C THR A 750 -20.22 54.19 -1.12
N SER A 751 -21.38 54.02 -0.47
CA SER A 751 -22.69 54.02 -1.12
C SER A 751 -23.55 55.14 -0.57
N VAL A 752 -24.16 55.92 -1.45
CA VAL A 752 -24.89 57.14 -1.09
C VAL A 752 -26.23 57.18 -1.78
N ARG A 753 -27.23 57.67 -1.05
CA ARG A 753 -28.51 58.08 -1.66
C ARG A 753 -28.76 59.57 -1.35
N PHE A 754 -29.34 60.29 -2.29
CA PHE A 754 -29.40 61.76 -2.22
C PHE A 754 -30.65 62.40 -1.60
N GLY A 755 -31.82 61.78 -1.71
CA GLY A 755 -33.07 62.42 -1.25
C GLY A 755 -34.09 62.33 -2.36
N LYS A 756 -35.30 62.84 -2.15
CA LYS A 756 -36.43 62.43 -3.01
C LYS A 756 -36.31 62.75 -4.50
N GLY A 757 -36.03 63.99 -4.86
CA GLY A 757 -35.94 64.35 -6.27
C GLY A 757 -34.54 64.43 -6.82
N ILE A 758 -33.55 64.10 -5.98
CA ILE A 758 -32.14 64.30 -6.31
C ILE A 758 -31.54 63.02 -6.89
N MET A 759 -31.16 63.08 -8.16
CA MET A 759 -30.75 61.91 -8.89
C MET A 759 -29.25 61.81 -9.13
N THR A 760 -28.51 62.88 -8.85
CA THR A 760 -27.09 62.96 -9.17
C THR A 760 -26.27 63.64 -8.08
N SER A 761 -24.97 63.38 -8.07
CA SER A 761 -23.99 64.08 -7.23
C SER A 761 -24.11 65.58 -7.35
N ASP A 762 -24.21 66.06 -8.58
CA ASP A 762 -24.07 67.47 -8.93
C ASP A 762 -25.38 68.20 -8.98
N GLN A 763 -26.49 67.47 -8.97
CA GLN A 763 -27.79 68.12 -8.90
C GLN A 763 -27.95 68.79 -7.55
N THR A 764 -28.34 70.07 -7.59
CA THR A 764 -28.44 70.91 -6.40
C THR A 764 -29.89 71.06 -5.89
N THR A 765 -30.88 70.90 -6.77
CA THR A 765 -32.28 71.05 -6.35
C THR A 765 -33.24 70.31 -7.26
N THR A 766 -34.43 70.03 -6.71
CA THR A 766 -35.48 69.28 -7.42
C THR A 766 -36.09 70.09 -8.56
N GLN A 767 -36.65 69.40 -9.56
CA GLN A 767 -37.34 70.06 -10.67
C GLN A 767 -38.71 70.57 -10.25
N ASP A 768 -39.39 69.77 -9.42
CA ASP A 768 -40.70 70.14 -8.87
C ASP A 768 -40.63 71.06 -7.64
N ASN A 769 -39.44 71.58 -7.31
CA ASN A 769 -39.24 72.50 -6.18
C ASN A 769 -39.76 72.02 -4.82
N SER A 770 -39.82 70.69 -4.65
CA SER A 770 -40.15 70.09 -3.38
C SER A 770 -38.89 70.14 -2.52
N GLN A 771 -39.06 70.36 -1.23
CA GLN A 771 -37.93 70.49 -0.31
C GLN A 771 -37.65 69.22 0.49
N ASP A 772 -38.45 68.19 0.27
CA ASP A 772 -38.33 66.91 0.99
C ASP A 772 -36.90 66.39 1.04
N TYR A 773 -36.17 66.58 -0.05
CA TYR A 773 -34.81 66.06 -0.21
C TYR A 773 -33.79 66.49 0.84
N LYS A 774 -33.92 67.71 1.36
CA LYS A 774 -32.87 68.27 2.22
C LYS A 774 -32.57 67.43 3.48
N ASN A 775 -33.58 66.85 4.11
CA ASN A 775 -33.36 65.99 5.29
C ASN A 775 -33.42 64.50 5.00
N GLN A 776 -33.33 64.17 3.73
CA GLN A 776 -33.29 62.79 3.30
C GLN A 776 -31.88 62.44 2.80
N GLY A 777 -31.73 61.22 2.30
CA GLY A 777 -30.45 60.71 1.82
C GLY A 777 -29.70 59.99 2.93
N ILE A 778 -28.72 59.18 2.56
CA ILE A 778 -27.99 58.37 3.51
C ILE A 778 -26.63 58.03 2.97
N GLY A 779 -25.67 57.84 3.88
CA GLY A 779 -24.31 57.48 3.51
C GLY A 779 -23.89 56.16 4.17
N VAL A 780 -23.35 55.24 3.37
CA VAL A 780 -22.93 53.93 3.88
C VAL A 780 -21.51 53.62 3.46
N ILE A 781 -20.71 53.23 4.46
CA ILE A 781 -19.32 52.84 4.28
C ILE A 781 -19.15 51.45 4.85
N VAL A 782 -18.57 50.55 4.07
CA VAL A 782 -18.40 49.15 4.50
C VAL A 782 -17.10 48.54 4.00
N GLY A 783 -16.50 47.71 4.84
CA GLY A 783 -15.28 46.99 4.50
C GLY A 783 -15.37 45.51 4.89
N ASN A 784 -14.52 44.71 4.26
CA ASN A 784 -14.45 43.29 4.52
C ASN A 784 -13.13 42.89 5.12
N ASN A 785 -12.42 43.83 5.74
CA ASN A 785 -11.10 43.54 6.27
C ASN A 785 -11.05 43.92 7.75
N PRO A 786 -11.11 42.92 8.65
CA PRO A 786 -11.11 43.21 10.09
C PRO A 786 -9.75 43.65 10.62
N ASP A 787 -8.71 43.41 9.85
CA ASP A 787 -7.36 43.82 10.20
C ASP A 787 -6.98 45.08 9.43
N LEU A 788 -7.98 45.87 9.02
CA LEU A 788 -7.70 47.06 8.22
C LEU A 788 -7.26 48.22 9.08
N LYS A 789 -6.07 48.74 8.77
CA LYS A 789 -5.55 49.96 9.40
C LYS A 789 -5.25 50.99 8.31
N LEU A 790 -5.73 52.22 8.47
CA LEU A 790 -5.43 53.27 7.48
C LEU A 790 -4.03 53.87 7.67
N ASN A 791 -3.42 54.35 6.59
CA ASN A 791 -2.23 55.21 6.67
C ASN A 791 -2.61 56.56 7.29
N ASN A 792 -1.66 57.22 7.92
CA ASN A 792 -1.95 58.53 8.50
C ASN A 792 -2.31 59.57 7.46
N ASP A 793 -1.74 59.47 6.25
CA ASP A 793 -2.07 60.37 5.12
C ASP A 793 -3.54 60.25 4.64
N LYS A 794 -4.09 59.04 4.70
CA LYS A 794 -5.35 58.69 4.01
C LYS A 794 -6.62 59.38 4.53
N THR A 795 -7.45 59.80 3.57
CA THR A 795 -8.77 60.34 3.84
C THR A 795 -9.82 59.59 3.02
N ILE A 796 -10.95 59.30 3.64
CA ILE A 796 -12.04 58.56 2.99
C ILE A 796 -13.31 59.44 2.92
N THR A 797 -13.90 59.53 1.73
CA THR A 797 -14.96 60.50 1.47
C THR A 797 -16.29 59.92 0.98
N LEU A 798 -17.35 60.45 1.58
CA LEU A 798 -18.70 60.18 1.14
C LEU A 798 -19.23 61.38 0.39
N HIS A 799 -19.41 61.28 -0.92
CA HIS A 799 -19.95 62.40 -1.67
C HIS A 799 -21.47 62.42 -1.51
N MET A 800 -21.92 63.09 -0.45
CA MET A 800 -23.35 63.21 -0.12
C MET A 800 -24.10 64.06 -1.13
N GLY A 801 -23.35 64.83 -1.93
CA GLY A 801 -23.90 65.52 -3.09
C GLY A 801 -24.04 67.03 -2.93
N LYS A 802 -24.10 67.72 -4.06
CA LYS A 802 -24.18 69.18 -4.09
C LYS A 802 -25.57 69.71 -3.72
N ALA A 803 -26.52 68.81 -3.50
CA ALA A 803 -27.78 69.18 -2.87
C ALA A 803 -27.67 69.23 -1.35
N HIS A 804 -26.51 68.87 -0.79
CA HIS A 804 -26.30 68.86 0.66
C HIS A 804 -25.02 69.56 1.07
N LYS A 805 -24.82 70.76 0.53
CA LYS A 805 -23.64 71.56 0.87
C LYS A 805 -23.76 72.02 2.31
N ASN A 806 -22.65 71.97 3.03
CA ASN A 806 -22.51 72.57 4.39
C ASN A 806 -23.44 72.00 5.46
N GLN A 807 -24.09 70.89 5.15
CA GLN A 807 -25.07 70.29 6.02
C GLN A 807 -24.42 69.45 7.13
N LEU A 808 -25.07 69.42 8.28
CA LEU A 808 -24.65 68.57 9.39
C LEU A 808 -25.26 67.19 9.23
N TYR A 809 -24.41 66.17 9.33
CA TYR A 809 -24.82 64.77 9.29
C TYR A 809 -24.50 64.09 10.63
N ARG A 810 -25.30 63.09 11.02
CA ARG A 810 -25.07 62.32 12.26
C ARG A 810 -25.09 60.83 12.01
N ALA A 811 -24.32 60.07 12.79
CA ALA A 811 -24.20 58.62 12.61
C ALA A 811 -25.48 57.87 13.02
N LEU A 812 -25.86 56.88 12.23
CA LEU A 812 -26.90 55.93 12.60
C LEU A 812 -26.28 54.69 13.23
N VAL A 813 -25.13 54.29 12.68
CA VAL A 813 -24.52 53.01 12.98
C VAL A 813 -23.02 53.11 12.75
N LEU A 814 -22.25 52.70 13.76
CA LEU A 814 -20.78 52.73 13.69
C LEU A 814 -20.19 51.50 14.37
N SER A 815 -19.30 50.81 13.66
CA SER A 815 -18.65 49.61 14.17
C SER A 815 -17.46 49.94 15.06
N ASN A 816 -17.13 48.99 15.93
CA ASN A 816 -15.99 49.14 16.82
C ASN A 816 -15.54 47.74 17.25
N ASP A 817 -14.56 47.65 18.14
CA ASP A 817 -13.91 46.37 18.44
C ASP A 817 -14.70 45.40 19.32
N SER A 818 -15.75 45.88 19.98
CA SER A 818 -16.63 45.02 20.80
C SER A 818 -18.03 44.81 20.21
N GLY A 819 -18.47 45.69 19.31
CA GLY A 819 -19.77 45.53 18.60
C GLY A 819 -20.02 46.59 17.53
N ILE A 820 -21.30 46.93 17.35
CA ILE A 820 -21.69 48.03 16.47
C ILE A 820 -22.69 48.88 17.25
N ASP A 821 -22.36 50.15 17.43
CA ASP A 821 -23.25 51.07 18.14
C ASP A 821 -24.39 51.48 17.24
N VAL A 822 -25.59 51.62 17.83
CA VAL A 822 -26.79 52.06 17.12
C VAL A 822 -27.31 53.35 17.76
N TYR A 823 -27.57 54.37 16.95
CA TYR A 823 -28.01 55.66 17.45
C TYR A 823 -29.46 55.92 17.04
N ASP A 824 -30.33 56.07 18.04
CA ASP A 824 -31.79 56.13 17.83
C ASP A 824 -32.31 57.48 17.35
N SER A 825 -31.59 58.54 17.70
CA SER A 825 -32.04 59.90 17.39
C SER A 825 -30.82 60.84 17.30
N ASP A 826 -31.06 62.04 16.80
CA ASP A 826 -29.97 62.96 16.49
C ASP A 826 -29.13 63.32 17.72
N ASP A 827 -29.77 63.43 18.88
CA ASP A 827 -29.09 63.91 20.10
C ASP A 827 -28.02 62.95 20.63
N LYS A 828 -28.27 61.66 20.54
CA LYS A 828 -27.36 60.66 21.11
C LYS A 828 -26.18 60.28 20.21
N ALA A 829 -26.16 60.82 18.99
CA ALA A 829 -25.16 60.44 18.00
C ALA A 829 -24.16 61.55 17.73
N PRO A 830 -22.94 61.14 17.33
CA PRO A 830 -21.92 62.08 16.87
C PRO A 830 -22.33 62.71 15.55
N THR A 831 -22.10 64.02 15.43
CA THR A 831 -22.38 64.74 14.19
C THR A 831 -21.09 64.97 13.45
N LEU A 832 -21.22 65.27 12.15
CA LEU A 832 -20.10 65.70 11.33
C LEU A 832 -20.74 66.50 10.19
N ARG A 833 -20.07 67.58 9.78
CA ARG A 833 -20.64 68.46 8.78
C ARG A 833 -19.95 68.30 7.44
N THR A 834 -20.75 68.39 6.39
CA THR A 834 -20.24 68.29 5.03
C THR A 834 -19.64 69.61 4.62
N ASN A 835 -18.74 69.59 3.64
CA ASN A 835 -18.08 70.80 3.18
C ASN A 835 -18.90 71.55 2.11
N ASP A 836 -18.25 72.51 1.44
CA ASP A 836 -18.87 73.31 0.38
C ASP A 836 -19.39 72.43 -0.78
N ASN A 837 -18.58 71.47 -1.19
CA ASN A 837 -18.98 70.57 -2.26
C ASN A 837 -19.90 69.46 -1.82
N GLY A 838 -20.13 69.32 -0.52
CA GLY A 838 -21.09 68.36 0.02
C GLY A 838 -20.48 67.03 0.41
N ASP A 839 -19.17 67.01 0.67
CA ASP A 839 -18.49 65.76 1.04
C ASP A 839 -18.28 65.67 2.55
N LEU A 840 -18.56 64.49 3.12
CA LEU A 840 -18.13 64.15 4.47
C LEU A 840 -16.73 63.56 4.40
N ILE A 841 -15.74 64.22 4.98
CA ILE A 841 -14.37 63.71 4.94
C ILE A 841 -14.05 62.95 6.24
N PHE A 842 -13.42 61.78 6.08
CA PHE A 842 -13.02 60.92 7.21
C PHE A 842 -11.52 60.66 7.15
N HIS A 843 -10.90 60.58 8.33
CA HIS A 843 -9.47 60.30 8.43
C HIS A 843 -9.25 59.03 9.26
N LYS A 844 -7.99 58.58 9.36
CA LYS A 844 -7.63 57.46 10.22
C LYS A 844 -8.15 57.72 11.64
N THR A 845 -7.91 58.92 12.14
CA THR A 845 -8.37 59.34 13.45
C THR A 845 -9.38 60.48 13.28
N ASN A 846 -10.50 60.39 14.00
CA ASN A 846 -11.55 61.40 13.88
C ASN A 846 -11.98 61.91 15.23
N THR A 847 -12.26 63.22 15.31
CA THR A 847 -12.84 63.80 16.51
C THR A 847 -14.20 64.40 16.16
N PHE A 848 -15.28 63.70 16.55
CA PHE A 848 -16.65 64.13 16.24
C PHE A 848 -17.24 64.84 17.44
N VAL A 849 -18.17 65.76 17.21
CA VAL A 849 -18.87 66.43 18.31
C VAL A 849 -20.35 66.07 18.28
N LYS A 850 -20.91 65.75 19.43
CA LYS A 850 -22.37 65.63 19.55
C LYS A 850 -23.00 66.99 19.43
N GLN A 851 -24.25 67.03 19.00
CA GLN A 851 -24.91 68.32 18.73
C GLN A 851 -25.06 69.15 20.00
N ASP A 852 -25.34 68.47 21.12
CA ASP A 852 -25.30 69.13 22.41
C ASP A 852 -24.31 68.49 23.38
N GLY A 853 -24.51 67.20 23.64
CA GLY A 853 -23.79 66.43 24.66
C GLY A 853 -22.27 66.61 24.90
N THR A 854 -21.42 66.37 23.89
CA THR A 854 -19.97 66.22 24.11
C THR A 854 -19.13 66.05 22.82
N ILE A 855 -17.82 65.90 23.00
CA ILE A 855 -16.86 65.53 21.94
C ILE A 855 -16.61 64.01 21.96
N ILE A 856 -16.54 63.36 20.79
CA ILE A 856 -16.32 61.89 20.67
C ILE A 856 -15.09 61.52 19.79
N ASN A 857 -14.32 60.50 20.19
CA ASN A 857 -13.17 59.99 19.40
C ASN A 857 -13.44 58.67 18.69
N TYR A 858 -13.04 58.55 17.43
CA TYR A 858 -13.36 57.37 16.63
C TYR A 858 -12.35 57.09 15.52
N GLU A 859 -11.85 55.87 15.48
CA GLU A 859 -10.91 55.44 14.46
C GLU A 859 -11.59 54.65 13.33
N MET A 860 -11.27 55.00 12.08
CA MET A 860 -11.59 54.17 10.90
C MET A 860 -10.66 52.98 10.97
N LYS A 861 -11.20 51.95 11.59
CA LYS A 861 -10.47 50.78 12.01
C LYS A 861 -11.34 49.58 11.64
N GLY A 862 -10.77 48.62 10.91
CA GLY A 862 -11.43 47.33 10.77
C GLY A 862 -11.52 46.67 12.14
N SER A 863 -12.65 46.01 12.41
CA SER A 863 -12.89 45.38 13.71
C SER A 863 -13.24 43.92 13.52
N LEU A 864 -13.14 43.15 14.60
CA LEU A 864 -13.50 41.73 14.59
C LEU A 864 -14.26 41.38 15.86
N ASN A 865 -15.53 41.00 15.70
CA ASN A 865 -16.38 40.54 16.80
C ASN A 865 -17.57 39.78 16.21
N ALA A 866 -18.52 39.38 17.06
CA ALA A 866 -19.70 38.64 16.60
C ALA A 866 -20.49 39.35 15.48
N LEU A 867 -20.57 40.69 15.56
CA LEU A 867 -21.40 41.49 14.63
C LEU A 867 -20.70 41.92 13.33
N ILE A 868 -19.37 41.89 13.31
CA ILE A 868 -18.67 42.28 12.09
C ILE A 868 -17.28 41.67 11.95
N SER A 869 -16.89 41.46 10.70
CA SER A 869 -15.50 41.23 10.31
C SER A 869 -15.17 42.19 9.16
N GLY A 870 -14.87 43.45 9.53
CA GLY A 870 -14.60 44.51 8.58
C GLY A 870 -14.95 45.87 9.17
N TYR A 871 -15.35 46.83 8.34
CA TYR A 871 -15.85 48.11 8.83
C TYR A 871 -17.31 48.35 8.44
N LEU A 872 -18.05 49.09 9.26
CA LEU A 872 -19.39 49.61 8.91
C LEU A 872 -19.69 50.99 9.54
N GLY A 873 -19.96 51.98 8.69
CA GLY A 873 -20.44 53.29 9.14
C GLY A 873 -21.61 53.78 8.30
N VAL A 874 -22.68 54.21 8.97
CA VAL A 874 -23.83 54.78 8.26
C VAL A 874 -24.18 56.13 8.84
N TRP A 875 -24.43 57.10 7.96
CA TRP A 875 -24.64 58.50 8.36
C TRP A 875 -25.87 59.09 7.71
N VAL A 876 -26.61 59.86 8.50
CA VAL A 876 -27.84 60.48 8.04
C VAL A 876 -27.85 61.98 8.35
N PRO A 877 -28.61 62.78 7.57
CA PRO A 877 -28.70 64.19 7.92
C PRO A 877 -29.49 64.40 9.21
N VAL A 878 -28.99 65.31 10.04
CA VAL A 878 -29.68 65.67 11.27
C VAL A 878 -30.86 66.52 10.89
N GLY A 879 -31.84 66.58 11.79
CA GLY A 879 -33.03 67.38 11.58
C GLY A 879 -34.16 66.61 10.96
N ALA A 880 -34.10 65.29 11.02
CA ALA A 880 -35.17 64.47 10.45
C ALA A 880 -36.40 64.47 11.36
N SER A 881 -37.53 64.84 10.79
CA SER A 881 -38.84 64.75 11.44
C SER A 881 -39.12 63.34 11.96
N ASP A 882 -39.95 63.22 12.98
CA ASP A 882 -40.35 61.91 13.57
C ASP A 882 -41.22 61.07 12.64
N SER A 883 -42.02 61.72 11.81
CA SER A 883 -42.92 61.04 10.89
C SER A 883 -42.41 61.10 9.46
N GLN A 884 -41.14 61.47 9.28
CA GLN A 884 -40.60 61.69 7.94
C GLN A 884 -40.70 60.38 7.14
N ASP A 885 -41.27 60.49 5.94
CA ASP A 885 -41.48 59.35 5.06
C ASP A 885 -40.95 59.71 3.68
N ALA A 886 -39.92 59.00 3.23
CA ALA A 886 -39.26 59.27 1.95
C ALA A 886 -39.77 58.38 0.81
N ARG A 887 -40.76 57.56 1.11
CA ARG A 887 -41.30 56.62 0.14
C ARG A 887 -42.18 57.28 -0.90
N THR A 888 -42.33 56.66 -2.04
CA THR A 888 -43.16 57.18 -3.09
C THR A 888 -44.43 56.31 -3.20
N VAL A 889 -45.58 56.95 -3.19
CA VAL A 889 -46.83 56.24 -3.42
C VAL A 889 -46.95 55.85 -4.90
N ALA A 890 -47.55 54.68 -5.14
CA ALA A 890 -47.69 54.17 -6.50
C ALA A 890 -48.80 54.89 -7.25
N THR A 891 -48.57 55.20 -8.53
CA THR A 891 -49.46 56.07 -9.30
C THR A 891 -50.58 55.33 -10.00
N GLU A 892 -51.79 55.89 -9.95
CA GLU A 892 -52.98 55.22 -10.47
C GLU A 892 -53.11 55.37 -11.99
N SER A 893 -52.25 56.20 -12.58
CA SER A 893 -52.32 56.56 -13.99
C SER A 893 -51.74 55.45 -14.81
N SER A 894 -52.20 55.32 -16.06
CA SER A 894 -51.63 54.36 -17.00
C SER A 894 -50.30 54.91 -17.55
N SER A 895 -49.29 54.86 -16.69
CA SER A 895 -47.97 55.45 -16.95
C SER A 895 -47.27 54.80 -18.14
N SER A 896 -47.43 53.49 -18.28
CA SER A 896 -46.79 52.75 -19.36
C SER A 896 -47.78 51.98 -20.25
N ASN A 897 -47.56 52.10 -21.56
CA ASN A 897 -48.23 51.30 -22.57
C ASN A 897 -47.38 50.10 -23.01
N ASP A 898 -46.23 49.88 -22.36
CA ASP A 898 -45.33 48.75 -22.70
C ASP A 898 -45.90 47.34 -22.51
N GLY A 899 -47.04 47.22 -21.83
CA GLY A 899 -47.71 45.92 -21.60
C GLY A 899 -47.26 45.25 -20.30
N SER A 900 -46.13 45.68 -19.75
CA SER A 900 -45.50 45.08 -18.56
C SER A 900 -46.32 45.36 -17.31
N VAL A 901 -46.14 44.52 -16.29
CA VAL A 901 -46.78 44.67 -15.01
C VAL A 901 -45.93 45.49 -14.06
N PHE A 902 -44.85 44.92 -13.54
CA PHE A 902 -43.98 45.65 -12.61
C PHE A 902 -43.00 46.57 -13.34
N HIS A 903 -42.68 47.70 -12.69
CA HIS A 903 -41.67 48.62 -13.22
C HIS A 903 -40.77 49.06 -12.09
N SER A 904 -39.45 49.01 -12.30
CA SER A 904 -38.52 49.41 -11.25
C SER A 904 -38.52 50.93 -11.20
N ASN A 905 -39.01 51.46 -10.10
CA ASN A 905 -39.03 52.89 -9.90
C ASN A 905 -39.10 53.19 -8.40
N ALA A 906 -39.17 54.46 -8.06
CA ALA A 906 -39.15 54.85 -6.65
C ALA A 906 -40.34 54.28 -5.85
N ALA A 907 -41.48 54.11 -6.51
CA ALA A 907 -42.64 53.54 -5.87
C ALA A 907 -42.43 52.07 -5.55
N LEU A 908 -41.97 51.28 -6.52
CA LEU A 908 -41.68 49.88 -6.25
C LEU A 908 -40.59 49.73 -5.18
N ASP A 909 -39.57 50.60 -5.25
CA ASP A 909 -38.46 50.57 -4.29
C ASP A 909 -38.89 50.89 -2.87
N SER A 910 -40.06 51.50 -2.70
CA SER A 910 -40.61 51.84 -1.36
C SER A 910 -41.08 50.63 -0.57
N ASN A 911 -41.17 49.49 -1.27
CA ASN A 911 -41.61 48.25 -0.67
C ASN A 911 -40.49 47.47 -0.02
N VAL A 912 -40.89 46.66 0.96
CA VAL A 912 -39.99 45.73 1.62
C VAL A 912 -40.77 44.48 1.94
N ILE A 913 -40.23 43.33 1.54
CA ILE A 913 -40.86 42.06 1.83
C ILE A 913 -40.17 41.47 3.05
N TYR A 914 -40.95 40.84 3.92
CA TYR A 914 -40.38 40.10 5.04
C TYR A 914 -40.73 38.66 4.88
N GLU A 915 -39.69 37.84 4.70
CA GLU A 915 -39.84 36.41 4.62
C GLU A 915 -39.85 35.87 6.03
N GLY A 916 -41.06 35.63 6.55
CA GLY A 916 -41.29 35.57 7.97
C GLY A 916 -41.50 34.19 8.55
N PHE A 917 -40.54 33.31 8.31
CA PHE A 917 -40.56 31.96 8.84
C PHE A 917 -39.20 31.34 8.60
N SER A 918 -38.95 30.26 9.33
CA SER A 918 -37.75 29.49 9.19
C SER A 918 -38.16 28.05 9.10
N ASN A 919 -37.45 27.29 8.26
CA ASN A 919 -37.78 25.88 8.12
C ASN A 919 -37.49 25.05 9.34
N PHE A 920 -36.72 25.58 10.27
CA PHE A 920 -36.27 24.79 11.41
C PHE A 920 -36.88 25.24 12.71
N GLN A 921 -37.99 25.98 12.61
CA GLN A 921 -38.78 26.31 13.79
C GLN A 921 -39.21 25.02 14.46
N ALA A 922 -39.24 25.03 15.78
CA ALA A 922 -39.85 23.94 16.52
C ALA A 922 -41.38 23.95 16.35
N MET A 923 -42.01 22.82 16.68
CA MET A 923 -43.46 22.74 16.69
C MET A 923 -43.99 23.57 17.86
N PRO A 924 -45.15 24.23 17.69
CA PRO A 924 -45.69 25.02 18.79
C PRO A 924 -45.92 24.21 20.07
N THR A 925 -45.38 24.70 21.17
CA THR A 925 -45.60 24.08 22.47
C THR A 925 -47.03 24.32 22.94
N SER A 926 -47.66 25.40 22.48
CA SER A 926 -49.05 25.68 22.83
C SER A 926 -49.74 26.39 21.67
N PRO A 927 -51.07 26.29 21.60
CA PRO A 927 -51.82 27.02 20.56
C PRO A 927 -51.53 28.53 20.51
N GLU A 928 -51.20 29.11 21.65
CA GLU A 928 -51.00 30.54 21.77
C GLU A 928 -49.71 30.97 21.09
N GLN A 929 -48.73 30.06 20.99
CA GLN A 929 -47.41 30.38 20.42
C GLN A 929 -47.26 29.98 18.97
N SER A 930 -48.36 29.62 18.33
CA SER A 930 -48.33 29.28 16.93
C SER A 930 -48.01 30.53 16.13
N THR A 931 -47.14 30.36 15.14
CA THR A 931 -46.66 31.45 14.29
C THR A 931 -47.74 32.49 13.92
N ASN A 932 -48.85 32.04 13.37
CA ASN A 932 -49.87 32.95 12.84
C ASN A 932 -50.68 33.67 13.92
N VAL A 933 -50.75 33.09 15.12
CA VAL A 933 -51.31 33.78 16.27
C VAL A 933 -50.35 34.91 16.63
N VAL A 934 -49.06 34.58 16.75
CA VAL A 934 -48.04 35.56 17.05
C VAL A 934 -48.02 36.68 16.01
N ILE A 935 -48.12 36.35 14.75
CA ILE A 935 -48.11 37.39 13.72
C ILE A 935 -49.27 38.37 13.92
N ALA A 936 -50.44 37.88 14.30
CA ALA A 936 -51.57 38.75 14.57
C ALA A 936 -51.29 39.75 15.70
N THR A 937 -50.76 39.26 16.83
CA THR A 937 -50.46 40.15 17.96
C THR A 937 -49.36 41.17 17.60
N LYS A 938 -48.43 40.77 16.75
CA LYS A 938 -47.24 41.58 16.43
C LYS A 938 -47.29 42.38 15.11
N ALA A 939 -48.41 42.37 14.39
CA ALA A 939 -48.50 43.08 13.10
C ALA A 939 -47.95 44.50 13.13
N ASN A 940 -48.38 45.29 14.12
CA ASN A 940 -47.80 46.62 14.45
C ASN A 940 -46.29 46.74 14.21
N LEU A 941 -45.52 45.84 14.81
CA LEU A 941 -44.05 45.87 14.76
C LEU A 941 -43.50 45.88 13.35
N PHE A 942 -44.17 45.21 12.42
CA PHE A 942 -43.72 45.16 11.04
C PHE A 942 -44.16 46.37 10.20
N LYS A 943 -45.28 46.98 10.56
CA LYS A 943 -45.72 48.20 9.91
C LYS A 943 -44.61 49.22 10.11
N GLU A 944 -44.10 49.29 11.34
CA GLU A 944 -43.11 50.30 11.72
C GLU A 944 -41.69 50.00 11.25
N LEU A 945 -41.42 48.78 10.80
CA LEU A 945 -40.17 48.45 10.10
C LEU A 945 -40.25 48.67 8.58
N GLY A 946 -41.42 49.06 8.10
CA GLY A 946 -41.59 49.39 6.70
C GLY A 946 -41.91 48.23 5.81
N ILE A 947 -42.33 47.10 6.40
CA ILE A 947 -42.73 45.94 5.60
C ILE A 947 -44.02 46.29 4.91
N THR A 948 -44.06 46.16 3.59
CA THR A 948 -45.27 46.39 2.84
C THR A 948 -45.91 45.08 2.39
N SER A 949 -45.12 44.00 2.34
CA SER A 949 -45.65 42.63 2.10
C SER A 949 -45.01 41.56 3.02
N PHE A 950 -45.87 40.74 3.61
CA PHE A 950 -45.42 39.71 4.56
C PHE A 950 -45.47 38.37 3.85
N GLU A 951 -44.30 37.76 3.63
CA GLU A 951 -44.23 36.47 2.99
C GLU A 951 -44.37 35.45 4.08
N LEU A 952 -45.52 34.79 4.09
CA LEU A 952 -45.81 33.72 5.05
C LEU A 952 -45.29 32.38 4.53
N ALA A 953 -44.98 31.50 5.46
CA ALA A 953 -44.66 30.13 5.10
C ALA A 953 -45.83 29.49 4.32
N PRO A 954 -45.54 28.40 3.61
CA PRO A 954 -46.59 27.65 2.95
C PRO A 954 -47.45 26.99 4.01
N GLN A 955 -48.76 27.19 3.88
CA GLN A 955 -49.69 26.86 4.94
C GLN A 955 -50.29 25.48 4.83
N TYR A 956 -49.73 24.64 3.97
CA TYR A 956 -50.40 23.39 3.57
C TYR A 956 -50.08 22.33 4.59
N ARG A 957 -51.01 21.40 4.79
CA ARG A 957 -50.85 20.42 5.84
C ARG A 957 -49.70 19.49 5.51
N SER A 958 -48.79 19.39 6.47
CA SER A 958 -47.57 18.62 6.27
C SER A 958 -47.89 17.16 6.16
N SER A 959 -47.13 16.51 5.29
CA SER A 959 -47.20 15.09 5.12
C SER A 959 -46.46 14.37 6.25
N GLY A 960 -45.64 15.09 6.99
CA GLY A 960 -45.18 14.60 8.28
C GLY A 960 -44.24 13.43 8.24
N ASP A 961 -44.45 12.48 9.15
CA ASP A 961 -43.66 11.25 9.23
C ASP A 961 -44.12 10.16 8.23
N THR A 962 -45.19 10.43 7.50
CA THR A 962 -45.72 9.48 6.54
C THR A 962 -44.69 9.24 5.45
N ASN A 963 -44.47 7.97 5.15
CA ASN A 963 -43.42 7.54 4.24
C ASN A 963 -43.76 6.18 3.67
N TYR A 964 -44.26 6.17 2.44
CA TYR A 964 -44.72 4.91 1.83
C TYR A 964 -43.57 4.12 1.19
N GLY A 965 -42.50 4.80 0.82
CA GLY A 965 -41.27 4.14 0.48
C GLY A 965 -40.26 5.24 0.25
N GLY A 966 -39.00 4.90 0.15
CA GLY A 966 -38.01 5.87 -0.30
C GLY A 966 -37.58 6.81 0.78
N MET A 967 -36.74 7.77 0.42
CA MET A 967 -36.14 8.62 1.44
C MET A 967 -37.08 9.75 1.78
N SER A 968 -37.29 9.93 3.07
CA SER A 968 -38.04 11.06 3.60
C SER A 968 -37.21 12.33 3.40
N PHE A 969 -37.87 13.48 3.23
CA PHE A 969 -37.16 14.76 3.08
C PHE A 969 -37.41 15.64 4.30
N LEU A 970 -36.48 16.53 4.62
CA LEU A 970 -36.66 17.34 5.84
C LEU A 970 -37.92 18.23 5.86
N ASP A 971 -38.34 18.71 4.69
CA ASP A 971 -39.58 19.46 4.56
C ASP A 971 -40.73 18.71 5.19
N SER A 972 -40.71 17.39 5.03
CA SER A 972 -41.82 16.58 5.46
C SER A 972 -41.74 16.34 6.95
N PHE A 973 -40.61 15.88 7.46
CA PHE A 973 -40.58 15.54 8.89
C PHE A 973 -40.42 16.76 9.79
N LEU A 974 -40.00 17.90 9.23
CA LEU A 974 -40.00 19.16 9.97
C LEU A 974 -41.27 19.99 9.76
N ASN A 975 -42.23 19.44 9.03
CA ASN A 975 -43.58 20.02 8.96
C ASN A 975 -43.61 21.49 8.52
N ASN A 976 -42.66 21.87 7.67
CA ASN A 976 -42.55 23.26 7.29
C ASN A 976 -43.55 23.71 6.24
N GLY A 977 -44.27 22.78 5.64
CA GLY A 977 -45.38 23.14 4.74
C GLY A 977 -45.06 22.99 3.27
N TYR A 978 -43.78 22.88 2.94
CA TYR A 978 -43.40 22.62 1.56
C TYR A 978 -43.69 21.18 1.10
N ALA A 979 -43.82 20.26 2.07
CA ALA A 979 -44.17 18.88 1.77
C ALA A 979 -45.54 18.60 2.33
N PHE A 980 -46.50 18.34 1.45
CA PHE A 980 -47.88 18.24 1.84
C PHE A 980 -48.62 17.17 1.09
N THR A 981 -49.67 16.67 1.73
CA THR A 981 -50.56 15.67 1.13
C THR A 981 -51.77 16.30 0.47
N ASP A 982 -52.35 17.30 1.14
CA ASP A 982 -53.58 17.94 0.69
C ASP A 982 -53.31 19.42 0.41
N ARG A 983 -53.49 19.85 -0.82
CA ARG A 983 -53.08 21.23 -1.18
C ARG A 983 -54.03 22.30 -0.65
N TYR A 984 -55.26 21.89 -0.34
CA TYR A 984 -56.27 22.83 0.06
C TYR A 984 -56.47 22.83 1.57
N ASP A 985 -55.85 21.91 2.31
CA ASP A 985 -55.97 21.88 3.77
C ASP A 985 -54.92 22.79 4.37
N LEU A 986 -55.34 23.96 4.85
CA LEU A 986 -54.42 24.94 5.43
C LEU A 986 -54.55 25.04 6.96
N GLY A 987 -55.06 23.97 7.58
CA GLY A 987 -55.20 23.91 9.02
C GLY A 987 -56.61 23.67 9.54
N PHE A 988 -57.48 23.10 8.69
CA PHE A 988 -58.87 22.85 9.08
C PHE A 988 -58.94 21.80 10.15
N ASN A 989 -60.04 21.83 10.87
CA ASN A 989 -60.30 20.88 11.91
C ASN A 989 -60.53 19.46 11.38
N LYS A 990 -60.22 18.49 12.24
CA LYS A 990 -60.51 17.11 11.97
C LYS A 990 -61.98 17.01 11.73
N ALA A 991 -62.40 15.92 11.11
CA ALA A 991 -63.81 15.72 10.81
C ALA A 991 -64.64 15.54 12.09
N ASP A 992 -64.01 15.05 13.16
CA ASP A 992 -64.66 14.92 14.47
C ASP A 992 -64.86 16.25 15.18
N GLY A 993 -64.33 17.32 14.62
CA GLY A 993 -64.55 18.67 15.16
C GLY A 993 -63.37 19.22 15.91
N ASN A 994 -62.43 18.35 16.27
CA ASN A 994 -61.26 18.77 17.00
C ASN A 994 -60.30 19.59 16.15
N PRO A 995 -59.52 20.45 16.80
CA PRO A 995 -58.55 21.28 16.09
C PRO A 995 -57.51 20.42 15.44
N ASN A 996 -56.96 20.90 14.35
CA ASN A 996 -55.87 20.18 13.69
C ASN A 996 -54.95 21.16 13.03
N PRO A 997 -54.23 21.93 13.83
CA PRO A 997 -53.41 23.00 13.25
C PRO A 997 -52.30 22.45 12.39
N THR A 998 -51.82 23.26 11.46
CA THR A 998 -50.55 22.99 10.81
C THR A 998 -49.48 23.32 11.85
N LYS A 999 -48.24 23.44 11.41
CA LYS A 999 -47.16 23.94 12.28
C LYS A 999 -47.38 25.39 12.68
N TYR A 1000 -48.18 26.09 11.88
CA TYR A 1000 -48.39 27.52 12.00
C TYR A 1000 -49.76 27.91 12.58
N GLY A 1001 -50.64 26.93 12.81
CA GLY A 1001 -51.94 27.20 13.45
C GLY A 1001 -53.09 26.81 12.57
N THR A 1002 -54.30 27.03 13.09
CA THR A 1002 -55.52 26.61 12.41
C THR A 1002 -55.79 27.51 11.20
N ASP A 1003 -56.84 27.17 10.44
CA ASP A 1003 -57.24 28.02 9.32
C ASP A 1003 -57.77 29.37 9.79
N GLN A 1004 -58.44 29.39 10.94
CA GLN A 1004 -58.88 30.67 11.53
C GLN A 1004 -57.66 31.49 11.93
N ASP A 1005 -56.65 30.85 12.52
CA ASP A 1005 -55.44 31.57 12.88
C ASP A 1005 -54.81 32.25 11.67
N LEU A 1006 -54.85 31.59 10.52
CA LEU A 1006 -54.34 32.16 9.28
C LEU A 1006 -55.17 33.37 8.80
N ARG A 1007 -56.49 33.23 8.78
CA ARG A 1007 -57.35 34.33 8.35
C ARG A 1007 -57.22 35.51 9.29
N ASN A 1008 -57.02 35.23 10.58
CA ASN A 1008 -56.75 36.29 11.56
C ASN A 1008 -55.43 36.96 11.31
N ALA A 1009 -54.42 36.17 10.99
CA ALA A 1009 -53.12 36.69 10.69
C ALA A 1009 -53.12 37.57 9.43
N ILE A 1010 -53.85 37.16 8.40
CA ILE A 1010 -53.90 37.90 7.15
C ILE A 1010 -54.67 39.20 7.31
N GLU A 1011 -55.80 39.15 8.01
CA GLU A 1011 -56.58 40.34 8.34
C GLU A 1011 -55.72 41.33 9.11
N ALA A 1012 -55.05 40.86 10.17
CA ALA A 1012 -54.12 41.68 10.97
C ALA A 1012 -53.11 42.44 10.13
N LEU A 1013 -52.61 41.80 9.08
CA LEU A 1013 -51.65 42.44 8.22
C LEU A 1013 -52.30 43.50 7.35
N HIS A 1014 -53.53 43.28 6.92
CA HIS A 1014 -54.28 44.31 6.19
C HIS A 1014 -54.68 45.49 7.07
N LYS A 1015 -55.16 45.22 8.28
CA LYS A 1015 -55.40 46.26 9.29
C LYS A 1015 -54.15 47.13 9.50
N ASN A 1016 -52.95 46.57 9.31
CA ASN A 1016 -51.69 47.34 9.38
C ASN A 1016 -51.03 47.67 8.03
N GLY A 1017 -51.84 47.66 6.97
CA GLY A 1017 -51.44 48.16 5.65
C GLY A 1017 -50.37 47.33 4.95
N MET A 1018 -50.29 46.06 5.31
CA MET A 1018 -49.35 45.15 4.71
C MET A 1018 -50.09 44.10 3.91
N GLN A 1019 -49.44 43.59 2.87
CA GLN A 1019 -49.95 42.47 2.08
C GLN A 1019 -49.52 41.11 2.67
N ALA A 1020 -50.26 40.07 2.29
CA ALA A 1020 -49.88 38.70 2.62
C ALA A 1020 -49.57 37.89 1.34
N ILE A 1021 -48.39 37.24 1.31
CA ILE A 1021 -47.94 36.43 0.18
C ILE A 1021 -48.17 34.95 0.42
N ALA A 1022 -48.82 34.32 -0.55
CA ALA A 1022 -49.10 32.89 -0.52
C ALA A 1022 -47.98 32.14 -1.24
N ASP A 1023 -47.46 31.09 -0.62
CA ASP A 1023 -46.48 30.23 -1.30
C ASP A 1023 -47.21 29.27 -2.24
N TRP A 1024 -47.11 29.52 -3.54
CA TRP A 1024 -47.71 28.67 -4.57
C TRP A 1024 -46.69 27.56 -4.96
N VAL A 1025 -47.03 26.30 -4.66
CA VAL A 1025 -46.13 25.16 -4.74
C VAL A 1025 -46.72 24.11 -5.69
N PRO A 1026 -46.65 24.40 -7.00
CA PRO A 1026 -47.23 23.50 -7.99
C PRO A 1026 -46.37 22.29 -8.41
N ASP A 1027 -45.11 22.25 -8.04
CA ASP A 1027 -44.24 21.21 -8.56
C ASP A 1027 -44.53 19.82 -8.04
N GLN A 1028 -44.86 19.66 -6.76
CA GLN A 1028 -45.02 18.31 -6.22
C GLN A 1028 -45.99 18.15 -5.08
N ILE A 1029 -46.28 16.89 -4.77
CA ILE A 1029 -47.12 16.53 -3.66
C ILE A 1029 -46.60 15.24 -3.01
N TYR A 1030 -46.76 15.10 -1.71
CA TYR A 1030 -46.15 13.98 -0.98
C TYR A 1030 -47.19 12.98 -0.47
N ALA A 1031 -46.73 11.78 -0.18
CA ALA A 1031 -47.46 10.80 0.63
C ALA A 1031 -48.93 10.62 0.26
N LEU A 1032 -49.13 10.16 -0.97
CA LEU A 1032 -50.47 9.82 -1.47
C LEU A 1032 -50.76 8.38 -1.08
N PRO A 1033 -51.91 8.12 -0.45
CA PRO A 1033 -52.12 6.82 0.21
C PRO A 1033 -52.51 5.67 -0.71
N GLY A 1034 -52.87 5.94 -1.96
CA GLY A 1034 -53.38 4.89 -2.84
C GLY A 1034 -52.39 4.45 -3.90
N LYS A 1035 -52.32 3.14 -4.14
CA LYS A 1035 -51.31 2.55 -5.05
C LYS A 1035 -51.86 2.35 -6.44
N GLU A 1036 -51.00 2.53 -7.42
CA GLU A 1036 -51.30 2.18 -8.79
C GLU A 1036 -50.07 1.55 -9.39
N VAL A 1037 -50.26 0.87 -10.53
CA VAL A 1037 -49.14 0.26 -11.23
C VAL A 1037 -48.81 1.19 -12.39
N VAL A 1038 -47.60 1.75 -12.37
CA VAL A 1038 -47.12 2.58 -13.48
C VAL A 1038 -46.08 1.84 -14.28
N THR A 1039 -45.84 2.35 -15.48
CA THR A 1039 -44.71 1.92 -16.30
C THR A 1039 -43.59 2.95 -16.17
N ALA A 1040 -42.43 2.52 -15.67
CA ALA A 1040 -41.45 3.46 -15.20
C ALA A 1040 -40.05 3.24 -15.75
N THR A 1041 -39.35 4.34 -16.03
CA THR A 1041 -37.97 4.32 -16.43
C THR A 1041 -37.12 5.14 -15.42
N ARG A 1042 -35.93 4.64 -15.07
CA ARG A 1042 -35.03 5.33 -14.14
C ARG A 1042 -34.32 6.49 -14.83
N VAL A 1043 -34.44 7.69 -14.24
CA VAL A 1043 -34.01 8.94 -14.87
C VAL A 1043 -33.30 9.85 -13.90
N ASP A 1044 -32.56 10.81 -14.46
CA ASP A 1044 -31.95 11.89 -13.69
C ASP A 1044 -32.91 13.07 -13.59
N GLU A 1045 -32.46 14.14 -12.95
CA GLU A 1045 -33.33 15.29 -12.67
C GLU A 1045 -34.02 15.86 -13.90
N ARG A 1046 -33.37 15.77 -15.05
CA ARG A 1046 -33.93 16.28 -16.31
C ARG A 1046 -34.82 15.27 -17.04
N GLY A 1047 -35.08 14.12 -16.43
CA GLY A 1047 -35.90 13.09 -17.07
C GLY A 1047 -35.23 12.33 -18.19
N ASN A 1048 -33.91 12.29 -18.19
CA ASN A 1048 -33.16 11.51 -19.16
C ASN A 1048 -32.77 10.19 -18.56
N GLN A 1049 -32.94 9.12 -19.32
CA GLN A 1049 -32.67 7.77 -18.86
C GLN A 1049 -31.21 7.71 -18.40
N LEU A 1050 -30.96 7.11 -17.23
CA LEU A 1050 -29.59 6.96 -16.73
C LEU A 1050 -28.80 6.14 -17.74
N LYS A 1051 -27.49 6.36 -17.86
CA LYS A 1051 -26.72 5.73 -18.95
C LYS A 1051 -26.70 4.20 -18.87
N ASP A 1052 -26.41 3.67 -17.68
CA ASP A 1052 -26.21 2.24 -17.48
C ASP A 1052 -27.29 1.70 -16.56
N THR A 1053 -28.53 1.72 -17.02
CA THR A 1053 -29.65 1.21 -16.23
C THR A 1053 -30.43 0.11 -16.96
N ASP A 1054 -30.80 -0.91 -16.19
CA ASP A 1054 -31.68 -1.96 -16.66
C ASP A 1054 -33.10 -1.53 -16.50
N PHE A 1055 -33.34 -0.52 -15.67
CA PHE A 1055 -34.69 -0.14 -15.26
C PHE A 1055 -35.27 0.75 -16.34
N VAL A 1056 -35.86 0.12 -17.34
CA VAL A 1056 -36.48 0.83 -18.46
C VAL A 1056 -37.86 0.19 -18.74
N ASN A 1057 -38.87 1.02 -18.91
CA ASN A 1057 -40.24 0.57 -19.09
C ASN A 1057 -40.69 -0.60 -18.22
N LEU A 1058 -40.27 -0.70 -16.96
CA LEU A 1058 -40.75 -1.77 -16.07
C LEU A 1058 -42.02 -1.38 -15.30
N LEU A 1059 -42.79 -2.39 -14.90
CA LEU A 1059 -43.94 -2.15 -14.07
C LEU A 1059 -43.49 -1.98 -12.62
N TYR A 1060 -44.10 -0.98 -11.99
CA TYR A 1060 -43.73 -0.53 -10.67
C TYR A 1060 -45.02 -0.15 -9.94
N VAL A 1061 -45.06 -0.40 -8.63
CA VAL A 1061 -46.14 0.07 -7.78
C VAL A 1061 -45.72 1.39 -7.14
N ALA A 1062 -46.43 2.45 -7.49
CA ALA A 1062 -46.15 3.79 -6.96
C ALA A 1062 -47.32 4.22 -6.10
N ASN A 1063 -47.09 5.18 -5.20
CA ASN A 1063 -48.16 5.76 -4.41
C ASN A 1063 -48.53 7.07 -5.05
N THR A 1064 -49.56 7.04 -5.89
CA THR A 1064 -49.91 8.15 -6.76
C THR A 1064 -51.35 8.64 -6.61
N LYS A 1065 -52.16 7.94 -5.84
CA LYS A 1065 -53.58 8.21 -5.80
C LYS A 1065 -53.95 8.86 -4.48
N SER A 1066 -54.65 9.98 -4.56
CA SER A 1066 -55.11 10.77 -3.41
C SER A 1066 -56.29 10.09 -2.74
N SER A 1067 -56.59 10.46 -1.50
CA SER A 1067 -57.66 9.76 -0.74
C SER A 1067 -59.04 9.87 -1.38
N GLY A 1068 -59.28 10.95 -2.13
CA GLY A 1068 -60.57 11.22 -2.77
C GLY A 1068 -61.64 11.73 -1.82
N VAL A 1069 -61.30 11.93 -0.55
CA VAL A 1069 -62.22 12.36 0.47
C VAL A 1069 -61.58 13.49 1.35
N ASP A 1070 -60.62 14.21 0.77
CA ASP A 1070 -59.82 15.23 1.45
C ASP A 1070 -60.24 16.59 0.93
N TYR A 1071 -59.51 17.65 1.26
CA TYR A 1071 -59.91 19.00 0.81
C TYR A 1071 -59.66 19.22 -0.69
N GLN A 1072 -58.77 18.43 -1.27
CA GLN A 1072 -58.58 18.44 -2.72
C GLN A 1072 -59.83 17.95 -3.43
N ALA A 1073 -60.56 17.05 -2.79
CA ALA A 1073 -61.80 16.53 -3.37
C ALA A 1073 -62.91 17.56 -3.21
N LYS A 1074 -62.95 18.27 -2.09
CA LYS A 1074 -63.94 19.30 -1.88
C LYS A 1074 -63.80 20.42 -2.89
N TYR A 1075 -62.65 21.06 -2.87
CA TYR A 1075 -62.43 22.30 -3.60
C TYR A 1075 -61.81 22.14 -4.99
N GLY A 1076 -61.39 20.93 -5.36
CA GLY A 1076 -60.75 20.73 -6.66
C GLY A 1076 -61.66 21.17 -7.79
N GLY A 1077 -61.12 21.97 -8.71
CA GLY A 1077 -61.85 22.46 -9.88
C GLY A 1077 -63.10 23.31 -9.71
N GLU A 1078 -63.48 23.61 -8.47
CA GLU A 1078 -64.79 24.17 -8.20
C GLU A 1078 -64.99 25.60 -8.69
N PHE A 1079 -63.89 26.34 -8.76
CA PHE A 1079 -63.95 27.76 -9.08
C PHE A 1079 -63.76 28.06 -10.57
N LEU A 1080 -63.49 27.04 -11.37
CA LEU A 1080 -63.13 27.24 -12.77
C LEU A 1080 -64.31 27.63 -13.63
N ASP A 1081 -65.47 27.02 -13.37
CA ASP A 1081 -66.66 27.34 -14.18
C ASP A 1081 -67.08 28.79 -13.97
N LYS A 1082 -67.07 29.25 -12.72
CA LYS A 1082 -67.32 30.64 -12.41
C LYS A 1082 -66.32 31.52 -13.16
N LEU A 1083 -65.06 31.12 -13.15
CA LEU A 1083 -64.02 31.91 -13.81
C LEU A 1083 -64.07 31.93 -15.34
N ARG A 1084 -64.53 30.83 -15.95
CA ARG A 1084 -64.63 30.74 -17.42
C ARG A 1084 -65.74 31.66 -17.89
N GLU A 1085 -66.85 31.63 -17.15
CA GLU A 1085 -67.98 32.51 -17.40
C GLU A 1085 -67.57 33.94 -17.33
N GLU A 1086 -66.83 34.32 -16.28
CA GLU A 1086 -66.43 35.71 -16.04
C GLU A 1086 -65.26 36.25 -16.88
N TYR A 1087 -64.29 35.41 -17.23
CA TYR A 1087 -63.11 35.87 -18.00
C TYR A 1087 -62.76 34.89 -19.09
N PRO A 1088 -63.61 34.78 -20.13
CA PRO A 1088 -63.45 33.74 -21.15
C PRO A 1088 -62.05 33.61 -21.74
N SER A 1089 -61.35 34.73 -21.94
CA SER A 1089 -60.03 34.73 -22.61
C SER A 1089 -58.97 33.89 -21.90
N LEU A 1090 -59.00 33.85 -20.56
CA LEU A 1090 -58.08 32.99 -19.80
C LEU A 1090 -58.17 31.54 -20.26
N PHE A 1091 -59.37 31.11 -20.64
CA PHE A 1091 -59.60 29.72 -21.02
C PHE A 1091 -59.50 29.46 -22.51
N LYS A 1092 -59.41 30.55 -23.28
CA LYS A 1092 -59.21 30.48 -24.74
C LYS A 1092 -57.77 30.76 -25.18
N GLN A 1093 -57.00 31.44 -24.34
CA GLN A 1093 -55.61 31.78 -24.64
C GLN A 1093 -54.70 30.58 -24.64
N ASN A 1094 -53.93 30.41 -25.71
CA ASN A 1094 -52.96 29.32 -25.80
C ASN A 1094 -51.73 29.53 -24.95
N GLN A 1095 -51.24 28.45 -24.38
CA GLN A 1095 -49.97 28.44 -23.67
C GLN A 1095 -48.86 28.05 -24.64
N VAL A 1096 -47.64 28.47 -24.34
CA VAL A 1096 -46.52 28.34 -25.25
C VAL A 1096 -46.05 26.90 -25.38
N SER A 1097 -45.83 26.25 -24.24
CA SER A 1097 -45.22 24.93 -24.23
C SER A 1097 -46.10 23.85 -24.86
N THR A 1098 -47.43 24.04 -24.83
CA THR A 1098 -48.39 23.02 -25.29
C THR A 1098 -49.06 23.35 -26.61
N GLY A 1099 -49.11 24.62 -26.98
CA GLY A 1099 -49.91 25.04 -28.14
C GLY A 1099 -51.41 25.04 -27.87
N GLN A 1100 -51.78 24.72 -26.63
CA GLN A 1100 -53.16 24.51 -26.25
C GLN A 1100 -53.49 25.50 -25.15
N PRO A 1101 -54.78 25.79 -24.96
CA PRO A 1101 -55.19 26.54 -23.80
C PRO A 1101 -55.38 25.59 -22.63
N ILE A 1102 -55.45 26.13 -21.43
CA ILE A 1102 -55.80 25.31 -20.29
C ILE A 1102 -57.20 24.67 -20.51
N ASP A 1103 -57.38 23.52 -19.90
CA ASP A 1103 -58.57 22.70 -20.10
C ASP A 1103 -59.30 22.53 -18.76
N ALA A 1104 -60.37 23.29 -18.59
CA ALA A 1104 -61.24 23.17 -17.41
C ALA A 1104 -62.40 22.18 -17.63
N SER A 1105 -62.41 21.47 -18.78
CA SER A 1105 -63.43 20.46 -19.07
C SER A 1105 -63.36 19.26 -18.13
N THR A 1106 -62.21 19.07 -17.50
CA THR A 1106 -62.03 18.01 -16.53
C THR A 1106 -61.52 18.59 -15.19
N LYS A 1107 -62.15 18.17 -14.09
CA LYS A 1107 -61.80 18.67 -12.77
C LYS A 1107 -60.99 17.62 -12.04
N ILE A 1108 -60.02 18.04 -11.23
CA ILE A 1108 -59.20 17.08 -10.50
C ILE A 1108 -59.58 17.06 -9.02
N LYS A 1109 -60.46 16.14 -8.64
CA LYS A 1109 -60.82 15.96 -7.23
C LYS A 1109 -59.90 14.93 -6.56
N GLN A 1110 -59.23 14.14 -7.38
CA GLN A 1110 -58.35 13.09 -6.87
C GLN A 1110 -57.14 12.94 -7.75
N TRP A 1111 -55.96 13.05 -7.16
CA TRP A 1111 -54.74 12.85 -7.91
C TRP A 1111 -54.55 11.37 -8.23
N SER A 1112 -53.88 11.10 -9.34
CA SER A 1112 -53.48 9.76 -9.70
C SER A 1112 -52.33 9.88 -10.68
N ALA A 1113 -51.71 8.75 -10.97
CA ALA A 1113 -50.46 8.73 -11.71
C ALA A 1113 -50.54 9.42 -13.08
N LYS A 1114 -51.68 9.37 -13.74
CA LYS A 1114 -51.78 9.99 -15.08
C LYS A 1114 -51.47 11.50 -15.10
N TYR A 1115 -51.63 12.15 -13.96
CA TYR A 1115 -51.31 13.57 -13.87
C TYR A 1115 -49.92 13.83 -13.28
N MET A 1116 -49.10 12.78 -13.17
CA MET A 1116 -47.76 12.91 -12.62
C MET A 1116 -46.72 12.61 -13.69
N ASN A 1117 -45.57 13.24 -13.57
CA ASN A 1117 -44.41 12.93 -14.40
C ASN A 1117 -43.62 11.73 -13.84
N GLY A 1118 -43.60 11.59 -12.52
CA GLY A 1118 -42.87 10.54 -11.88
C GLY A 1118 -42.82 10.65 -10.37
N THR A 1119 -41.80 10.01 -9.81
CA THR A 1119 -41.63 9.95 -8.37
C THR A 1119 -40.18 9.70 -8.05
N ASN A 1120 -39.81 10.03 -6.82
CA ASN A 1120 -38.55 9.56 -6.27
C ASN A 1120 -38.66 8.06 -6.12
N ILE A 1121 -37.54 7.36 -6.31
CA ILE A 1121 -37.52 5.92 -6.15
C ILE A 1121 -38.04 5.50 -4.77
N LEU A 1122 -38.88 4.47 -4.75
CA LEU A 1122 -39.59 4.06 -3.55
C LEU A 1122 -39.03 2.83 -2.86
N HIS A 1123 -37.86 2.36 -3.32
CA HIS A 1123 -37.16 1.23 -2.67
C HIS A 1123 -37.93 -0.07 -2.68
N ARG A 1124 -38.70 -0.28 -3.74
CA ARG A 1124 -39.58 -1.44 -3.81
C ARG A 1124 -39.04 -2.54 -4.69
N GLY A 1125 -38.28 -2.15 -5.71
CA GLY A 1125 -37.57 -3.08 -6.55
C GLY A 1125 -38.04 -2.99 -7.98
N ALA A 1126 -37.17 -3.39 -8.90
CA ALA A 1126 -37.51 -3.40 -10.32
C ALA A 1126 -38.55 -4.48 -10.68
N TYR A 1127 -38.61 -5.55 -9.88
CA TYR A 1127 -39.55 -6.66 -10.14
C TYR A 1127 -40.36 -7.05 -8.91
N TYR A 1128 -40.87 -6.01 -8.22
CA TYR A 1128 -41.81 -6.16 -7.12
C TYR A 1128 -43.16 -6.58 -7.69
N VAL A 1129 -43.43 -6.12 -8.91
CA VAL A 1129 -44.59 -6.53 -9.69
C VAL A 1129 -44.20 -7.81 -10.35
N LEU A 1130 -44.91 -8.89 -10.06
CA LEU A 1130 -44.41 -10.24 -10.34
C LEU A 1130 -44.59 -10.62 -11.78
N LYS A 1131 -43.59 -11.35 -12.25
CA LYS A 1131 -43.35 -11.62 -13.64
C LYS A 1131 -42.83 -13.08 -13.76
N ASP A 1132 -43.14 -13.74 -14.86
CA ASP A 1132 -42.58 -15.06 -15.17
C ASP A 1132 -41.35 -14.87 -16.02
N TRP A 1133 -40.21 -15.42 -15.59
CA TRP A 1133 -38.97 -15.13 -16.32
C TRP A 1133 -38.98 -15.70 -17.73
N ALA A 1134 -39.68 -16.82 -17.91
CA ALA A 1134 -39.63 -17.57 -19.16
C ALA A 1134 -40.30 -16.88 -20.36
N THR A 1135 -41.49 -16.35 -20.13
CA THR A 1135 -42.24 -15.66 -21.16
C THR A 1135 -42.13 -14.13 -21.04
N ASN A 1136 -41.66 -13.68 -19.88
CA ASN A 1136 -41.60 -12.26 -19.51
C ASN A 1136 -42.94 -11.59 -19.37
N GLN A 1137 -44.00 -12.36 -19.22
CA GLN A 1137 -45.31 -11.79 -19.02
C GLN A 1137 -45.59 -11.59 -17.54
N TYR A 1138 -46.26 -10.49 -17.20
CA TYR A 1138 -46.60 -10.18 -15.82
C TYR A 1138 -47.89 -10.93 -15.46
N PHE A 1139 -47.96 -11.43 -14.23
CA PHE A 1139 -49.17 -12.09 -13.78
C PHE A 1139 -50.27 -11.04 -13.62
N ASN A 1140 -51.50 -11.45 -13.99
CA ASN A 1140 -52.66 -10.58 -13.91
C ASN A 1140 -53.98 -11.36 -13.72
N ILE A 1141 -54.92 -10.75 -13.00
CA ILE A 1141 -56.19 -11.39 -12.63
C ILE A 1141 -57.41 -10.46 -12.74
N ALA A 1142 -57.25 -9.36 -13.47
CA ALA A 1142 -58.27 -8.31 -13.47
C ALA A 1142 -59.53 -8.75 -14.19
N LYS A 1143 -59.33 -9.30 -15.39
CA LYS A 1143 -60.42 -9.81 -16.19
C LYS A 1143 -60.23 -11.30 -16.41
N THR A 1144 -61.27 -12.08 -16.13
CA THR A 1144 -61.25 -13.55 -16.31
C THR A 1144 -60.88 -14.06 -17.73
N ASN A 1145 -61.05 -13.23 -18.77
CA ASN A 1145 -60.64 -13.58 -20.16
C ASN A 1145 -59.14 -13.41 -20.49
N GLU A 1146 -58.37 -12.80 -19.59
CA GLU A 1146 -56.96 -12.52 -19.84
C GLU A 1146 -56.15 -12.80 -18.57
N VAL A 1147 -56.49 -13.87 -17.87
CA VAL A 1147 -55.78 -14.27 -16.66
C VAL A 1147 -54.41 -14.86 -17.01
N PHE A 1148 -53.39 -14.56 -16.20
CA PHE A 1148 -52.11 -15.25 -16.30
C PHE A 1148 -51.60 -15.46 -14.89
N LEU A 1149 -51.47 -16.70 -14.50
CA LEU A 1149 -50.93 -17.08 -13.20
C LEU A 1149 -49.92 -18.23 -13.35
N PRO A 1150 -49.16 -18.51 -12.30
CA PRO A 1150 -48.36 -19.73 -12.33
C PRO A 1150 -49.29 -20.90 -12.36
N LEU A 1151 -48.89 -21.97 -13.04
CA LEU A 1151 -49.76 -23.14 -13.19
C LEU A 1151 -50.05 -23.88 -11.87
N GLN A 1152 -49.14 -23.85 -10.90
CA GLN A 1152 -49.40 -24.41 -9.54
C GLN A 1152 -50.68 -23.85 -8.92
N LEU A 1153 -50.89 -22.56 -9.11
CA LEU A 1153 -51.96 -21.87 -8.45
C LEU A 1153 -53.31 -22.18 -9.10
N GLN A 1154 -53.29 -22.66 -10.35
CA GLN A 1154 -54.53 -23.09 -11.03
C GLN A 1154 -54.79 -24.61 -10.96
N ASN A 1155 -54.06 -25.30 -10.07
CA ASN A 1155 -54.04 -26.76 -10.01
C ASN A 1155 -53.79 -27.41 -11.37
N LYS A 1156 -52.76 -26.94 -12.06
CA LYS A 1156 -52.24 -27.63 -13.21
C LYS A 1156 -50.82 -28.00 -12.85
N ASP A 1157 -50.21 -28.80 -13.71
CA ASP A 1157 -48.87 -29.32 -13.43
C ASP A 1157 -47.84 -28.37 -13.99
N ALA A 1158 -46.96 -27.91 -13.12
CA ALA A 1158 -45.88 -27.01 -13.50
C ALA A 1158 -44.58 -27.79 -13.53
N GLN A 1159 -43.97 -27.92 -14.68
CA GLN A 1159 -42.70 -28.58 -14.73
C GLN A 1159 -41.63 -27.54 -14.84
N THR A 1160 -40.49 -27.79 -14.22
CA THR A 1160 -39.43 -26.80 -14.23
C THR A 1160 -38.05 -27.40 -14.35
N GLY A 1161 -37.21 -26.79 -15.18
CA GLY A 1161 -35.84 -27.23 -15.32
C GLY A 1161 -35.42 -27.23 -16.77
N PHE A 1162 -34.19 -27.70 -17.00
CA PHE A 1162 -33.64 -27.80 -18.33
C PHE A 1162 -33.85 -29.20 -18.84
N ILE A 1163 -34.26 -29.34 -20.10
CA ILE A 1163 -34.37 -30.67 -20.69
C ILE A 1163 -33.79 -30.66 -22.08
N SER A 1164 -32.94 -31.64 -22.39
CA SER A 1164 -32.39 -31.76 -23.73
C SER A 1164 -33.33 -32.56 -24.63
N ASP A 1165 -33.27 -32.27 -25.93
CA ASP A 1165 -33.90 -33.12 -26.94
C ASP A 1165 -32.99 -33.15 -28.17
N ALA A 1166 -33.38 -33.87 -29.21
CA ALA A 1166 -32.52 -34.02 -30.36
C ALA A 1166 -32.16 -32.69 -31.00
N SER A 1167 -33.06 -31.72 -30.96
CA SER A 1167 -32.82 -30.41 -31.55
C SER A 1167 -31.94 -29.52 -30.66
N GLY A 1168 -32.13 -29.57 -29.35
CA GLY A 1168 -31.34 -28.71 -28.45
C GLY A 1168 -31.87 -28.69 -27.01
N VAL A 1169 -31.53 -27.64 -26.23
CA VAL A 1169 -31.92 -27.59 -24.84
C VAL A 1169 -33.08 -26.62 -24.61
N LYS A 1170 -34.04 -27.03 -23.78
CA LYS A 1170 -35.22 -26.22 -23.46
C LYS A 1170 -35.24 -25.99 -21.98
N TYR A 1171 -36.02 -24.99 -21.56
CA TYR A 1171 -36.10 -24.68 -20.12
C TYR A 1171 -37.50 -24.31 -19.73
N TYR A 1172 -37.92 -24.77 -18.55
CA TYR A 1172 -39.23 -24.45 -18.01
C TYR A 1172 -39.07 -23.73 -16.66
N SER A 1173 -39.75 -22.58 -16.50
CA SER A 1173 -39.63 -21.80 -15.26
C SER A 1173 -40.36 -22.45 -14.11
N ILE A 1174 -40.19 -21.92 -12.90
CA ILE A 1174 -40.91 -22.48 -11.75
C ILE A 1174 -42.44 -22.47 -11.94
N SER A 1175 -42.95 -21.55 -12.75
CA SER A 1175 -44.36 -21.43 -12.98
C SER A 1175 -44.86 -22.37 -14.07
N GLY A 1176 -43.94 -23.10 -14.70
CA GLY A 1176 -44.27 -24.17 -15.63
C GLY A 1176 -44.35 -23.77 -17.08
N TYR A 1177 -43.75 -22.64 -17.45
CA TYR A 1177 -43.83 -22.18 -18.82
C TYR A 1177 -42.48 -22.30 -19.52
N GLN A 1178 -42.51 -22.50 -20.82
CA GLN A 1178 -41.30 -22.65 -21.58
C GLN A 1178 -40.65 -21.30 -21.82
N ALA A 1179 -39.34 -21.23 -21.65
CA ALA A 1179 -38.57 -20.05 -21.93
C ALA A 1179 -38.42 -19.86 -23.44
N LYS A 1180 -38.91 -18.74 -23.93
CA LYS A 1180 -38.70 -18.33 -25.31
C LYS A 1180 -38.39 -16.84 -25.33
N ASP A 1181 -37.37 -16.49 -26.12
CA ASP A 1181 -36.98 -15.10 -26.36
C ASP A 1181 -36.73 -14.44 -25.03
N THR A 1182 -35.83 -15.03 -24.26
CA THR A 1182 -35.55 -14.58 -22.90
C THR A 1182 -34.22 -15.13 -22.38
N PHE A 1183 -33.63 -14.43 -21.44
CA PHE A 1183 -32.38 -14.84 -20.83
C PHE A 1183 -32.74 -15.54 -19.54
N ILE A 1184 -32.01 -16.56 -19.17
CA ILE A 1184 -32.29 -17.35 -18.00
C ILE A 1184 -31.00 -17.69 -17.28
N GLU A 1185 -31.07 -17.73 -15.96
CA GLU A 1185 -29.90 -17.94 -15.13
C GLU A 1185 -30.11 -19.18 -14.37
N ASP A 1186 -29.11 -20.05 -14.37
CA ASP A 1186 -29.27 -21.32 -13.65
C ASP A 1186 -28.88 -21.16 -12.19
N GLY A 1187 -28.96 -22.25 -11.44
CA GLY A 1187 -28.74 -22.21 -10.01
C GLY A 1187 -27.31 -22.03 -9.63
N ASN A 1188 -26.39 -22.31 -10.56
CA ASN A 1188 -24.97 -22.09 -10.31
C ASN A 1188 -24.48 -20.72 -10.78
N GLY A 1189 -25.37 -19.90 -11.29
CA GLY A 1189 -25.04 -18.54 -11.64
C GLY A 1189 -24.72 -18.30 -13.11
N ASN A 1190 -24.79 -19.34 -13.93
CA ASN A 1190 -24.52 -19.16 -15.36
C ASN A 1190 -25.73 -18.61 -16.07
N TRP A 1191 -25.48 -17.84 -17.14
CA TRP A 1191 -26.54 -17.20 -17.91
C TRP A 1191 -26.68 -17.82 -19.31
N TYR A 1192 -27.94 -17.91 -19.79
CA TYR A 1192 -28.26 -18.52 -21.10
C TYR A 1192 -29.29 -17.66 -21.83
N TYR A 1193 -29.30 -17.72 -23.16
CA TYR A 1193 -30.37 -17.09 -23.93
C TYR A 1193 -31.15 -18.15 -24.72
N PHE A 1194 -32.48 -18.11 -24.61
CA PHE A 1194 -33.37 -19.02 -25.34
C PHE A 1194 -34.04 -18.28 -26.48
N ASP A 1195 -33.89 -18.80 -27.70
CA ASP A 1195 -34.36 -18.10 -28.90
C ASP A 1195 -35.88 -18.17 -29.03
N LYS A 1196 -36.39 -17.54 -30.09
CA LYS A 1196 -37.84 -17.48 -30.29
C LYS A 1196 -38.43 -18.88 -30.34
N ASP A 1197 -37.69 -19.84 -30.91
CA ASP A 1197 -38.15 -21.24 -31.04
C ASP A 1197 -38.14 -22.03 -29.73
N GLY A 1198 -37.54 -21.47 -28.68
CA GLY A 1198 -37.59 -22.07 -27.35
C GLY A 1198 -36.36 -22.86 -27.00
N TYR A 1199 -35.29 -22.65 -27.78
CA TYR A 1199 -34.07 -23.42 -27.67
C TYR A 1199 -32.89 -22.55 -27.26
N MET A 1200 -32.13 -23.02 -26.29
CA MET A 1200 -30.87 -22.41 -25.86
C MET A 1200 -29.93 -22.17 -27.04
N VAL A 1201 -29.29 -21.02 -27.06
CA VAL A 1201 -28.35 -20.71 -28.12
C VAL A 1201 -27.03 -21.31 -27.68
N ARG A 1202 -26.40 -22.08 -28.57
CA ARG A 1202 -25.07 -22.64 -28.29
C ARG A 1202 -24.19 -22.57 -29.52
N SER A 1203 -22.89 -22.51 -29.33
CA SER A 1203 -21.98 -22.40 -30.45
C SER A 1203 -21.67 -23.78 -31.00
N GLN A 1204 -21.55 -23.84 -32.31
CA GLN A 1204 -21.16 -25.06 -33.04
C GLN A 1204 -19.65 -24.97 -33.30
N GLN A 1205 -19.00 -26.11 -33.54
CA GLN A 1205 -17.57 -26.09 -33.92
C GLN A 1205 -17.39 -25.42 -35.30
N GLY A 1206 -16.32 -24.66 -35.44
CA GLY A 1206 -16.02 -23.97 -36.70
C GLY A 1206 -16.95 -22.83 -37.07
N GLU A 1207 -17.90 -22.50 -36.20
CA GLU A 1207 -18.85 -21.42 -36.42
C GLU A 1207 -18.64 -20.32 -35.39
N ASN A 1208 -19.12 -19.12 -35.70
CA ASN A 1208 -18.91 -17.96 -34.84
C ASN A 1208 -19.76 -18.09 -33.58
N PRO A 1209 -19.13 -18.13 -32.41
CA PRO A 1209 -19.89 -18.17 -31.15
C PRO A 1209 -20.62 -16.87 -30.83
N ILE A 1210 -20.24 -15.76 -31.45
CA ILE A 1210 -20.84 -14.45 -31.18
C ILE A 1210 -22.17 -14.37 -31.88
N ARG A 1211 -23.22 -14.09 -31.14
CA ARG A 1211 -24.55 -13.95 -31.72
C ARG A 1211 -25.21 -12.66 -31.31
N THR A 1212 -25.93 -12.06 -32.27
CA THR A 1212 -26.67 -10.82 -32.09
C THR A 1212 -28.03 -11.15 -31.54
N VAL A 1213 -28.39 -10.59 -30.40
CA VAL A 1213 -29.65 -10.90 -29.73
C VAL A 1213 -30.57 -9.67 -29.74
N GLU A 1214 -31.78 -9.85 -30.25
CA GLU A 1214 -32.84 -8.84 -30.21
C GLU A 1214 -34.01 -9.47 -29.47
N THR A 1215 -34.28 -9.00 -28.25
CA THR A 1215 -35.26 -9.61 -27.34
C THR A 1215 -36.39 -8.64 -27.04
N SER A 1216 -37.49 -9.22 -26.59
CA SER A 1216 -38.58 -8.48 -25.99
C SER A 1216 -38.08 -7.47 -24.94
N VAL A 1217 -37.15 -7.89 -24.08
CA VAL A 1217 -36.50 -6.94 -23.16
C VAL A 1217 -35.36 -6.23 -23.92
N ASN A 1218 -35.64 -5.00 -24.36
CA ASN A 1218 -34.76 -4.20 -25.24
C ASN A 1218 -33.42 -3.85 -24.67
N THR A 1219 -33.36 -3.61 -23.36
CA THR A 1219 -32.12 -3.20 -22.71
C THR A 1219 -31.05 -4.29 -22.85
N ARG A 1220 -31.49 -5.54 -22.95
CA ARG A 1220 -30.57 -6.66 -23.10
C ARG A 1220 -30.09 -6.90 -24.53
N ASN A 1221 -30.60 -6.18 -25.51
CA ASN A 1221 -30.09 -6.33 -26.86
C ASN A 1221 -28.62 -6.08 -26.95
N GLY A 1222 -27.97 -6.78 -27.85
CA GLY A 1222 -26.55 -6.64 -28.03
C GLY A 1222 -25.94 -7.89 -28.63
N ASN A 1223 -24.62 -7.92 -28.72
CA ASN A 1223 -23.91 -9.09 -29.18
C ASN A 1223 -23.32 -9.86 -28.01
N TYR A 1224 -23.67 -11.14 -27.95
CA TYR A 1224 -23.24 -12.01 -26.87
C TYR A 1224 -22.36 -13.13 -27.40
N TYR A 1225 -21.68 -13.80 -26.47
CA TYR A 1225 -20.77 -14.90 -26.80
C TYR A 1225 -21.23 -16.15 -26.07
N PHE A 1226 -21.89 -17.07 -26.77
CA PHE A 1226 -22.39 -18.29 -26.13
C PHE A 1226 -21.49 -19.47 -26.44
N MET A 1227 -21.16 -20.24 -25.42
CA MET A 1227 -20.22 -21.32 -25.57
C MET A 1227 -20.94 -22.58 -26.04
N PRO A 1228 -20.21 -23.70 -26.26
CA PRO A 1228 -20.91 -24.85 -26.78
C PRO A 1228 -21.95 -25.40 -25.83
N ASN A 1229 -21.78 -25.19 -24.52
CA ASN A 1229 -22.80 -25.58 -23.52
C ASN A 1229 -23.80 -24.48 -23.17
N GLY A 1230 -23.80 -23.43 -23.98
CA GLY A 1230 -24.80 -22.38 -23.92
C GLY A 1230 -24.55 -21.27 -22.91
N VAL A 1231 -23.44 -21.40 -22.18
CA VAL A 1231 -23.07 -20.43 -21.15
C VAL A 1231 -22.65 -19.17 -21.84
N GLU A 1232 -23.17 -18.05 -21.33
CA GLU A 1232 -22.84 -16.72 -21.83
C GLU A 1232 -21.55 -16.27 -21.13
N LEU A 1233 -20.57 -15.80 -21.92
CA LEU A 1233 -19.28 -15.32 -21.40
C LEU A 1233 -19.49 -13.92 -20.81
N ARG A 1234 -18.92 -13.68 -19.63
CA ARG A 1234 -19.12 -12.42 -18.89
C ARG A 1234 -17.83 -11.88 -18.27
N LYS A 1235 -17.55 -10.60 -18.56
CA LYS A 1235 -16.41 -9.90 -17.97
C LYS A 1235 -15.12 -10.55 -18.43
N GLY A 1236 -15.02 -10.73 -19.74
CA GLY A 1236 -13.85 -11.42 -20.29
C GLY A 1236 -13.79 -11.40 -21.81
N PHE A 1237 -12.66 -11.85 -22.33
CA PHE A 1237 -12.43 -11.79 -23.77
C PHE A 1237 -12.86 -13.08 -24.47
N GLY A 1238 -13.38 -12.94 -25.69
CA GLY A 1238 -13.83 -14.10 -26.47
C GLY A 1238 -13.35 -14.06 -27.92
N THR A 1239 -12.73 -15.14 -28.39
CA THR A 1239 -12.20 -15.21 -29.73
C THR A 1239 -13.28 -15.75 -30.66
N ASP A 1240 -13.37 -15.18 -31.85
CA ASP A 1240 -14.30 -15.70 -32.85
C ASP A 1240 -13.62 -16.83 -33.63
N ASN A 1241 -14.34 -17.41 -34.58
CA ASN A 1241 -13.79 -18.49 -35.43
C ASN A 1241 -12.55 -18.11 -36.25
N SER A 1242 -12.40 -16.82 -36.55
CA SER A 1242 -11.31 -16.32 -37.40
C SER A 1242 -10.10 -15.77 -36.62
N GLY A 1243 -10.08 -15.91 -35.29
CA GLY A 1243 -8.97 -15.44 -34.48
C GLY A 1243 -9.04 -14.01 -33.92
N ASN A 1244 -10.09 -13.25 -34.24
CA ASN A 1244 -10.27 -11.89 -33.68
C ASN A 1244 -10.76 -11.92 -32.25
N VAL A 1245 -10.23 -11.06 -31.40
CA VAL A 1245 -10.64 -11.05 -30.01
C VAL A 1245 -11.63 -9.92 -29.73
N TYR A 1246 -12.67 -10.21 -28.97
CA TYR A 1246 -13.64 -9.20 -28.51
C TYR A 1246 -13.74 -9.26 -27.00
N TYR A 1247 -14.38 -8.27 -26.37
CA TYR A 1247 -14.60 -8.29 -24.92
C TYR A 1247 -16.07 -8.18 -24.64
N PHE A 1248 -16.48 -8.84 -23.55
CA PHE A 1248 -17.88 -8.93 -23.15
C PHE A 1248 -18.01 -8.58 -21.68
N ASP A 1249 -18.95 -7.70 -21.39
CA ASP A 1249 -18.99 -7.01 -20.12
C ASP A 1249 -19.64 -7.81 -18.98
N ASP A 1250 -19.82 -7.15 -17.84
CA ASP A 1250 -20.43 -7.72 -16.64
C ASP A 1250 -21.66 -8.55 -16.94
N GLN A 1251 -22.44 -8.08 -17.91
CA GLN A 1251 -23.73 -8.69 -18.27
C GLN A 1251 -23.74 -9.42 -19.60
N GLY A 1252 -22.57 -9.66 -20.15
CA GLY A 1252 -22.45 -10.46 -21.37
C GLY A 1252 -22.41 -9.71 -22.68
N LYS A 1253 -22.72 -8.40 -22.67
CA LYS A 1253 -22.72 -7.60 -23.91
C LYS A 1253 -21.33 -7.29 -24.45
N MET A 1254 -21.21 -7.26 -25.78
CA MET A 1254 -19.99 -6.88 -26.43
C MET A 1254 -19.76 -5.42 -26.18
N VAL A 1255 -18.49 -5.06 -26.00
CA VAL A 1255 -18.12 -3.69 -25.81
C VAL A 1255 -17.41 -3.21 -27.08
N ARG A 1256 -17.75 -1.98 -27.50
CA ARG A 1256 -17.19 -1.36 -28.69
C ARG A 1256 -16.62 0.04 -28.45
N ASP A 1257 -15.54 0.34 -29.17
CA ASP A 1257 -15.08 1.71 -29.34
C ASP A 1257 -14.74 2.37 -28.00
N LYS A 1258 -13.81 1.76 -27.26
CA LYS A 1258 -13.29 2.36 -26.02
C LYS A 1258 -12.08 1.61 -25.45
N TYR A 1259 -11.38 2.25 -24.53
CA TYR A 1259 -10.33 1.59 -23.81
C TYR A 1259 -10.95 0.86 -22.61
N ILE A 1260 -10.31 -0.21 -22.21
CA ILE A 1260 -10.77 -1.03 -21.11
C ILE A 1260 -9.60 -1.38 -20.15
N ASN A 1261 -9.81 -1.32 -18.83
CA ASN A 1261 -8.73 -1.61 -17.87
C ASN A 1261 -8.96 -2.88 -17.04
N ASP A 1262 -7.88 -3.35 -16.42
CA ASP A 1262 -7.78 -4.68 -15.84
C ASP A 1262 -7.36 -4.50 -14.34
N ASP A 1263 -7.72 -5.44 -13.46
CA ASP A 1263 -7.27 -5.40 -12.05
C ASP A 1263 -5.72 -5.37 -11.85
N ALA A 1264 -4.97 -5.96 -12.78
CA ALA A 1264 -3.50 -5.91 -12.75
C ALA A 1264 -2.92 -4.69 -13.48
N ASN A 1265 -3.82 -3.80 -13.93
CA ASN A 1265 -3.44 -2.52 -14.55
C ASN A 1265 -3.07 -2.65 -16.03
N ASN A 1266 -3.54 -3.70 -16.68
CA ASN A 1266 -3.37 -3.86 -18.13
C ASN A 1266 -4.44 -3.07 -18.87
N PHE A 1267 -4.05 -2.42 -19.96
CA PHE A 1267 -4.99 -1.66 -20.78
C PHE A 1267 -5.19 -2.30 -22.15
N TYR A 1268 -6.43 -2.31 -22.62
CA TYR A 1268 -6.78 -2.84 -23.97
C TYR A 1268 -7.69 -1.85 -24.66
N HIS A 1269 -7.70 -1.90 -26.00
CA HIS A 1269 -8.58 -1.04 -26.79
C HIS A 1269 -9.46 -1.87 -27.69
N LEU A 1270 -10.73 -1.46 -27.76
CA LEU A 1270 -11.69 -2.12 -28.64
C LEU A 1270 -12.12 -1.16 -29.73
N ASN A 1271 -11.94 -1.61 -30.98
CA ASN A 1271 -12.33 -0.86 -32.17
C ASN A 1271 -13.84 -0.72 -32.26
N VAL A 1272 -14.31 -0.06 -33.32
CA VAL A 1272 -15.74 0.20 -33.52
C VAL A 1272 -16.48 -1.10 -33.84
N ASP A 1273 -15.90 -1.90 -34.73
CA ASP A 1273 -16.46 -3.20 -35.06
C ASP A 1273 -16.35 -4.23 -33.92
N GLY A 1274 -15.80 -3.83 -32.77
CA GLY A 1274 -15.68 -4.70 -31.59
C GLY A 1274 -14.30 -5.30 -31.36
N THR A 1275 -13.48 -5.39 -32.42
CA THR A 1275 -12.19 -6.08 -32.34
C THR A 1275 -11.22 -5.37 -31.41
N MET A 1276 -10.27 -6.13 -30.87
CA MET A 1276 -9.30 -5.62 -29.91
C MET A 1276 -7.94 -5.36 -30.56
N SER A 1277 -7.60 -4.08 -30.69
CA SER A 1277 -6.29 -3.68 -31.18
C SER A 1277 -5.19 -3.95 -30.12
N ARG A 1278 -5.49 -3.63 -28.84
CA ARG A 1278 -4.56 -3.82 -27.69
C ARG A 1278 -3.15 -3.25 -27.92
N SER B 4 -7.32 -29.96 10.81
CA SER B 4 -7.00 -31.40 10.68
C SER B 4 -5.56 -31.69 11.11
N ASP B 5 -5.33 -32.88 11.63
CA ASP B 5 -3.99 -33.31 12.10
C ASP B 5 -3.08 -33.49 10.90
N PRO B 6 -1.81 -33.00 11.00
CA PRO B 6 -0.84 -33.11 9.88
C PRO B 6 -0.37 -34.54 9.57
N ILE B 7 0.05 -34.75 8.32
CA ILE B 7 0.66 -36.00 7.86
C ILE B 7 1.96 -35.66 7.09
N THR B 8 2.94 -36.56 7.14
CA THR B 8 4.18 -36.48 6.32
C THR B 8 4.54 -37.85 5.75
N GLY B 9 5.39 -37.86 4.73
CA GLY B 9 5.86 -39.10 4.08
C GLY B 9 4.96 -39.71 3.01
N GLY B 10 4.04 -38.92 2.45
CA GLY B 10 3.26 -39.32 1.25
C GLY B 10 3.64 -38.45 0.04
N HIS B 11 3.83 -39.10 -1.10
CA HIS B 11 4.11 -38.41 -2.37
C HIS B 11 2.84 -37.75 -2.98
N TYR B 12 3.05 -36.73 -3.82
CA TYR B 12 1.99 -36.16 -4.67
C TYR B 12 2.03 -36.81 -6.05
N GLU B 13 0.88 -37.20 -6.60
CA GLU B 13 0.82 -37.73 -7.96
C GLU B 13 -0.16 -36.93 -8.79
N ASN B 14 0.10 -36.84 -10.09
CA ASN B 14 -0.80 -36.19 -11.03
C ASN B 14 -1.54 -37.18 -11.96
N HIS B 15 -2.88 -37.18 -11.93
CA HIS B 15 -3.68 -38.02 -12.85
C HIS B 15 -4.70 -37.18 -13.62
N ASN B 16 -4.69 -37.27 -14.95
CA ASN B 16 -5.67 -36.56 -15.81
C ASN B 16 -5.74 -35.06 -15.55
N GLY B 17 -4.60 -34.46 -15.28
CA GLY B 17 -4.55 -33.03 -15.00
C GLY B 17 -4.77 -32.66 -13.54
N TYR B 18 -4.81 -33.62 -12.64
CA TYR B 18 -5.14 -33.32 -11.26
C TYR B 18 -4.13 -33.90 -10.31
N PHE B 19 -3.83 -33.16 -9.26
CA PHE B 19 -3.01 -33.64 -8.16
C PHE B 19 -3.82 -34.51 -7.17
N VAL B 20 -3.27 -35.70 -6.95
CA VAL B 20 -3.72 -36.60 -5.92
C VAL B 20 -2.56 -36.65 -4.91
N TYR B 21 -2.89 -37.04 -3.68
CA TYR B 21 -1.89 -37.26 -2.65
C TYR B 21 -2.09 -38.63 -2.06
N ILE B 22 -1.02 -39.44 -2.13
CA ILE B 22 -1.04 -40.80 -1.59
C ILE B 22 -0.22 -40.84 -0.28
N ASP B 23 -0.93 -41.27 0.78
CA ASP B 23 -0.47 -41.29 2.18
C ASP B 23 0.83 -42.10 2.37
N ALA B 24 1.44 -41.98 3.56
CA ALA B 24 2.47 -42.94 4.01
C ALA B 24 1.91 -44.38 4.08
N SER B 25 0.67 -44.50 4.54
CA SER B 25 -0.12 -45.75 4.52
C SER B 25 -0.22 -46.39 3.10
N GLY B 26 -0.22 -45.58 2.05
CA GLY B 26 -0.41 -46.03 0.66
C GLY B 26 -1.86 -45.89 0.20
N LYS B 27 -2.60 -45.06 0.91
CA LYS B 27 -4.01 -44.85 0.61
C LYS B 27 -4.18 -43.47 -0.03
N GLN B 28 -4.98 -43.44 -1.10
CA GLN B 28 -5.39 -42.19 -1.77
C GLN B 28 -6.23 -41.35 -0.79
N VAL B 29 -6.03 -40.04 -0.80
CA VAL B 29 -6.59 -39.17 0.22
C VAL B 29 -7.79 -38.35 -0.28
N THR B 30 -8.89 -38.43 0.47
CA THR B 30 -10.03 -37.55 0.28
C THR B 30 -10.18 -36.59 1.47
N GLY B 31 -10.99 -35.55 1.28
CA GLY B 31 -11.37 -34.65 2.36
C GLY B 31 -10.33 -33.59 2.68
N LEU B 32 -10.64 -32.77 3.69
CA LEU B 32 -9.76 -31.71 4.15
C LEU B 32 -8.53 -32.33 4.83
N GLN B 33 -7.33 -31.85 4.49
CA GLN B 33 -6.05 -32.43 5.00
C GLN B 33 -4.94 -31.39 5.19
N ASN B 34 -4.41 -31.27 6.41
CA ASN B 34 -3.19 -30.47 6.64
C ASN B 34 -1.95 -31.32 6.35
N ILE B 35 -1.34 -31.11 5.19
CA ILE B 35 -0.13 -31.85 4.77
C ILE B 35 1.08 -30.91 4.89
N ASP B 36 2.00 -31.25 5.80
CA ASP B 36 3.24 -30.46 6.01
C ASP B 36 2.97 -28.95 6.28
N GLY B 37 1.95 -28.65 7.10
CA GLY B 37 1.64 -27.25 7.44
C GLY B 37 0.75 -26.49 6.45
N ASN B 38 0.30 -27.14 5.38
CA ASN B 38 -0.59 -26.54 4.36
C ASN B 38 -1.95 -27.21 4.35
N LEU B 39 -3.02 -26.43 4.48
CA LEU B 39 -4.38 -26.97 4.54
C LEU B 39 -4.96 -27.10 3.11
N GLN B 40 -5.25 -28.35 2.70
CA GLN B 40 -5.70 -28.67 1.33
C GLN B 40 -6.99 -29.49 1.36
N TYR B 41 -7.66 -29.61 0.23
CA TYR B 41 -8.88 -30.44 0.12
C TYR B 41 -8.86 -31.32 -1.14
N PHE B 42 -9.40 -32.53 -1.00
CA PHE B 42 -9.60 -33.47 -2.12
C PHE B 42 -11.06 -33.96 -2.17
N ASP B 43 -11.68 -33.92 -3.35
CA ASP B 43 -13.06 -34.37 -3.51
C ASP B 43 -13.12 -35.89 -3.32
N ASP B 44 -14.29 -36.50 -3.56
CA ASP B 44 -14.43 -37.97 -3.44
C ASP B 44 -13.62 -38.84 -4.45
N ASN B 45 -13.35 -38.35 -5.66
CA ASN B 45 -12.43 -39.06 -6.59
C ASN B 45 -10.92 -38.97 -6.19
N GLY B 46 -10.57 -38.11 -5.22
CA GLY B 46 -9.21 -38.00 -4.67
C GLY B 46 -8.41 -36.83 -5.25
N TYR B 47 -9.05 -36.09 -6.15
CA TYR B 47 -8.41 -34.94 -6.81
C TYR B 47 -8.36 -33.73 -5.88
N GLN B 48 -7.33 -32.91 -6.07
CA GLN B 48 -7.14 -31.73 -5.25
C GLN B 48 -7.87 -30.53 -5.84
N VAL B 49 -8.45 -29.72 -4.95
CA VAL B 49 -9.25 -28.57 -5.34
C VAL B 49 -8.40 -27.32 -5.27
N LYS B 50 -8.44 -26.54 -6.36
CA LYS B 50 -7.74 -25.27 -6.46
C LYS B 50 -8.68 -24.21 -7.03
N GLY B 51 -8.59 -23.02 -6.46
CA GLY B 51 -9.39 -21.88 -6.88
C GLY B 51 -10.89 -22.08 -6.73
N SER B 52 -11.32 -22.92 -5.80
CA SER B 52 -12.74 -23.12 -5.56
C SER B 52 -13.01 -23.18 -4.05
N PHE B 53 -14.26 -22.97 -3.65
CA PHE B 53 -14.70 -23.05 -2.23
C PHE B 53 -15.24 -24.44 -1.92
N ARG B 54 -14.94 -25.00 -0.75
CA ARG B 54 -15.58 -26.25 -0.30
C ARG B 54 -16.17 -26.13 1.10
N ASP B 55 -17.22 -26.89 1.41
CA ASP B 55 -17.90 -26.83 2.71
C ASP B 55 -17.60 -28.03 3.58
N VAL B 56 -16.84 -27.85 4.66
CA VAL B 56 -16.53 -28.92 5.60
C VAL B 56 -16.92 -28.48 7.02
N ASN B 57 -17.59 -29.33 7.79
CA ASN B 57 -18.10 -28.97 9.14
C ASN B 57 -18.92 -27.68 9.11
N GLY B 58 -18.57 -26.70 9.93
CA GLY B 58 -19.26 -25.42 9.88
C GLY B 58 -18.59 -24.41 8.97
N LYS B 59 -17.56 -24.83 8.23
CA LYS B 59 -16.67 -23.88 7.56
C LYS B 59 -16.83 -23.79 6.04
N HIS B 60 -16.72 -22.58 5.50
CA HIS B 60 -16.76 -22.34 4.06
C HIS B 60 -15.34 -21.94 3.69
N ILE B 61 -14.53 -22.88 3.20
CA ILE B 61 -13.08 -22.63 2.99
C ILE B 61 -12.69 -22.56 1.52
N TYR B 62 -12.10 -21.42 1.12
CA TYR B 62 -11.54 -21.28 -0.22
C TYR B 62 -10.13 -21.85 -0.24
N PHE B 63 -9.72 -22.38 -1.39
CA PHE B 63 -8.39 -22.89 -1.60
C PHE B 63 -7.75 -22.19 -2.82
N ASP B 64 -6.43 -21.94 -2.74
CA ASP B 64 -5.69 -21.10 -3.70
C ASP B 64 -5.66 -21.73 -5.08
N SER B 65 -5.54 -20.89 -6.11
CA SER B 65 -5.61 -21.31 -7.51
C SER B 65 -4.29 -21.93 -8.04
N VAL B 66 -3.18 -21.53 -7.44
CA VAL B 66 -1.84 -22.03 -7.78
C VAL B 66 -1.53 -23.28 -6.93
N THR B 67 -1.55 -23.09 -5.61
CA THR B 67 -1.05 -24.10 -4.66
C THR B 67 -2.13 -25.04 -4.10
N GLY B 68 -3.39 -24.59 -4.13
CA GLY B 68 -4.50 -25.33 -3.50
C GLY B 68 -4.57 -25.22 -1.99
N LYS B 69 -3.93 -24.17 -1.47
CA LYS B 69 -3.80 -23.95 -0.03
C LYS B 69 -4.92 -23.07 0.51
N ALA B 70 -5.46 -23.42 1.68
CA ALA B 70 -6.57 -22.65 2.28
C ALA B 70 -6.18 -21.20 2.56
N SER B 71 -6.96 -20.26 1.98
CA SER B 71 -6.80 -18.83 2.24
C SER B 71 -8.11 -18.01 2.13
N SER B 72 -8.06 -16.78 2.60
CA SER B 72 -9.20 -15.88 2.63
C SER B 72 -9.73 -15.57 1.25
N ASN B 73 -11.06 -15.53 1.14
CA ASN B 73 -11.68 -15.02 -0.06
C ASN B 73 -13.08 -14.50 0.24
N VAL B 74 -13.64 -13.87 -0.77
CA VAL B 74 -15.00 -13.44 -0.76
C VAL B 74 -15.78 -14.34 -1.70
N ASP B 75 -16.88 -14.91 -1.20
CA ASP B 75 -17.78 -15.69 -2.01
C ASP B 75 -19.09 -14.94 -2.13
N ILE B 76 -19.68 -14.97 -3.31
CA ILE B 76 -20.99 -14.43 -3.53
C ILE B 76 -21.96 -15.52 -3.10
N VAL B 77 -22.07 -15.74 -1.79
CA VAL B 77 -23.00 -16.75 -1.29
C VAL B 77 -24.42 -16.29 -1.51
N ASN B 78 -25.20 -17.10 -2.22
CA ASN B 78 -26.54 -16.73 -2.62
C ASN B 78 -26.53 -15.37 -3.28
N GLY B 79 -27.41 -14.47 -2.87
CA GLY B 79 -27.39 -13.13 -3.45
C GLY B 79 -26.18 -12.22 -3.14
N LYS B 80 -25.64 -12.27 -1.94
CA LYS B 80 -24.77 -11.20 -1.46
C LYS B 80 -23.41 -11.67 -0.97
N ALA B 81 -22.41 -10.81 -1.19
CA ALA B 81 -21.03 -11.14 -0.86
C ALA B 81 -20.84 -11.34 0.65
N GLN B 82 -19.95 -12.26 1.00
CA GLN B 82 -19.65 -12.57 2.40
C GLN B 82 -18.20 -12.99 2.48
N GLY B 83 -17.45 -12.42 3.43
CA GLY B 83 -16.01 -12.68 3.53
C GLY B 83 -15.73 -13.94 4.28
N TYR B 84 -14.60 -14.58 4.02
CA TYR B 84 -14.23 -15.79 4.74
C TYR B 84 -12.76 -15.83 4.96
N ASP B 85 -12.35 -16.39 6.08
CA ASP B 85 -10.93 -16.42 6.41
C ASP B 85 -10.30 -17.73 5.96
N ALA B 86 -9.03 -17.92 6.33
CA ALA B 86 -8.30 -19.13 6.00
C ALA B 86 -8.89 -20.36 6.63
N GLN B 87 -9.49 -20.23 7.81
CA GLN B 87 -10.17 -21.35 8.47
C GLN B 87 -11.60 -21.56 8.07
N GLY B 88 -12.13 -20.65 7.25
CA GLY B 88 -13.47 -20.79 6.68
C GLY B 88 -14.58 -20.15 7.50
N ASN B 89 -14.24 -19.19 8.37
CA ASN B 89 -15.21 -18.50 9.20
C ASN B 89 -15.72 -17.23 8.52
N GLN B 90 -17.04 -17.01 8.58
CA GLN B 90 -17.59 -15.76 8.05
C GLN B 90 -17.05 -14.61 8.89
N LEU B 91 -16.44 -13.65 8.20
CA LEU B 91 -15.74 -12.56 8.85
C LEU B 91 -16.70 -11.40 9.13
N LYS B 92 -16.47 -10.77 10.29
CA LYS B 92 -17.18 -9.57 10.76
C LYS B 92 -16.18 -8.46 11.09
N LYS B 93 -16.49 -7.24 10.68
CA LYS B 93 -15.64 -6.06 10.97
C LYS B 93 -14.17 -6.28 10.58
N SER B 94 -13.98 -6.63 9.32
CA SER B 94 -12.67 -6.95 8.79
C SER B 94 -12.65 -6.67 7.28
N TYR B 95 -11.46 -6.31 6.80
CA TYR B 95 -11.19 -6.21 5.37
C TYR B 95 -10.91 -7.63 4.84
N VAL B 96 -11.38 -7.93 3.62
CA VAL B 96 -10.90 -9.10 2.88
C VAL B 96 -10.69 -8.80 1.39
N ALA B 97 -9.58 -9.29 0.86
CA ALA B 97 -9.28 -9.14 -0.54
C ALA B 97 -9.69 -10.44 -1.17
N ASP B 98 -10.33 -10.35 -2.34
CA ASP B 98 -10.74 -11.55 -3.07
C ASP B 98 -9.63 -12.06 -4.03
N SER B 99 -9.93 -13.07 -4.83
CA SER B 99 -8.94 -13.64 -5.76
C SER B 99 -8.38 -12.63 -6.75
N SER B 100 -9.20 -11.72 -7.25
CA SER B 100 -8.75 -10.68 -8.21
C SER B 100 -8.00 -9.49 -7.57
N GLY B 101 -7.74 -9.55 -6.27
CA GLY B 101 -7.09 -8.45 -5.57
C GLY B 101 -8.00 -7.29 -5.28
N GLN B 102 -9.31 -7.51 -5.28
CA GLN B 102 -10.30 -6.49 -4.92
C GLN B 102 -10.64 -6.60 -3.42
N THR B 103 -10.91 -5.46 -2.78
CA THR B 103 -11.07 -5.41 -1.33
C THR B 103 -12.49 -4.98 -0.94
N TYR B 104 -13.08 -5.74 -0.01
CA TYR B 104 -14.36 -5.43 0.63
C TYR B 104 -14.16 -5.21 2.11
N TYR B 105 -15.03 -4.43 2.75
CA TYR B 105 -15.04 -4.38 4.21
C TYR B 105 -16.38 -4.84 4.70
N PHE B 106 -16.36 -5.89 5.50
CA PHE B 106 -17.59 -6.46 6.05
C PHE B 106 -17.80 -5.94 7.45
N ASP B 107 -19.03 -5.48 7.75
CA ASP B 107 -19.35 -4.81 9.01
C ASP B 107 -19.65 -5.80 10.15
N GLY B 108 -20.30 -5.33 11.22
CA GLY B 108 -20.69 -6.20 12.33
C GLY B 108 -21.60 -7.38 11.99
N ASN B 109 -22.44 -7.21 10.98
CA ASN B 109 -23.33 -8.27 10.52
C ASN B 109 -22.79 -9.16 9.38
N GLY B 110 -21.59 -8.85 8.89
CA GLY B 110 -20.92 -9.62 7.82
C GLY B 110 -21.24 -9.09 6.45
N GLN B 111 -22.02 -8.00 6.40
CA GLN B 111 -22.48 -7.44 5.16
C GLN B 111 -21.52 -6.33 4.73
N PRO B 112 -21.13 -6.32 3.45
CA PRO B 112 -20.13 -5.35 3.01
C PRO B 112 -20.65 -3.93 2.97
N LEU B 113 -19.78 -3.00 3.34
CA LEU B 113 -20.12 -1.57 3.36
C LEU B 113 -20.04 -1.04 1.94
N ILE B 114 -20.91 -0.08 1.64
CA ILE B 114 -21.00 0.54 0.33
C ILE B 114 -21.01 2.06 0.50
N GLY B 115 -20.40 2.77 -0.44
CA GLY B 115 -20.35 4.22 -0.38
C GLY B 115 -19.22 4.72 0.51
N LEU B 116 -19.27 6.01 0.81
CA LEU B 116 -18.27 6.67 1.64
C LEU B 116 -18.32 6.12 3.08
N GLN B 117 -17.15 5.84 3.65
CA GLN B 117 -17.06 5.22 4.96
C GLN B 117 -15.83 5.66 5.70
N THR B 118 -15.90 5.71 7.02
CA THR B 118 -14.74 6.02 7.82
C THR B 118 -14.39 4.79 8.62
N ILE B 119 -13.18 4.27 8.43
CA ILE B 119 -12.75 3.05 9.12
C ILE B 119 -11.40 3.30 9.77
N ASP B 120 -11.31 3.06 11.07
CA ASP B 120 -10.10 3.36 11.87
C ASP B 120 -9.52 4.76 11.61
N GLY B 121 -10.40 5.75 11.52
CA GLY B 121 -10.02 7.14 11.21
C GLY B 121 -9.63 7.40 9.77
N ASN B 122 -9.91 6.44 8.88
CA ASN B 122 -9.59 6.56 7.47
C ASN B 122 -10.86 6.62 6.61
N LEU B 123 -10.92 7.65 5.78
CA LEU B 123 -12.04 7.85 4.88
C LEU B 123 -11.82 7.02 3.61
N GLN B 124 -12.83 6.23 3.24
CA GLN B 124 -12.74 5.33 2.07
C GLN B 124 -14.04 5.28 1.27
N TYR B 125 -13.97 4.87 0.01
CA TYR B 125 -15.17 4.77 -0.85
C TYR B 125 -15.37 3.37 -1.38
N PHE B 126 -16.62 2.97 -1.51
CA PHE B 126 -16.95 1.65 -2.00
C PHE B 126 -18.01 1.73 -3.12
N ASN B 127 -17.79 1.03 -4.22
CA ASN B 127 -18.77 0.98 -5.32
C ASN B 127 -20.01 0.22 -4.92
N GLN B 128 -21.04 0.28 -5.76
CA GLN B 128 -22.34 -0.28 -5.39
C GLN B 128 -22.30 -1.81 -5.19
N GLN B 129 -21.25 -2.45 -5.67
CA GLN B 129 -21.06 -3.89 -5.45
C GLN B 129 -20.18 -4.22 -4.25
N GLY B 130 -19.78 -3.20 -3.50
CA GLY B 130 -19.06 -3.37 -2.24
C GLY B 130 -17.54 -3.35 -2.34
N VAL B 131 -17.03 -3.05 -3.54
CA VAL B 131 -15.61 -3.14 -3.81
C VAL B 131 -14.95 -1.81 -3.47
N GLN B 132 -13.71 -1.89 -3.00
CA GLN B 132 -12.96 -0.70 -2.60
C GLN B 132 -12.28 -0.01 -3.77
N ILE B 133 -12.55 1.29 -3.93
CA ILE B 133 -11.87 2.08 -4.92
C ILE B 133 -10.48 2.46 -4.40
N LYS B 134 -9.46 2.12 -5.21
CA LYS B 134 -8.06 2.41 -4.89
C LYS B 134 -7.36 3.07 -6.09
N GLY B 135 -6.62 4.14 -5.85
CA GLY B 135 -5.90 4.83 -6.90
C GLY B 135 -6.79 5.47 -7.95
N GLY B 136 -7.71 6.33 -7.52
CA GLY B 136 -8.47 7.15 -8.46
C GLY B 136 -9.36 8.18 -7.80
N PHE B 137 -9.85 9.12 -8.61
CA PHE B 137 -10.84 10.11 -8.12
C PHE B 137 -12.23 9.50 -8.10
N GLN B 138 -13.15 10.18 -7.42
CA GLN B 138 -14.50 9.66 -7.21
C GLN B 138 -15.44 10.77 -6.77
N ASP B 139 -16.54 10.95 -7.49
CA ASP B 139 -17.45 12.05 -7.18
C ASP B 139 -18.50 11.60 -6.17
N VAL B 140 -18.16 11.66 -4.89
CA VAL B 140 -19.08 11.31 -3.82
C VAL B 140 -19.66 12.62 -3.35
N ASN B 141 -20.98 12.74 -3.38
CA ASN B 141 -21.67 13.96 -2.99
C ASN B 141 -21.32 15.13 -3.91
N ASN B 142 -21.34 16.33 -3.35
CA ASN B 142 -20.91 17.54 -4.05
C ASN B 142 -19.41 17.47 -4.34
N LYS B 143 -18.65 16.87 -3.42
CA LYS B 143 -17.20 16.79 -3.52
C LYS B 143 -16.61 15.76 -4.52
N ARG B 144 -15.31 15.92 -4.76
CA ARG B 144 -14.49 14.99 -5.56
C ARG B 144 -13.21 14.57 -4.81
N ILE B 145 -13.05 13.28 -4.53
CA ILE B 145 -12.01 12.79 -3.62
C ILE B 145 -11.11 11.77 -4.28
N TYR B 146 -9.80 11.92 -4.13
CA TYR B 146 -8.86 10.93 -4.60
C TYR B 146 -8.61 9.92 -3.49
N PHE B 147 -8.50 8.65 -3.86
CA PHE B 147 -8.28 7.57 -2.92
C PHE B 147 -6.99 6.85 -3.25
N ALA B 148 -6.23 6.56 -2.21
CA ALA B 148 -4.83 6.08 -2.35
C ALA B 148 -4.72 4.69 -2.97
N PRO B 149 -3.63 4.44 -3.73
CA PRO B 149 -3.35 3.18 -4.39
C PRO B 149 -3.48 1.93 -3.55
N ASN B 150 -2.93 1.91 -2.35
CA ASN B 150 -2.94 0.65 -1.59
C ASN B 150 -3.80 0.65 -0.35
N THR B 151 -3.82 1.77 0.34
CA THR B 151 -4.63 1.87 1.52
C THR B 151 -6.08 2.15 1.13
N GLY B 152 -6.26 2.90 0.05
CA GLY B 152 -7.57 3.44 -0.33
C GLY B 152 -8.00 4.64 0.47
N ASN B 153 -7.08 5.27 1.20
CA ASN B 153 -7.41 6.42 2.04
C ASN B 153 -7.52 7.73 1.26
N ALA B 154 -8.41 8.60 1.70
CA ALA B 154 -8.56 9.92 1.11
C ALA B 154 -7.28 10.71 1.27
N VAL B 155 -6.83 11.33 0.20
CA VAL B 155 -5.60 12.11 0.19
C VAL B 155 -5.70 13.24 -0.80
N ALA B 156 -4.94 14.28 -0.55
CA ALA B 156 -4.87 15.40 -1.46
C ALA B 156 -4.23 14.92 -2.76
N ASN B 157 -4.73 15.46 -3.86
CA ASN B 157 -4.18 15.14 -5.15
C ASN B 157 -4.51 16.24 -6.14
N THR B 158 -3.72 16.22 -7.21
CA THR B 158 -3.85 17.16 -8.30
C THR B 158 -4.16 16.42 -9.58
N GLU B 159 -5.03 17.02 -10.37
CA GLU B 159 -5.36 16.52 -11.69
C GLU B 159 -5.33 17.71 -12.63
N ILE B 160 -5.26 17.43 -13.93
CA ILE B 160 -5.23 18.49 -14.93
C ILE B 160 -6.65 18.70 -15.54
N ILE B 161 -7.23 19.84 -15.21
CA ILE B 161 -8.56 20.23 -15.68
C ILE B 161 -8.33 21.25 -16.79
N ASN B 162 -9.02 21.07 -17.92
CA ASN B 162 -8.69 21.82 -19.15
C ASN B 162 -7.20 21.59 -19.41
N GLY B 163 -6.41 22.66 -19.53
CA GLY B 163 -4.95 22.54 -19.65
C GLY B 163 -4.14 22.91 -18.41
N LYS B 164 -4.81 23.17 -17.29
CA LYS B 164 -4.14 23.64 -16.06
C LYS B 164 -4.26 22.65 -14.88
N LEU B 165 -3.13 22.40 -14.19
CA LEU B 165 -3.15 21.60 -12.98
C LEU B 165 -4.10 22.24 -11.94
N GLN B 166 -4.87 21.39 -11.24
CA GLN B 166 -5.73 21.82 -10.12
C GLN B 166 -5.44 20.94 -8.92
N GLY B 167 -5.76 21.48 -7.74
CA GLY B 167 -5.48 20.79 -6.47
C GLY B 167 -6.77 20.40 -5.80
N ARG B 168 -6.80 19.18 -5.29
CA ARG B 168 -7.94 18.63 -4.60
C ARG B 168 -7.49 18.14 -3.24
N ASP B 169 -8.17 18.55 -2.18
CA ASP B 169 -7.74 18.15 -0.82
C ASP B 169 -8.29 16.77 -0.39
N ALA B 170 -8.08 16.39 0.87
CA ALA B 170 -8.53 15.09 1.37
C ALA B 170 -10.05 15.03 1.54
N ASN B 171 -10.69 16.17 1.80
CA ASN B 171 -12.15 16.23 1.90
C ASN B 171 -12.88 16.30 0.55
N GLY B 172 -12.13 16.37 -0.56
CA GLY B 172 -12.70 16.43 -1.91
C GLY B 172 -12.98 17.84 -2.39
N ASN B 173 -12.68 18.84 -1.56
CA ASN B 173 -12.83 20.25 -1.93
C ASN B 173 -11.60 20.75 -2.67
N GLN B 174 -11.85 21.56 -3.68
CA GLN B 174 -10.76 22.17 -4.42
C GLN B 174 -10.02 23.16 -3.52
N VAL B 175 -8.73 23.33 -3.77
CA VAL B 175 -7.89 24.20 -2.92
C VAL B 175 -7.72 25.59 -3.56
N LYS B 176 -8.03 26.60 -2.75
CA LYS B 176 -7.94 28.02 -3.11
C LYS B 176 -7.10 28.69 -2.04
N ASN B 177 -6.12 29.48 -2.46
CA ASN B 177 -5.26 30.22 -1.54
C ASN B 177 -4.67 29.29 -0.48
N ALA B 178 -3.87 28.32 -0.93
CA ALA B 178 -3.23 27.35 -0.02
C ALA B 178 -2.27 26.41 -0.73
N PHE B 179 -1.41 25.80 0.09
CA PHE B 179 -0.52 24.73 -0.32
C PHE B 179 -1.26 23.43 -0.32
N SER B 180 -1.02 22.58 -1.31
CA SER B 180 -1.62 21.23 -1.35
C SER B 180 -0.68 20.25 -2.04
N LYS B 181 -0.65 19.00 -1.58
CA LYS B 181 0.24 18.01 -2.17
C LYS B 181 -0.39 17.24 -3.33
N ASP B 182 0.44 16.44 -3.99
CA ASP B 182 -0.03 15.35 -4.88
C ASP B 182 0.49 13.99 -4.39
N VAL B 183 -0.06 12.92 -4.93
CA VAL B 183 0.28 11.56 -4.45
C VAL B 183 1.76 11.24 -4.53
N ALA B 184 2.45 11.72 -5.55
CA ALA B 184 3.88 11.49 -5.65
C ALA B 184 4.67 12.07 -4.44
N GLY B 185 4.20 13.21 -3.91
CA GLY B 185 4.84 13.86 -2.76
C GLY B 185 5.23 15.32 -2.96
N ASN B 186 4.93 15.88 -4.14
CA ASN B 186 5.26 17.27 -4.44
C ASN B 186 4.26 18.22 -3.84
N THR B 187 4.75 19.36 -3.34
CA THR B 187 3.84 20.38 -2.85
C THR B 187 3.70 21.49 -3.90
N PHE B 188 2.49 22.03 -4.04
CA PHE B 188 2.20 23.17 -4.92
C PHE B 188 1.50 24.24 -4.10
N TYR B 189 1.31 25.41 -4.68
CA TYR B 189 0.48 26.44 -4.05
C TYR B 189 -0.57 26.86 -5.06
N PHE B 190 -1.81 27.03 -4.63
CA PHE B 190 -2.89 27.41 -5.54
C PHE B 190 -3.54 28.71 -5.12
N ASP B 191 -3.68 29.64 -6.06
CA ASP B 191 -4.11 31.01 -5.76
C ASP B 191 -5.63 31.12 -5.61
N ALA B 192 -6.14 32.34 -5.44
CA ALA B 192 -7.58 32.60 -5.31
C ALA B 192 -8.39 32.06 -6.49
N ASN B 193 -7.85 32.18 -7.70
CA ASN B 193 -8.49 31.64 -8.91
C ASN B 193 -8.31 30.11 -9.09
N GLY B 194 -7.61 29.44 -8.17
CA GLY B 194 -7.48 27.97 -8.18
C GLY B 194 -6.25 27.45 -8.92
N VAL B 195 -5.58 28.36 -9.63
CA VAL B 195 -4.46 28.03 -10.53
C VAL B 195 -3.15 27.93 -9.77
N MET B 196 -2.34 26.93 -10.12
CA MET B 196 -1.05 26.72 -9.44
C MET B 196 -0.09 27.86 -9.72
N LEU B 197 0.65 28.29 -8.70
CA LEU B 197 1.66 29.34 -8.82
C LEU B 197 3.06 28.76 -9.19
N THR B 198 3.89 29.61 -9.79
CA THR B 198 5.27 29.27 -10.18
C THR B 198 6.28 30.34 -9.70
N GLY B 199 7.56 29.99 -9.70
CA GLY B 199 8.62 30.94 -9.37
C GLY B 199 8.69 31.38 -7.92
N LEU B 200 9.34 32.50 -7.66
CA LEU B 200 9.53 32.99 -6.29
C LEU B 200 8.25 33.65 -5.79
N GLN B 201 7.70 33.19 -4.66
CA GLN B 201 6.42 33.72 -4.12
C GLN B 201 6.41 34.01 -2.63
N THR B 202 5.93 35.20 -2.28
CA THR B 202 5.88 35.65 -0.89
C THR B 202 4.46 35.51 -0.40
N ILE B 203 4.24 34.63 0.55
CA ILE B 203 2.93 34.50 1.14
C ILE B 203 3.04 34.41 2.66
N SER B 204 2.10 35.04 3.36
CA SER B 204 2.09 35.08 4.85
C SER B 204 3.43 35.52 5.45
N GLY B 205 3.97 36.60 4.87
CA GLY B 205 5.26 37.15 5.28
C GLY B 205 6.48 36.27 5.10
N LYS B 206 6.35 35.18 4.32
CA LYS B 206 7.45 34.28 4.02
C LYS B 206 7.57 34.01 2.53
N THR B 207 8.80 33.77 2.09
CA THR B 207 9.11 33.57 0.67
C THR B 207 9.54 32.12 0.37
N TYR B 208 8.85 31.54 -0.61
CA TYR B 208 9.06 30.17 -1.02
C TYR B 208 9.45 30.16 -2.47
N TYR B 209 10.21 29.15 -2.88
CA TYR B 209 10.61 29.05 -4.26
C TYR B 209 9.97 27.84 -4.91
N LEU B 210 9.21 28.11 -5.96
CA LEU B 210 8.57 27.07 -6.73
C LEU B 210 9.27 27.00 -8.08
N ASP B 211 9.64 25.79 -8.49
CA ASP B 211 10.35 25.65 -9.75
C ASP B 211 9.40 25.78 -10.94
N GLU B 212 9.93 25.61 -12.15
CA GLU B 212 9.14 25.69 -13.39
C GLU B 212 7.88 24.80 -13.37
N GLN B 213 8.01 23.60 -12.78
CA GLN B 213 6.91 22.64 -12.64
C GLN B 213 5.91 23.00 -11.53
N GLY B 214 6.25 24.00 -10.71
CA GLY B 214 5.40 24.43 -9.57
C GLY B 214 5.67 23.65 -8.27
N HIS B 215 6.75 22.86 -8.27
CA HIS B 215 7.17 22.10 -7.08
C HIS B 215 7.82 23.03 -6.07
N LEU B 216 7.39 22.93 -4.82
CA LEU B 216 7.99 23.63 -3.71
C LEU B 216 9.33 22.99 -3.44
N ARG B 217 10.39 23.79 -3.40
CA ARG B 217 11.76 23.27 -3.26
C ARG B 217 12.24 23.48 -1.85
N LYS B 218 12.58 22.40 -1.17
CA LYS B 218 13.06 22.49 0.20
C LYS B 218 14.52 22.10 0.22
N ASN B 219 15.27 22.61 1.21
CA ASN B 219 16.73 22.43 1.31
C ASN B 219 17.43 22.76 0.00
N TYR B 220 17.16 23.98 -0.47
CA TYR B 220 17.60 24.48 -1.78
C TYR B 220 18.26 25.84 -1.59
N ALA B 221 19.50 25.95 -2.05
CA ALA B 221 20.22 27.20 -1.99
C ALA B 221 20.26 27.85 -3.36
N GLY B 222 20.06 29.17 -3.42
CA GLY B 222 20.25 29.90 -4.67
C GLY B 222 20.17 31.41 -4.51
N THR B 223 20.72 32.15 -5.47
CA THR B 223 20.62 33.61 -5.45
C THR B 223 19.36 34.04 -6.17
N PHE B 224 18.35 34.35 -5.37
CA PHE B 224 17.01 34.64 -5.85
C PHE B 224 16.75 36.15 -6.06
N ASN B 225 17.00 36.98 -5.05
CA ASN B 225 16.77 38.43 -5.16
C ASN B 225 18.02 39.21 -5.63
N ASN B 226 18.87 38.54 -6.42
CA ASN B 226 20.19 39.06 -6.70
C ASN B 226 21.04 38.96 -5.43
N GLN B 227 20.45 38.31 -4.43
CA GLN B 227 21.04 38.12 -3.13
C GLN B 227 20.78 36.70 -2.70
N PHE B 228 21.76 36.09 -2.03
CA PHE B 228 21.66 34.68 -1.64
C PHE B 228 20.41 34.42 -0.82
N MET B 229 19.85 33.22 -0.96
CA MET B 229 18.69 32.76 -0.17
C MET B 229 18.64 31.24 -0.06
N TYR B 230 18.59 30.74 1.16
CA TYR B 230 18.49 29.30 1.42
C TYR B 230 17.08 28.93 1.84
N PHE B 231 16.47 27.98 1.14
CA PHE B 231 15.08 27.56 1.43
C PHE B 231 15.01 26.36 2.36
N ASP B 232 14.32 26.59 3.46
CA ASP B 232 14.22 25.70 4.62
C ASP B 232 14.02 24.24 4.26
N ALA B 233 14.66 23.34 5.00
CA ALA B 233 14.38 21.90 4.85
C ALA B 233 12.98 21.50 5.38
N ASP B 234 12.49 22.19 6.40
CA ASP B 234 11.19 21.90 7.00
C ASP B 234 10.04 22.32 6.10
N THR B 235 9.93 23.61 5.82
CA THR B 235 8.76 24.16 5.11
C THR B 235 9.06 24.82 3.76
N GLY B 236 10.34 24.92 3.38
CA GLY B 236 10.72 25.64 2.17
C GLY B 236 10.81 27.16 2.24
N ALA B 237 10.70 27.73 3.44
CA ALA B 237 10.70 29.18 3.59
C ALA B 237 12.11 29.75 3.54
N GLY B 238 12.29 30.83 2.77
CA GLY B 238 13.61 31.45 2.51
C GLY B 238 14.20 32.14 3.72
N LYS B 239 15.43 31.76 4.07
CA LYS B 239 16.19 32.49 5.08
C LYS B 239 17.34 33.12 4.34
N THR B 240 17.88 34.20 4.90
CA THR B 240 18.98 34.86 4.24
C THR B 240 20.31 34.17 4.53
N ALA B 241 20.34 33.29 5.53
CA ALA B 241 21.54 32.54 5.93
C ALA B 241 22.70 33.44 6.29
N ILE B 242 22.34 34.58 6.90
CA ILE B 242 23.24 35.62 7.33
C ILE B 242 23.51 35.41 8.79
N GLU B 243 22.48 35.05 9.55
CA GLU B 243 22.65 34.76 10.96
C GLU B 243 23.42 33.49 11.21
N TYR B 244 24.43 33.59 12.05
CA TYR B 244 25.17 32.42 12.46
C TYR B 244 24.24 31.50 13.26
N GLN B 245 24.27 30.21 12.96
CA GLN B 245 23.34 29.25 13.59
C GLN B 245 23.98 28.54 14.77
N PHE B 246 25.27 28.73 14.97
CA PHE B 246 25.93 28.12 16.13
C PHE B 246 25.53 28.91 17.37
N ASP B 247 25.27 28.18 18.45
CA ASP B 247 24.67 28.75 19.67
C ASP B 247 25.67 28.78 20.83
N GLN B 248 26.96 28.59 20.55
CA GLN B 248 27.97 28.44 21.59
C GLN B 248 29.15 29.41 21.40
N GLY B 249 29.18 30.45 22.22
CA GLY B 249 30.25 31.45 22.21
C GLY B 249 31.49 30.89 22.90
N LEU B 250 32.62 31.57 22.74
CA LEU B 250 33.85 31.09 23.35
C LEU B 250 33.69 31.21 24.85
N VAL B 251 33.86 30.11 25.59
CA VAL B 251 33.77 30.14 27.05
C VAL B 251 34.88 29.40 27.70
N SER B 252 35.26 29.85 28.88
CA SER B 252 36.34 29.25 29.61
C SER B 252 35.75 28.20 30.50
N GLN B 253 36.46 27.08 30.61
CA GLN B 253 35.93 25.96 31.32
C GLN B 253 36.53 25.83 32.68
N SER B 254 37.68 26.46 32.90
CA SER B 254 38.36 26.24 34.16
C SER B 254 37.58 26.82 35.34
N ASN B 255 37.58 26.11 36.46
CA ASN B 255 36.86 26.54 37.65
C ASN B 255 37.50 25.92 38.90
N GLU B 256 36.80 25.96 40.04
CA GLU B 256 37.40 25.55 41.31
C GLU B 256 37.75 24.05 41.36
N ASN B 257 37.12 23.26 40.49
CA ASN B 257 37.35 21.83 40.49
C ASN B 257 38.44 21.38 39.50
N THR B 258 38.86 22.24 38.60
CA THR B 258 39.79 21.86 37.56
C THR B 258 41.07 21.30 38.13
N PRO B 259 41.73 22.01 39.05
CA PRO B 259 42.98 21.44 39.58
C PRO B 259 42.80 20.11 40.35
N HIS B 260 41.60 19.88 40.89
CA HIS B 260 41.31 18.64 41.60
C HIS B 260 41.12 17.47 40.63
N ASN B 261 40.35 17.68 39.58
CA ASN B 261 40.11 16.63 38.60
C ASN B 261 41.20 16.48 37.56
N ALA B 262 42.17 17.38 37.51
CA ALA B 262 43.27 17.22 36.59
C ALA B 262 44.08 15.97 36.90
N ALA B 263 44.78 15.50 35.90
CA ALA B 263 45.50 14.27 36.01
C ALA B 263 46.65 14.44 36.98
N LYS B 264 46.86 13.42 37.82
CA LYS B 264 47.98 13.35 38.75
C LYS B 264 49.28 13.36 37.99
N SER B 265 49.28 12.76 36.81
CA SER B 265 50.50 12.53 36.04
C SER B 265 50.13 12.41 34.58
N TYR B 266 51.02 12.79 33.66
CA TYR B 266 50.74 12.65 32.22
C TYR B 266 51.54 11.49 31.62
N ASP B 267 51.19 10.29 32.05
CA ASP B 267 51.92 9.08 31.65
C ASP B 267 51.15 7.81 31.96
N LYS B 268 51.76 6.67 31.69
CA LYS B 268 51.05 5.40 31.80
C LYS B 268 50.60 5.06 33.23
N SER B 269 51.20 5.67 34.24
CA SER B 269 50.81 5.44 35.64
C SER B 269 49.39 5.87 35.90
N SER B 270 49.09 7.09 35.48
CA SER B 270 47.83 7.73 35.81
C SER B 270 46.77 7.61 34.74
N PHE B 271 47.09 6.97 33.61
CA PHE B 271 46.13 6.77 32.52
C PHE B 271 46.09 5.32 32.01
N GLU B 272 44.94 4.69 32.05
CA GLU B 272 44.76 3.39 31.40
C GLU B 272 44.81 3.65 29.92
N ASN B 273 45.59 2.82 29.20
CA ASN B 273 45.85 3.09 27.80
C ASN B 273 46.18 1.86 26.99
N VAL B 274 46.31 2.04 25.68
CA VAL B 274 46.81 1.00 24.77
C VAL B 274 47.88 1.68 23.93
N ASP B 275 49.09 1.15 23.98
CA ASP B 275 50.23 1.72 23.23
C ASP B 275 50.34 3.25 23.41
N GLY B 276 49.97 3.76 24.59
CA GLY B 276 50.06 5.19 24.84
C GLY B 276 48.77 5.96 24.57
N TYR B 277 47.92 5.44 23.70
CA TYR B 277 46.73 6.15 23.32
C TYR B 277 45.64 5.95 24.36
N LEU B 278 44.60 6.79 24.31
CA LEU B 278 43.47 6.69 25.24
C LEU B 278 42.25 6.19 24.51
N THR B 279 41.32 5.61 25.27
CA THR B 279 40.10 5.03 24.72
C THR B 279 38.90 5.58 25.46
N ALA B 280 37.71 5.39 24.91
CA ALA B 280 36.50 5.96 25.50
C ALA B 280 36.28 5.49 26.93
N ASP B 281 36.71 4.26 27.22
CA ASP B 281 36.51 3.65 28.55
C ASP B 281 37.76 3.70 29.41
N THR B 282 38.71 4.53 29.01
CA THR B 282 39.88 4.84 29.84
C THR B 282 39.47 5.40 31.20
N TRP B 283 40.13 4.91 32.24
CA TRP B 283 40.05 5.51 33.56
C TRP B 283 41.40 6.10 33.85
N TYR B 284 41.41 7.18 34.62
CA TYR B 284 42.65 7.89 34.95
C TYR B 284 42.67 8.21 36.44
N ARG B 285 43.82 8.69 36.91
CA ARG B 285 44.00 9.06 38.30
C ARG B 285 43.92 10.58 38.45
N PRO B 286 42.82 11.10 38.99
CA PRO B 286 42.78 12.54 39.19
C PRO B 286 43.67 12.92 40.35
N THR B 287 44.15 14.16 40.36
CA THR B 287 44.98 14.64 41.45
C THR B 287 44.29 14.41 42.80
N ASP B 288 43.04 14.86 42.91
CA ASP B 288 42.24 14.69 44.12
C ASP B 288 40.92 14.01 43.80
N ILE B 289 40.29 13.52 44.86
CA ILE B 289 39.03 12.78 44.78
C ILE B 289 38.01 13.40 45.72
N LEU B 290 36.81 13.67 45.21
CA LEU B 290 35.73 14.21 46.04
C LEU B 290 35.08 13.07 46.81
N LYS B 291 35.78 12.52 47.79
CA LYS B 291 35.27 11.34 48.49
C LYS B 291 33.89 11.65 49.07
N ASN B 292 32.97 10.71 48.85
CA ASN B 292 31.63 10.79 49.41
C ASN B 292 30.84 12.04 48.99
N GLY B 293 31.39 12.79 48.03
CA GLY B 293 30.82 14.08 47.63
C GLY B 293 30.94 15.18 48.66
N ASP B 294 31.89 15.08 49.58
CA ASP B 294 32.02 16.05 50.68
C ASP B 294 33.33 16.76 50.63
N THR B 295 34.40 15.97 50.70
CA THR B 295 35.72 16.50 50.93
C THR B 295 36.71 15.99 49.90
N TRP B 296 37.46 16.93 49.34
CA TRP B 296 38.50 16.61 48.39
C TRP B 296 39.70 16.04 49.10
N THR B 297 40.17 14.89 48.64
CA THR B 297 41.35 14.29 49.24
C THR B 297 42.32 13.86 48.13
N ALA B 298 43.62 14.00 48.41
CA ALA B 298 44.65 13.53 47.49
C ALA B 298 44.39 12.06 47.14
N SER B 299 44.64 11.68 45.90
CA SER B 299 44.35 10.31 45.44
C SER B 299 45.47 9.35 45.74
N THR B 300 45.10 8.10 45.97
CA THR B 300 46.06 6.98 46.05
C THR B 300 46.01 6.18 44.76
N GLU B 301 47.15 5.60 44.40
CA GLU B 301 47.32 4.92 43.11
C GLU B 301 46.14 4.06 42.64
N THR B 302 45.40 3.50 43.58
CA THR B 302 44.22 2.67 43.28
C THR B 302 42.96 3.49 42.94
N ASP B 303 42.93 4.78 43.27
CA ASP B 303 41.76 5.63 43.03
C ASP B 303 41.69 6.07 41.58
N MET B 304 41.27 5.17 40.72
CA MET B 304 41.12 5.48 39.30
C MET B 304 39.68 5.90 39.05
N ARG B 305 39.48 6.81 38.12
CA ARG B 305 38.15 7.28 37.78
C ARG B 305 38.02 7.35 36.28
N PRO B 306 36.80 7.22 35.77
CA PRO B 306 36.60 7.26 34.31
C PRO B 306 36.86 8.62 33.72
N LEU B 307 37.58 8.65 32.61
CA LEU B 307 37.80 9.86 31.88
C LEU B 307 36.51 10.59 31.54
N LEU B 308 35.45 9.86 31.22
CA LEU B 308 34.15 10.49 30.88
C LEU B 308 33.39 11.09 32.05
N MET B 309 33.91 10.94 33.27
CA MET B 309 33.40 11.68 34.44
C MET B 309 33.73 13.16 34.35
N THR B 310 34.81 13.48 33.64
CA THR B 310 35.47 14.78 33.64
C THR B 310 35.69 15.38 32.24
N TRP B 311 35.81 14.57 31.19
CA TRP B 311 36.07 15.09 29.86
C TRP B 311 35.19 14.38 28.83
N TRP B 312 34.93 15.06 27.72
CA TRP B 312 34.11 14.51 26.63
C TRP B 312 34.71 14.97 25.29
N PRO B 313 34.55 14.17 24.24
CA PRO B 313 35.05 14.58 22.94
C PRO B 313 34.27 15.75 22.30
N ASP B 314 33.01 15.89 22.65
CA ASP B 314 32.13 16.87 22.04
C ASP B 314 30.91 17.04 22.93
N LYS B 315 30.14 18.08 22.67
CA LYS B 315 28.98 18.37 23.51
C LYS B 315 27.87 17.32 23.36
N GLN B 316 27.69 16.77 22.15
CA GLN B 316 26.71 15.73 21.90
C GLN B 316 26.95 14.53 22.83
N THR B 317 28.18 14.05 22.86
CA THR B 317 28.57 12.97 23.75
C THR B 317 28.38 13.37 25.20
N GLN B 318 28.78 14.58 25.56
CA GLN B 318 28.63 15.03 26.93
C GLN B 318 27.18 14.97 27.32
N ALA B 319 26.31 15.42 26.43
CA ALA B 319 24.89 15.51 26.77
C ALA B 319 24.33 14.13 26.93
N ASN B 320 24.81 13.21 26.10
CA ASN B 320 24.33 11.83 26.12
C ASN B 320 24.77 11.15 27.39
N TYR B 321 26.03 11.38 27.78
CA TYR B 321 26.55 10.87 29.05
C TYR B 321 25.70 11.32 30.22
N LEU B 322 25.39 12.61 30.26
CA LEU B 322 24.59 13.18 31.35
C LEU B 322 23.19 12.57 31.40
N ASN B 323 22.55 12.46 30.25
CA ASN B 323 21.24 11.86 30.18
C ASN B 323 21.25 10.37 30.58
N PHE B 324 22.25 9.64 30.17
CA PHE B 324 22.34 8.22 30.47
C PHE B 324 22.57 7.99 31.97
N MET B 325 23.51 8.71 32.56
CA MET B 325 23.82 8.56 33.99
C MET B 325 22.70 9.03 34.89
N SER B 326 22.05 10.12 34.50
CA SER B 326 20.81 10.58 35.11
C SER B 326 19.73 9.48 35.21
N SER B 327 19.56 8.71 34.14
CA SER B 327 18.59 7.64 34.09
C SER B 327 18.88 6.51 35.04
N LYS B 328 20.09 6.49 35.60
CA LYS B 328 20.47 5.45 36.55
C LYS B 328 20.40 5.88 38.00
N GLY B 329 19.69 6.98 38.24
CA GLY B 329 19.44 7.48 39.59
C GLY B 329 20.51 8.41 40.10
N LEU B 330 21.37 8.90 39.21
CA LEU B 330 22.50 9.72 39.63
C LEU B 330 22.23 11.20 39.67
N GLY B 331 21.07 11.63 39.25
CA GLY B 331 20.68 13.01 39.46
C GLY B 331 19.36 13.25 38.79
N ILE B 332 18.98 14.53 38.76
CA ILE B 332 17.76 14.94 38.06
C ILE B 332 17.85 14.37 36.66
N THR B 333 16.82 13.64 36.24
CA THR B 333 16.85 13.07 34.91
C THR B 333 16.74 14.20 33.94
N THR B 334 17.61 14.22 32.95
CA THR B 334 17.74 15.38 32.09
C THR B 334 17.60 15.02 30.62
N THR B 335 16.93 15.92 29.90
CA THR B 335 17.03 15.97 28.46
C THR B 335 18.03 17.05 28.13
N TYR B 336 19.26 16.65 27.87
CA TYR B 336 20.22 17.58 27.36
C TYR B 336 20.53 17.32 25.90
N THR B 337 20.82 18.40 25.16
CA THR B 337 21.19 18.30 23.75
C THR B 337 22.57 18.88 23.58
N ALA B 338 23.18 18.63 22.43
CA ALA B 338 24.39 19.36 22.05
C ALA B 338 24.16 20.85 22.02
N ALA B 339 22.93 21.30 21.82
CA ALA B 339 22.61 22.74 21.83
C ALA B 339 22.69 23.38 23.22
N THR B 340 22.56 22.58 24.28
CA THR B 340 22.65 23.07 25.65
C THR B 340 23.97 23.77 25.81
N SER B 341 24.00 24.84 26.61
CA SER B 341 25.20 25.64 26.78
C SER B 341 26.24 24.79 27.46
N GLN B 342 27.50 25.10 27.13
CA GLN B 342 28.59 24.31 27.63
C GLN B 342 28.66 24.39 29.15
N LYS B 343 28.42 25.58 29.67
CA LYS B 343 28.47 25.85 31.10
C LYS B 343 27.49 24.94 31.83
N THR B 344 26.26 24.86 31.30
CA THR B 344 25.22 24.08 31.95
C THR B 344 25.60 22.62 31.96
N LEU B 345 26.16 22.13 30.86
CA LEU B 345 26.53 20.72 30.78
C LEU B 345 27.63 20.39 31.78
N ASN B 346 28.63 21.26 31.87
CA ASN B 346 29.72 21.07 32.83
C ASN B 346 29.25 21.08 34.29
N ASP B 347 28.34 22.01 34.61
CA ASP B 347 27.78 22.08 35.97
C ASP B 347 27.04 20.79 36.27
N ALA B 348 26.33 20.28 35.25
CA ALA B 348 25.55 19.07 35.39
C ALA B 348 26.44 17.87 35.53
N ALA B 349 27.60 17.90 34.90
CA ALA B 349 28.55 16.82 35.01
C ALA B 349 29.09 16.74 36.43
N PHE B 350 29.24 17.88 37.11
CA PHE B 350 29.76 17.88 38.48
C PHE B 350 28.74 17.38 39.49
N VAL B 351 27.47 17.72 39.32
CA VAL B 351 26.44 17.16 40.22
C VAL B 351 26.35 15.65 40.00
N ILE B 352 26.58 15.17 38.78
CA ILE B 352 26.71 13.73 38.54
C ILE B 352 27.98 13.18 39.19
N GLN B 353 29.08 13.91 39.12
CA GLN B 353 30.31 13.45 39.75
C GLN B 353 30.10 13.30 41.25
N THR B 354 29.47 14.28 41.88
CA THR B 354 29.15 14.19 43.30
C THR B 354 28.35 12.90 43.55
N ALA B 355 27.26 12.74 42.82
CA ALA B 355 26.42 11.56 42.97
C ALA B 355 27.22 10.27 42.82
N ILE B 356 28.17 10.29 41.90
CA ILE B 356 28.99 9.11 41.67
C ILE B 356 29.79 8.78 42.91
N GLU B 357 30.40 9.79 43.52
CA GLU B 357 31.26 9.52 44.65
C GLU B 357 30.46 9.02 45.85
N GLN B 358 29.19 9.40 45.91
CA GLN B 358 28.27 8.95 46.96
C GLN B 358 27.91 7.49 46.82
N GLN B 359 27.63 7.04 45.60
CA GLN B 359 27.34 5.62 45.37
C GLN B 359 28.61 4.76 45.46
N ILE B 360 29.79 5.37 45.32
CA ILE B 360 31.04 4.63 45.53
C ILE B 360 31.25 4.42 47.01
N SER B 361 30.96 5.42 47.83
CA SER B 361 31.02 5.25 49.29
C SER B 361 29.95 4.29 49.80
N LEU B 362 28.74 4.43 49.28
CA LEU B 362 27.61 3.58 49.67
C LEU B 362 27.86 2.11 49.32
N LYS B 363 28.33 1.84 48.10
CA LYS B 363 28.63 0.47 47.68
C LYS B 363 30.04 -0.04 48.03
N LYS B 364 30.97 0.87 48.38
CA LYS B 364 32.39 0.53 48.60
C LYS B 364 33.02 -0.21 47.40
N SER B 365 32.59 0.14 46.19
CA SER B 365 32.98 -0.56 44.97
C SER B 365 32.96 0.40 43.80
N THR B 366 33.76 0.11 42.77
CA THR B 366 33.71 0.86 41.50
C THR B 366 33.29 -0.01 40.32
N GLU B 367 32.98 -1.28 40.59
CA GLU B 367 32.65 -2.21 39.50
C GLU B 367 31.34 -1.82 38.85
N TRP B 368 30.42 -1.33 39.67
CA TRP B 368 29.13 -0.87 39.17
C TRP B 368 29.32 0.22 38.12
N LEU B 369 30.32 1.07 38.33
CA LEU B 369 30.63 2.17 37.43
C LEU B 369 31.30 1.67 36.16
N ARG B 370 32.23 0.73 36.29
CA ARG B 370 32.84 0.11 35.11
C ARG B 370 31.79 -0.38 34.13
N ASP B 371 30.77 -1.03 34.68
CA ASP B 371 29.67 -1.57 33.89
C ASP B 371 28.81 -0.45 33.30
N ALA B 372 28.61 0.61 34.06
CA ALA B 372 27.83 1.74 33.59
C ALA B 372 28.54 2.46 32.45
N ILE B 373 29.85 2.64 32.59
CA ILE B 373 30.65 3.28 31.56
C ILE B 373 30.68 2.40 30.32
N ASP B 374 31.04 1.13 30.49
CA ASP B 374 31.04 0.19 29.36
C ASP B 374 29.74 0.25 28.55
N SER B 375 28.61 0.21 29.26
CA SER B 375 27.29 0.24 28.62
C SER B 375 27.05 1.53 27.89
N PHE B 376 27.39 2.64 28.55
CA PHE B 376 27.22 3.95 27.93
C PHE B 376 28.06 4.08 26.65
N VAL B 377 29.30 3.61 26.73
CA VAL B 377 30.22 3.77 25.63
C VAL B 377 29.71 3.08 24.40
N LYS B 378 29.11 1.90 24.57
CA LYS B 378 28.62 1.11 23.43
C LYS B 378 27.41 1.73 22.77
N THR B 379 26.71 2.59 23.52
CA THR B 379 25.58 3.39 23.04
C THR B 379 25.96 4.32 21.91
N GLN B 380 27.18 4.82 21.92
CA GLN B 380 27.58 5.86 21.00
C GLN B 380 28.11 5.32 19.69
N ALA B 381 27.60 5.87 18.59
CA ALA B 381 27.93 5.41 17.24
C ALA B 381 29.43 5.41 16.96
N ASN B 382 30.13 6.43 17.40
CA ASN B 382 31.58 6.47 17.21
C ASN B 382 32.34 5.41 17.99
N TRP B 383 31.67 4.83 18.97
CA TRP B 383 32.24 3.78 19.80
C TRP B 383 31.53 2.42 19.67
N ASN B 384 30.90 2.18 18.52
CA ASN B 384 30.34 0.86 18.21
C ASN B 384 30.34 0.55 16.69
N LYS B 385 29.68 -0.53 16.27
CA LYS B 385 29.80 -0.97 14.88
C LYS B 385 29.15 -0.05 13.83
N GLN B 386 28.37 0.91 14.30
CA GLN B 386 27.62 1.77 13.39
C GLN B 386 28.55 2.60 12.56
N THR B 387 29.72 2.90 13.11
CA THR B 387 30.76 3.60 12.36
C THR B 387 31.78 2.65 11.70
N GLU B 388 31.48 1.35 11.69
CA GLU B 388 32.37 0.36 11.11
C GLU B 388 31.86 -0.16 9.77
N ASP B 389 30.68 0.26 9.34
CA ASP B 389 30.14 -0.13 8.03
C ASP B 389 30.01 -1.64 7.83
N GLU B 390 29.37 -2.30 8.79
CA GLU B 390 29.08 -3.72 8.68
C GLU B 390 28.47 -3.96 7.32
N ALA B 391 28.94 -5.00 6.66
CA ALA B 391 28.40 -5.45 5.38
C ALA B 391 28.50 -6.98 5.34
N PHE B 392 27.65 -7.62 4.54
CA PHE B 392 27.70 -9.07 4.47
C PHE B 392 27.86 -9.64 3.06
N ASP B 393 28.31 -8.84 2.12
CA ASP B 393 28.39 -9.37 0.79
C ASP B 393 29.78 -9.99 0.61
N GLY B 394 29.86 -11.05 -0.19
CA GLY B 394 31.10 -11.81 -0.34
C GLY B 394 31.48 -12.46 0.98
N LEU B 395 32.77 -12.69 1.18
CA LEU B 395 33.24 -13.38 2.37
C LEU B 395 32.94 -12.61 3.65
N GLN B 396 32.56 -11.35 3.48
CA GLN B 396 32.12 -10.53 4.60
C GLN B 396 30.91 -11.17 5.27
N TRP B 397 30.20 -12.00 4.52
CA TRP B 397 29.08 -12.78 5.01
C TRP B 397 29.37 -13.48 6.35
N LEU B 398 30.62 -13.84 6.57
CA LEU B 398 30.96 -14.70 7.67
C LEU B 398 30.92 -13.96 8.98
N GLN B 399 31.56 -12.79 9.00
CA GLN B 399 31.79 -12.05 10.24
C GLN B 399 31.44 -10.53 10.27
N GLY B 400 30.99 -10.03 9.13
CA GLY B 400 30.47 -8.69 9.05
C GLY B 400 31.38 -7.65 8.44
N GLY B 401 32.60 -8.01 8.06
CA GLY B 401 33.48 -7.05 7.37
C GLY B 401 34.89 -6.97 7.93
N PHE B 402 35.79 -6.38 7.16
CA PHE B 402 37.21 -6.47 7.47
C PHE B 402 37.87 -5.13 7.53
N LEU B 403 38.95 -5.09 8.32
CA LEU B 403 39.87 -3.96 8.40
C LEU B 403 41.24 -4.39 7.94
N ALA B 404 41.85 -3.62 7.06
CA ALA B 404 43.24 -3.85 6.65
C ALA B 404 44.17 -2.96 7.46
N TYR B 405 45.18 -3.53 8.09
CA TYR B 405 46.12 -2.75 8.85
C TYR B 405 47.09 -2.06 7.90
N GLN B 406 47.58 -0.88 8.32
CA GLN B 406 48.44 -0.03 7.48
C GLN B 406 49.81 0.19 8.12
N ASP B 407 50.80 0.43 7.25
CA ASP B 407 52.16 0.75 7.67
C ASP B 407 52.22 2.22 7.96
N ASP B 408 52.28 2.58 9.24
CA ASP B 408 52.19 3.98 9.65
C ASP B 408 53.17 4.23 10.78
N SER B 409 54.44 4.43 10.39
CA SER B 409 55.55 4.59 11.30
C SER B 409 55.43 5.82 12.21
N HIS B 410 54.73 6.86 11.75
CA HIS B 410 54.60 8.06 12.57
C HIS B 410 53.68 7.84 13.82
N ARG B 411 52.49 7.25 13.62
CA ARG B 411 51.52 7.10 14.71
C ARG B 411 51.49 5.75 15.42
N THR B 412 51.87 4.69 14.70
CA THR B 412 51.65 3.35 15.19
C THR B 412 52.78 2.44 14.73
N PRO B 413 54.00 2.76 15.14
CA PRO B 413 55.21 2.14 14.58
C PRO B 413 55.41 0.66 14.92
N ASN B 414 54.94 0.21 16.08
CA ASN B 414 55.04 -1.22 16.45
C ASN B 414 54.26 -2.07 15.47
N THR B 415 53.28 -1.47 14.81
CA THR B 415 52.32 -2.14 13.94
C THR B 415 52.76 -2.09 12.47
N ASP B 416 53.84 -1.38 12.19
CA ASP B 416 54.40 -1.28 10.84
C ASP B 416 54.91 -2.66 10.43
N SER B 417 54.62 -3.06 9.19
CA SER B 417 55.01 -4.39 8.71
C SER B 417 56.31 -4.40 7.89
N GLY B 418 56.95 -3.28 7.73
CA GLY B 418 58.15 -3.23 6.93
C GLY B 418 57.91 -3.37 5.44
N ASN B 419 56.84 -2.73 4.97
CA ASN B 419 56.45 -2.75 3.58
C ASN B 419 56.17 -4.15 3.05
N ASN B 420 55.50 -4.92 3.88
CA ASN B 420 54.99 -6.21 3.50
C ASN B 420 53.49 -6.09 3.24
N ARG B 421 52.69 -7.00 3.78
CA ARG B 421 51.26 -6.98 3.60
C ARG B 421 50.83 -6.88 2.15
N LYS B 422 51.41 -7.73 1.30
CA LYS B 422 50.91 -7.90 -0.07
C LYS B 422 49.65 -8.72 0.00
N LEU B 423 48.54 -8.13 -0.42
CA LEU B 423 47.25 -8.75 -0.28
C LEU B 423 46.83 -9.46 -1.54
N GLY B 424 46.21 -10.63 -1.38
CA GLY B 424 45.56 -11.33 -2.48
C GLY B 424 46.53 -11.95 -3.46
N ARG B 425 47.67 -12.43 -2.96
CA ARG B 425 48.60 -13.11 -3.82
C ARG B 425 48.25 -14.59 -3.98
N GLN B 426 47.02 -14.87 -4.40
CA GLN B 426 46.56 -16.24 -4.65
C GLN B 426 47.29 -16.74 -5.89
N PRO B 427 47.17 -18.05 -6.21
CA PRO B 427 47.94 -18.59 -7.32
C PRO B 427 47.85 -17.78 -8.63
N ILE B 428 46.63 -17.45 -9.05
CA ILE B 428 46.47 -16.69 -10.28
C ILE B 428 46.92 -15.24 -10.16
N ASN B 429 47.18 -14.76 -8.95
CA ASN B 429 47.70 -13.40 -8.76
C ASN B 429 48.95 -13.37 -7.89
N ILE B 430 49.75 -14.42 -8.00
CA ILE B 430 50.91 -14.56 -7.12
C ILE B 430 51.87 -13.38 -7.29
N ASP B 431 51.93 -12.81 -8.51
CA ASP B 431 52.81 -11.68 -8.80
C ASP B 431 52.13 -10.29 -8.73
N GLY B 432 50.91 -10.21 -8.20
CA GLY B 432 50.18 -8.96 -8.14
C GLY B 432 49.66 -8.39 -9.46
N SER B 433 49.88 -9.09 -10.57
CA SER B 433 49.58 -8.53 -11.90
C SER B 433 48.08 -8.44 -12.17
N LYS B 434 47.26 -9.02 -11.29
CA LYS B 434 45.82 -8.85 -11.34
C LYS B 434 45.24 -8.06 -10.14
N ASP B 435 46.04 -7.19 -9.49
CA ASP B 435 45.60 -6.47 -8.28
C ASP B 435 44.40 -5.57 -8.52
N THR B 436 44.29 -5.07 -9.74
CA THR B 436 43.22 -4.13 -10.10
C THR B 436 41.92 -4.80 -10.56
N THR B 437 41.90 -6.13 -10.68
CA THR B 437 40.75 -6.86 -11.18
C THR B 437 40.18 -7.78 -10.10
N ASP B 438 39.13 -8.52 -10.43
CA ASP B 438 38.58 -9.52 -9.51
C ASP B 438 39.52 -10.69 -9.28
N GLY B 439 40.56 -10.78 -10.11
CA GLY B 439 41.56 -11.82 -9.99
C GLY B 439 42.49 -11.64 -8.81
N LYS B 440 42.41 -10.48 -8.17
CA LYS B 440 43.08 -10.33 -6.90
C LYS B 440 42.42 -11.23 -5.87
N GLY B 441 43.24 -11.88 -5.08
CA GLY B 441 42.75 -12.84 -4.13
C GLY B 441 42.00 -12.26 -2.98
N SER B 442 40.96 -12.98 -2.53
CA SER B 442 40.23 -12.58 -1.34
C SER B 442 41.05 -12.96 -0.12
N GLU B 443 41.98 -12.08 0.28
CA GLU B 443 42.96 -12.38 1.35
C GLU B 443 42.29 -12.51 2.70
N PHE B 444 41.17 -11.81 2.86
CA PHE B 444 40.49 -11.76 4.13
C PHE B 444 39.33 -12.71 4.15
N LEU B 445 39.31 -13.54 5.17
CA LEU B 445 38.37 -14.61 5.26
C LEU B 445 37.78 -14.60 6.64
N LEU B 446 38.61 -14.91 7.62
CA LEU B 446 38.16 -15.05 8.98
C LEU B 446 39.22 -14.52 9.91
N ALA B 447 38.72 -14.09 11.06
CA ALA B 447 39.50 -13.75 12.22
C ALA B 447 40.67 -12.80 11.90
N ASN B 448 41.79 -13.01 12.58
CA ASN B 448 43.01 -12.26 12.33
C ASN B 448 43.77 -12.85 11.17
N ASP B 449 43.82 -12.14 10.05
CA ASP B 449 44.43 -12.69 8.86
C ASP B 449 45.95 -12.47 8.95
N ILE B 450 46.69 -13.57 8.93
CA ILE B 450 48.14 -13.58 9.02
C ILE B 450 48.78 -13.11 7.70
N ASP B 451 49.82 -12.29 7.83
CA ASP B 451 50.54 -11.75 6.67
C ASP B 451 51.57 -12.75 6.16
N ASN B 452 51.11 -13.66 5.31
CA ASN B 452 51.99 -14.68 4.73
C ASN B 452 52.86 -14.17 3.56
N SER B 453 52.80 -12.87 3.27
CA SER B 453 53.70 -12.23 2.28
C SER B 453 55.01 -11.74 2.90
N ASN B 454 55.07 -11.81 4.22
CA ASN B 454 56.26 -11.44 4.97
C ASN B 454 57.24 -12.62 5.12
N PRO B 455 58.47 -12.48 4.60
CA PRO B 455 59.47 -13.52 4.73
C PRO B 455 59.64 -14.11 6.13
N ILE B 456 59.57 -13.29 7.15
CA ILE B 456 59.72 -13.81 8.51
C ILE B 456 58.58 -14.74 8.88
N VAL B 457 57.37 -14.37 8.47
CA VAL B 457 56.19 -15.15 8.74
C VAL B 457 56.24 -16.43 7.91
N GLN B 458 56.76 -16.34 6.68
CA GLN B 458 56.87 -17.51 5.80
C GLN B 458 57.74 -18.56 6.45
N ALA B 459 58.85 -18.12 7.04
CA ALA B 459 59.76 -19.02 7.77
C ALA B 459 59.06 -19.67 8.94
N GLU B 460 58.25 -18.90 9.67
CA GLU B 460 57.50 -19.45 10.79
C GLU B 460 56.49 -20.49 10.37
N GLN B 461 55.87 -20.30 9.20
CA GLN B 461 54.92 -21.29 8.69
C GLN B 461 55.64 -22.58 8.34
N LEU B 462 56.88 -22.46 7.89
CA LEU B 462 57.72 -23.64 7.65
C LEU B 462 58.10 -24.35 8.95
N ASN B 463 58.41 -23.58 9.98
CA ASN B 463 58.69 -24.15 11.28
C ASN B 463 57.49 -24.96 11.76
N TRP B 464 56.30 -24.38 11.64
CA TRP B 464 55.09 -25.07 12.02
C TRP B 464 54.90 -26.35 11.19
N LEU B 465 55.17 -26.24 9.90
CA LEU B 465 55.04 -27.35 9.00
C LEU B 465 55.97 -28.45 9.41
N HIS B 466 57.21 -28.12 9.75
CA HIS B 466 58.15 -29.11 10.22
C HIS B 466 57.65 -29.75 11.50
N TYR B 467 57.17 -28.93 12.41
CA TYR B 467 56.65 -29.42 13.68
C TYR B 467 55.55 -30.46 13.48
N LEU B 468 54.68 -30.26 12.50
CA LEU B 468 53.60 -31.22 12.29
C LEU B 468 54.13 -32.50 11.66
N MET B 469 55.04 -32.36 10.69
CA MET B 469 55.59 -33.50 9.96
C MET B 469 56.54 -34.32 10.85
N ASN B 470 56.95 -33.75 11.97
CA ASN B 470 57.70 -34.50 12.95
C ASN B 470 57.02 -34.43 14.30
N PHE B 471 55.70 -34.38 14.34
CA PHE B 471 55.00 -34.14 15.60
C PHE B 471 55.36 -35.17 16.62
N GLY B 472 55.30 -36.43 16.22
CA GLY B 472 55.61 -37.56 17.11
C GLY B 472 57.03 -37.57 17.64
N SER B 473 58.00 -37.30 16.77
CA SER B 473 59.39 -37.23 17.18
C SER B 473 59.62 -36.18 18.25
N ILE B 474 59.02 -35.02 18.05
CA ILE B 474 59.25 -33.86 18.89
C ILE B 474 58.51 -33.96 20.23
N THR B 475 57.26 -34.43 20.21
CA THR B 475 56.43 -34.44 21.40
C THR B 475 56.37 -35.76 22.18
N GLY B 476 56.75 -36.87 21.53
CA GLY B 476 56.80 -38.17 22.23
C GLY B 476 58.03 -39.06 21.97
N ASN B 477 59.08 -38.48 21.38
CA ASN B 477 60.15 -39.26 20.79
C ASN B 477 59.64 -40.60 20.22
N ASN B 478 58.55 -40.50 19.45
CA ASN B 478 57.92 -41.64 18.79
C ASN B 478 57.95 -41.41 17.27
N ASP B 479 59.01 -41.89 16.61
CA ASP B 479 59.19 -41.68 15.18
C ASP B 479 58.12 -42.36 14.31
N ASN B 480 57.19 -43.09 14.92
CA ASN B 480 56.05 -43.65 14.20
C ASN B 480 54.74 -42.86 14.39
N ALA B 481 54.80 -41.74 15.09
CA ALA B 481 53.60 -41.00 15.35
C ALA B 481 53.64 -39.66 14.64
N ASN B 482 54.19 -39.64 13.43
CA ASN B 482 54.36 -38.40 12.68
C ASN B 482 53.43 -38.31 11.50
N PHE B 483 52.89 -37.13 11.25
CA PHE B 483 52.04 -36.92 10.07
C PHE B 483 52.89 -37.16 8.81
N ASP B 484 52.24 -37.63 7.76
CA ASP B 484 52.93 -37.95 6.52
C ASP B 484 52.76 -36.87 5.47
N GLY B 485 51.63 -36.20 5.46
CA GLY B 485 51.28 -35.27 4.39
C GLY B 485 50.39 -34.20 4.92
N ILE B 486 49.98 -33.26 4.08
CA ILE B 486 49.22 -32.09 4.52
C ILE B 486 48.05 -31.77 3.61
N ARG B 487 47.08 -31.09 4.19
CA ARG B 487 46.03 -30.39 3.45
C ARG B 487 46.25 -28.91 3.66
N VAL B 488 46.30 -28.14 2.58
CA VAL B 488 46.54 -26.70 2.68
C VAL B 488 45.22 -25.97 2.71
N ASP B 489 44.85 -25.45 3.88
CA ASP B 489 43.54 -24.79 4.10
C ASP B 489 43.55 -23.41 3.47
N ALA B 490 42.49 -23.15 2.71
CA ALA B 490 42.21 -21.80 2.24
C ALA B 490 43.31 -21.27 1.34
N VAL B 491 43.65 -22.05 0.33
CA VAL B 491 44.72 -21.69 -0.59
C VAL B 491 44.55 -20.34 -1.25
N ASP B 492 43.33 -20.03 -1.66
CA ASP B 492 43.08 -18.80 -2.38
C ASP B 492 43.00 -17.57 -1.47
N ASN B 493 43.06 -17.76 -0.16
CA ASN B 493 43.02 -16.68 0.82
C ASN B 493 44.38 -16.33 1.46
N VAL B 494 45.44 -16.85 0.86
CA VAL B 494 46.80 -16.66 1.37
C VAL B 494 47.74 -16.46 0.21
N ASP B 495 48.95 -16.06 0.56
CA ASP B 495 50.02 -15.82 -0.39
C ASP B 495 50.48 -17.17 -0.90
N ALA B 496 50.40 -17.32 -2.21
CA ALA B 496 50.67 -18.60 -2.86
C ALA B 496 52.10 -19.10 -2.75
N ASP B 497 53.02 -18.27 -2.29
CA ASP B 497 54.35 -18.75 -1.92
C ASP B 497 54.32 -19.94 -0.98
N LEU B 498 53.31 -20.02 -0.13
CA LEU B 498 53.22 -21.10 0.83
C LEU B 498 53.18 -22.48 0.16
N LEU B 499 52.69 -22.52 -1.06
CA LEU B 499 52.66 -23.78 -1.79
C LEU B 499 54.06 -24.23 -2.16
N LYS B 500 54.86 -23.27 -2.62
CA LYS B 500 56.24 -23.53 -3.00
C LYS B 500 57.07 -23.90 -1.78
N ILE B 501 56.88 -23.18 -0.69
CA ILE B 501 57.61 -23.45 0.54
C ILE B 501 57.33 -24.86 1.00
N ALA B 502 56.06 -25.25 1.01
CA ALA B 502 55.69 -26.57 1.41
C ALA B 502 56.24 -27.64 0.44
N GLY B 503 56.09 -27.37 -0.86
CA GLY B 503 56.54 -28.29 -1.90
C GLY B 503 58.02 -28.59 -1.80
N ASP B 504 58.79 -27.53 -1.69
CA ASP B 504 60.24 -27.63 -1.64
C ASP B 504 60.75 -28.29 -0.38
N TYR B 505 60.03 -28.11 0.73
CA TYR B 505 60.34 -28.79 1.99
C TYR B 505 60.22 -30.29 1.83
N PHE B 506 59.09 -30.72 1.28
CA PHE B 506 58.87 -32.15 1.01
C PHE B 506 59.88 -32.72 0.03
N LYS B 507 60.30 -31.92 -0.96
CA LYS B 507 61.33 -32.37 -1.87
C LYS B 507 62.63 -32.61 -1.13
N ALA B 508 63.02 -31.64 -0.33
CA ALA B 508 64.28 -31.72 0.38
C ALA B 508 64.32 -32.85 1.40
N LEU B 509 63.26 -33.02 2.17
CA LEU B 509 63.25 -34.01 3.26
C LEU B 509 62.83 -35.41 2.87
N TYR B 510 62.01 -35.54 1.84
CA TYR B 510 61.49 -36.85 1.46
C TYR B 510 61.76 -37.26 0.00
N GLY B 511 62.46 -36.42 -0.75
CA GLY B 511 62.76 -36.69 -2.16
C GLY B 511 61.56 -37.01 -2.99
N THR B 512 60.51 -36.23 -2.82
CA THR B 512 59.26 -36.48 -3.48
C THR B 512 59.36 -36.31 -4.99
N ASP B 513 60.34 -35.52 -5.45
CA ASP B 513 60.55 -35.34 -6.90
C ASP B 513 61.34 -36.46 -7.53
N LYS B 514 61.79 -37.42 -6.71
CA LYS B 514 62.63 -38.51 -7.17
C LYS B 514 61.85 -39.70 -7.79
N SER B 515 60.76 -40.09 -7.16
CA SER B 515 59.96 -41.23 -7.62
C SER B 515 58.49 -41.09 -7.25
N ASP B 516 57.65 -41.88 -7.86
CA ASP B 516 56.27 -41.94 -7.45
C ASP B 516 56.09 -42.56 -6.07
N ALA B 517 56.98 -43.47 -5.66
CA ALA B 517 56.87 -44.11 -4.35
C ALA B 517 57.12 -43.12 -3.24
N ASN B 518 58.10 -42.25 -3.44
CA ASN B 518 58.41 -41.18 -2.48
C ASN B 518 57.31 -40.15 -2.40
N ALA B 519 56.86 -39.71 -3.58
CA ALA B 519 55.80 -38.73 -3.71
C ALA B 519 54.56 -39.25 -3.03
N ASN B 520 54.16 -40.46 -3.39
CA ASN B 520 52.92 -41.03 -2.90
C ASN B 520 52.98 -41.49 -1.43
N LYS B 521 54.17 -41.56 -0.84
CA LYS B 521 54.31 -41.85 0.61
C LYS B 521 53.90 -40.67 1.46
N HIS B 522 53.79 -39.50 0.84
CA HIS B 522 53.43 -38.27 1.53
C HIS B 522 52.33 -37.54 0.75
N LEU B 523 51.20 -38.22 0.61
CA LEU B 523 50.02 -37.67 -0.05
C LEU B 523 49.62 -36.38 0.57
N SER B 524 49.48 -35.36 -0.29
CA SER B 524 49.17 -33.99 0.10
C SER B 524 48.16 -33.36 -0.86
N ILE B 525 47.17 -32.66 -0.27
CA ILE B 525 46.07 -32.07 -1.02
C ILE B 525 45.91 -30.59 -0.76
N LEU B 526 45.25 -29.91 -1.70
CA LEU B 526 44.98 -28.48 -1.65
C LEU B 526 43.50 -28.20 -1.60
N GLU B 527 43.06 -27.28 -0.73
CA GLU B 527 41.72 -26.70 -0.81
C GLU B 527 41.86 -25.47 -1.71
N ASP B 528 41.78 -25.70 -3.03
CA ASP B 528 42.05 -24.69 -4.05
C ASP B 528 40.85 -24.51 -4.99
N TRP B 529 39.93 -23.63 -4.60
CA TRP B 529 38.61 -23.61 -5.24
C TRP B 529 38.60 -22.91 -6.59
N ASN B 530 39.53 -21.99 -6.83
CA ASN B 530 39.43 -21.20 -8.05
C ASN B 530 39.55 -22.10 -9.25
N GLY B 531 38.70 -21.84 -10.24
CA GLY B 531 38.67 -22.64 -11.44
C GLY B 531 39.94 -22.63 -12.25
N LYS B 532 40.86 -21.72 -11.98
CA LYS B 532 42.11 -21.65 -12.72
C LYS B 532 43.30 -22.18 -11.92
N ASP B 533 43.03 -22.67 -10.71
CA ASP B 533 44.07 -23.27 -9.85
C ASP B 533 44.66 -24.59 -10.39
N PRO B 534 43.82 -25.47 -10.93
CA PRO B 534 44.35 -26.71 -11.47
C PRO B 534 45.50 -26.51 -12.42
N GLN B 535 45.39 -25.57 -13.35
CA GLN B 535 46.40 -25.38 -14.38
C GLN B 535 47.64 -24.73 -13.77
N TYR B 536 47.45 -23.82 -12.82
CA TYR B 536 48.56 -23.27 -12.06
C TYR B 536 49.33 -24.39 -11.37
N VAL B 537 48.61 -25.21 -10.58
CA VAL B 537 49.23 -26.25 -9.76
C VAL B 537 50.07 -27.17 -10.64
N ASN B 538 49.54 -27.49 -11.81
CA ASN B 538 50.20 -28.37 -12.75
C ASN B 538 51.43 -27.72 -13.37
N GLN B 539 51.38 -26.43 -13.68
CA GLN B 539 52.55 -25.70 -14.18
C GLN B 539 53.66 -25.74 -13.15
N GLN B 540 53.28 -25.67 -11.88
CA GLN B 540 54.23 -25.69 -10.78
C GLN B 540 54.65 -27.08 -10.34
N GLY B 541 54.23 -28.12 -11.05
CA GLY B 541 54.77 -29.45 -10.82
C GLY B 541 53.98 -30.32 -9.86
N ASN B 542 52.75 -29.93 -9.55
CA ASN B 542 51.89 -30.71 -8.70
C ASN B 542 52.52 -31.19 -7.39
N ALA B 543 53.13 -30.29 -6.62
CA ALA B 543 53.67 -30.68 -5.30
C ALA B 543 52.58 -31.09 -4.32
N GLN B 544 51.38 -30.55 -4.49
CA GLN B 544 50.20 -31.04 -3.78
C GLN B 544 49.09 -31.21 -4.80
N LEU B 545 48.17 -32.12 -4.49
CA LEU B 545 47.13 -32.46 -5.45
C LEU B 545 46.03 -31.43 -5.47
N THR B 546 45.71 -30.93 -6.67
CA THR B 546 44.55 -30.04 -6.84
C THR B 546 43.27 -30.81 -6.59
N MET B 547 42.24 -30.12 -6.12
CA MET B 547 40.91 -30.71 -6.14
C MET B 547 40.41 -30.68 -7.58
N ASP B 548 39.34 -31.44 -7.82
CA ASP B 548 38.68 -31.46 -9.11
C ASP B 548 37.23 -31.10 -8.87
N TYR B 549 36.99 -29.79 -8.81
CA TYR B 549 35.66 -29.27 -8.64
C TYR B 549 34.76 -29.56 -9.85
N THR B 550 35.33 -29.73 -11.04
CA THR B 550 34.50 -29.93 -12.24
C THR B 550 33.63 -31.18 -12.13
N VAL B 551 34.16 -32.24 -11.54
CA VAL B 551 33.37 -33.43 -11.30
C VAL B 551 32.44 -33.26 -10.07
N THR B 552 32.92 -32.60 -9.02
CA THR B 552 32.08 -32.34 -7.83
C THR B 552 30.87 -31.49 -8.21
N SER B 553 31.14 -30.51 -9.08
CA SER B 553 30.11 -29.66 -9.65
C SER B 553 29.06 -30.47 -10.41
N GLN B 554 29.49 -31.36 -11.27
CA GLN B 554 28.57 -32.08 -12.11
C GLN B 554 27.72 -33.04 -11.32
N PHE B 555 28.25 -33.55 -10.21
CA PHE B 555 27.43 -34.35 -9.30
C PHE B 555 26.31 -33.50 -8.74
N GLY B 556 26.63 -32.27 -8.38
CA GLY B 556 25.63 -31.35 -7.92
C GLY B 556 24.48 -31.20 -8.89
N ASN B 557 24.80 -30.93 -10.16
CA ASN B 557 23.79 -30.59 -11.14
C ASN B 557 22.98 -31.76 -11.64
N SER B 558 23.63 -32.92 -11.77
CA SER B 558 23.01 -34.07 -12.40
C SER B 558 22.46 -35.10 -11.43
N LEU B 559 22.91 -35.11 -10.18
CA LEU B 559 22.49 -36.16 -9.23
C LEU B 559 22.17 -35.67 -7.84
N THR B 560 23.12 -34.96 -7.26
CA THR B 560 23.17 -34.66 -5.86
C THR B 560 22.19 -33.58 -5.46
N HIS B 561 21.97 -32.57 -6.32
CA HIS B 561 21.09 -31.45 -5.98
C HIS B 561 19.77 -31.40 -6.74
N GLY B 562 18.70 -31.37 -5.96
CA GLY B 562 17.37 -31.11 -6.47
C GLY B 562 16.55 -32.35 -6.64
N ALA B 563 15.31 -32.29 -6.17
CA ALA B 563 14.40 -33.41 -6.29
C ALA B 563 13.88 -33.61 -7.70
N ASN B 564 13.71 -32.55 -8.48
CA ASN B 564 12.96 -32.68 -9.75
C ASN B 564 13.74 -32.39 -11.02
N ASN B 565 14.43 -31.26 -11.13
CA ASN B 565 15.08 -30.89 -12.40
C ASN B 565 16.55 -30.90 -12.34
N ARG B 566 17.20 -31.71 -13.16
CA ARG B 566 18.64 -31.93 -13.06
C ARG B 566 19.28 -31.92 -14.45
N SER B 567 20.55 -31.53 -14.54
CA SER B 567 21.25 -31.59 -15.82
C SER B 567 21.37 -33.06 -16.19
N ASN B 568 21.32 -33.33 -17.49
CA ASN B 568 21.52 -34.70 -17.96
C ASN B 568 22.87 -35.30 -17.59
N MET B 569 22.87 -36.62 -17.48
CA MET B 569 24.08 -37.36 -17.22
C MET B 569 25.04 -37.16 -18.39
N TRP B 570 24.52 -36.87 -19.58
CA TRP B 570 25.33 -36.48 -20.74
C TRP B 570 26.45 -35.52 -20.37
N TYR B 571 26.18 -34.59 -19.46
CA TYR B 571 27.18 -33.56 -19.11
C TYR B 571 28.43 -34.13 -18.44
N PHE B 572 28.34 -35.29 -17.82
CA PHE B 572 29.52 -35.95 -17.29
C PHE B 572 30.58 -36.29 -18.35
N LEU B 573 30.16 -36.47 -19.59
CA LEU B 573 31.08 -36.88 -20.65
C LEU B 573 32.01 -35.76 -21.07
N ASP B 574 31.47 -34.54 -21.16
CA ASP B 574 32.18 -33.39 -21.73
C ASP B 574 32.65 -33.75 -23.13
N THR B 575 31.69 -34.03 -24.02
CA THR B 575 32.00 -34.40 -25.40
C THR B 575 32.74 -33.31 -26.19
N GLY B 576 32.51 -32.07 -25.80
CA GLY B 576 33.25 -30.93 -26.34
C GLY B 576 34.77 -31.11 -26.31
N TYR B 577 35.22 -32.00 -25.43
CA TYR B 577 36.62 -32.39 -25.37
C TYR B 577 37.11 -32.74 -26.77
N TYR B 578 36.31 -33.51 -27.51
CA TYR B 578 36.64 -33.89 -28.89
C TYR B 578 36.02 -32.90 -29.87
N LEU B 579 36.65 -32.75 -31.05
CA LEU B 579 36.12 -31.85 -32.08
C LEU B 579 34.76 -32.33 -32.53
N ASN B 580 33.74 -31.47 -32.47
CA ASN B 580 32.37 -31.78 -32.90
C ASN B 580 31.77 -32.99 -32.20
N GLY B 581 32.15 -33.16 -30.94
CA GLY B 581 31.69 -34.32 -30.21
C GLY B 581 31.71 -35.55 -31.09
N ASP B 582 32.73 -35.69 -31.95
CA ASP B 582 32.82 -36.84 -32.84
C ASP B 582 33.39 -37.99 -32.01
N LEU B 583 32.48 -38.69 -31.34
CA LEU B 583 32.84 -39.85 -30.57
C LEU B 583 33.26 -40.95 -31.54
N ASN B 584 32.84 -40.86 -32.79
CA ASN B 584 33.33 -41.80 -33.77
C ASN B 584 34.74 -41.48 -34.16
N LYS B 585 35.04 -40.20 -34.37
CA LYS B 585 36.33 -39.77 -34.89
C LYS B 585 37.39 -39.44 -33.81
N LYS B 586 36.93 -38.88 -32.68
CA LYS B 586 37.74 -38.69 -31.46
C LYS B 586 38.98 -37.84 -31.66
N ILE B 587 38.84 -36.72 -32.35
CA ILE B 587 39.95 -35.79 -32.54
C ILE B 587 39.88 -34.78 -31.39
N VAL B 588 40.95 -34.68 -30.60
CA VAL B 588 40.98 -33.83 -29.42
C VAL B 588 40.96 -32.38 -29.89
N ASP B 589 40.24 -31.54 -29.17
CA ASP B 589 40.13 -30.12 -29.52
C ASP B 589 41.24 -29.35 -28.84
N LYS B 590 42.24 -29.04 -29.64
CA LYS B 590 43.47 -28.43 -29.17
C LYS B 590 43.25 -27.03 -28.61
N ASN B 591 42.16 -26.35 -29.02
CA ASN B 591 41.88 -24.96 -28.60
C ASN B 591 40.40 -24.65 -28.32
N ARG B 592 39.98 -24.97 -27.09
CA ARG B 592 38.63 -24.64 -26.61
C ARG B 592 38.67 -23.41 -25.71
N PRO B 593 37.50 -22.76 -25.48
CA PRO B 593 37.38 -21.60 -24.55
C PRO B 593 37.61 -21.83 -23.01
N ASN B 594 38.75 -22.42 -22.60
CA ASN B 594 39.08 -22.63 -21.18
C ASN B 594 37.92 -23.26 -20.35
N SER B 595 37.37 -24.38 -20.84
CA SER B 595 36.16 -25.00 -20.28
C SER B 595 36.26 -26.53 -20.11
N GLY B 596 35.23 -27.11 -19.51
CA GLY B 596 35.07 -28.56 -19.45
C GLY B 596 35.68 -29.23 -18.24
N THR B 597 35.46 -30.53 -18.16
CA THR B 597 35.92 -31.32 -17.04
C THR B 597 37.42 -31.54 -17.14
N LEU B 598 38.05 -31.73 -16.01
CA LEU B 598 39.52 -31.82 -15.92
C LEU B 598 40.12 -33.02 -16.64
N VAL B 599 39.43 -34.17 -16.53
CA VAL B 599 39.91 -35.43 -17.08
C VAL B 599 38.80 -36.03 -17.90
N ASN B 600 39.01 -36.18 -19.19
CA ASN B 600 38.02 -36.84 -20.01
C ASN B 600 38.02 -38.35 -19.77
N ARG B 601 36.83 -38.92 -19.67
CA ARG B 601 36.68 -40.34 -19.37
C ARG B 601 35.81 -41.08 -20.38
N ILE B 602 35.64 -40.48 -21.55
CA ILE B 602 34.82 -41.07 -22.58
C ILE B 602 35.52 -42.31 -23.10
N ALA B 603 36.81 -42.16 -23.42
CA ALA B 603 37.65 -43.27 -23.84
C ALA B 603 39.07 -43.03 -23.37
N ASN B 604 39.26 -43.19 -22.07
CA ASN B 604 40.55 -42.89 -21.43
C ASN B 604 41.38 -44.17 -21.35
N SER B 605 42.33 -44.28 -22.27
CA SER B 605 43.26 -45.42 -22.31
C SER B 605 44.61 -45.15 -21.63
N GLY B 606 44.73 -44.02 -20.92
CA GLY B 606 45.99 -43.64 -20.29
C GLY B 606 47.05 -43.14 -21.24
N ASP B 607 46.68 -42.82 -22.49
CA ASP B 607 47.65 -42.36 -23.51
C ASP B 607 47.92 -40.84 -23.51
N THR B 608 46.98 -40.06 -22.97
CA THR B 608 47.17 -38.61 -22.86
C THR B 608 47.40 -38.21 -21.39
N LYS B 609 48.44 -37.40 -21.16
CA LYS B 609 48.81 -36.95 -19.83
C LYS B 609 47.69 -36.06 -19.27
N VAL B 610 47.40 -36.22 -18.00
CA VAL B 610 46.35 -35.46 -17.38
C VAL B 610 46.75 -34.90 -15.97
N ILE B 611 46.03 -33.91 -15.46
CA ILE B 611 46.43 -33.25 -14.20
C ILE B 611 46.04 -34.07 -12.98
N PRO B 612 47.03 -34.47 -12.17
CA PRO B 612 46.70 -35.31 -11.04
C PRO B 612 45.83 -34.58 -10.04
N ASN B 613 44.91 -35.31 -9.42
CA ASN B 613 43.87 -34.67 -8.60
C ASN B 613 43.16 -35.57 -7.60
N TYR B 614 42.59 -34.96 -6.57
CA TYR B 614 41.64 -35.64 -5.70
C TYR B 614 40.25 -35.13 -5.98
N SER B 615 39.23 -35.96 -5.74
CA SER B 615 37.86 -35.58 -6.05
C SER B 615 36.92 -36.12 -5.00
N PHE B 616 35.78 -35.44 -4.82
CA PHE B 616 34.84 -35.82 -3.79
C PHE B 616 33.42 -35.45 -4.13
N VAL B 617 32.48 -36.07 -3.41
CA VAL B 617 31.07 -35.74 -3.52
C VAL B 617 30.69 -34.69 -2.48
N ARG B 618 31.13 -34.90 -1.25
CA ARG B 618 30.90 -33.98 -0.16
C ARG B 618 32.16 -33.78 0.66
N ALA B 619 32.13 -32.77 1.50
CA ALA B 619 33.25 -32.50 2.38
C ALA B 619 32.74 -31.93 3.69
N HIS B 620 33.63 -31.85 4.68
CA HIS B 620 33.28 -31.24 5.98
C HIS B 620 32.74 -29.83 5.80
N ASP B 621 33.21 -29.18 4.73
CA ASP B 621 32.83 -27.84 4.35
C ASP B 621 32.18 -27.75 2.97
N TYR B 622 31.59 -28.84 2.49
CA TYR B 622 30.83 -28.77 1.23
C TYR B 622 29.60 -29.65 1.32
N ASP B 623 28.44 -29.04 1.06
CA ASP B 623 27.12 -29.65 1.27
C ASP B 623 26.91 -30.20 2.69
N ALA B 624 27.47 -29.54 3.67
CA ALA B 624 27.23 -29.91 5.07
C ALA B 624 26.77 -28.70 5.89
N GLN B 625 27.65 -27.72 6.00
CA GLN B 625 27.43 -26.55 6.86
C GLN B 625 26.15 -25.81 6.55
N ASP B 626 25.84 -25.64 5.28
CA ASP B 626 24.62 -24.91 4.91
C ASP B 626 23.33 -25.71 5.18
N PRO B 627 23.20 -26.92 4.59
CA PRO B 627 22.08 -27.75 4.96
C PRO B 627 21.84 -27.92 6.48
N ILE B 628 22.86 -28.27 7.25
CA ILE B 628 22.65 -28.48 8.70
C ILE B 628 22.08 -27.22 9.36
N ARG B 629 22.51 -26.04 8.91
CA ARG B 629 21.98 -24.78 9.46
C ARG B 629 20.59 -24.44 8.92
N LYS B 630 20.36 -24.58 7.60
CA LYS B 630 19.02 -24.37 7.05
C LYS B 630 18.00 -25.21 7.77
N ALA B 631 18.37 -26.43 8.15
CA ALA B 631 17.49 -27.29 8.95
C ALA B 631 17.17 -26.68 10.31
N MET B 632 18.18 -26.12 10.99
CA MET B 632 17.96 -25.46 12.28
C MET B 632 17.11 -24.20 12.14
N ILE B 633 17.33 -23.46 11.05
CA ILE B 633 16.54 -22.25 10.72
C ILE B 633 15.09 -22.61 10.45
N ASP B 634 14.89 -23.65 9.64
CA ASP B 634 13.57 -24.09 9.25
C ASP B 634 12.72 -24.54 10.43
N HIS B 635 13.35 -25.06 11.49
CA HIS B 635 12.64 -25.52 12.70
C HIS B 635 12.79 -24.52 13.85
N GLY B 636 13.10 -23.28 13.51
CA GLY B 636 13.12 -22.16 14.46
C GLY B 636 14.18 -22.20 15.54
N ILE B 637 15.21 -23.00 15.35
CA ILE B 637 16.23 -23.20 16.40
C ILE B 637 17.19 -22.03 16.45
N ILE B 638 17.45 -21.43 15.30
CA ILE B 638 18.19 -20.17 15.21
C ILE B 638 17.51 -19.36 14.14
N LYS B 639 17.89 -18.09 14.03
CA LYS B 639 17.26 -17.21 13.03
C LYS B 639 18.13 -17.01 11.82
N ASN B 640 19.43 -16.78 12.03
CA ASN B 640 20.38 -16.55 10.95
C ASN B 640 21.51 -17.57 10.82
N MET B 641 22.10 -17.68 9.62
CA MET B 641 23.25 -18.58 9.38
C MET B 641 24.47 -18.19 10.21
N GLN B 642 24.60 -16.88 10.48
CA GLN B 642 25.72 -16.39 11.28
C GLN B 642 25.46 -16.45 12.77
N ASP B 643 24.24 -16.78 13.14
CA ASP B 643 23.84 -16.73 14.52
C ASP B 643 24.59 -17.78 15.36
N THR B 644 24.93 -17.44 16.59
CA THR B 644 25.50 -18.39 17.51
C THR B 644 24.49 -19.41 17.99
N PHE B 645 24.90 -20.69 17.95
CA PHE B 645 24.10 -21.78 18.52
C PHE B 645 24.88 -22.63 19.52
N THR B 646 24.15 -23.17 20.48
CA THR B 646 24.71 -24.00 21.53
C THR B 646 24.77 -25.43 21.00
N PHE B 647 25.53 -26.29 21.67
CA PHE B 647 25.64 -27.70 21.28
C PHE B 647 24.31 -28.43 21.40
N ASP B 648 23.54 -28.14 22.44
CA ASP B 648 22.20 -28.69 22.59
C ASP B 648 21.28 -28.27 21.45
N GLN B 649 21.41 -27.01 21.03
CA GLN B 649 20.67 -26.51 19.88
C GLN B 649 21.07 -27.25 18.65
N LEU B 650 22.36 -27.49 18.47
CA LEU B 650 22.84 -28.30 17.36
C LEU B 650 22.25 -29.72 17.36
N ALA B 651 22.21 -30.37 18.53
CA ALA B 651 21.74 -31.75 18.65
C ALA B 651 20.29 -31.90 18.24
N GLN B 652 19.47 -30.93 18.63
CA GLN B 652 18.06 -30.90 18.29
C GLN B 652 17.86 -30.74 16.80
N GLY B 653 18.60 -29.83 16.20
CA GLY B 653 18.54 -29.60 14.76
C GLY B 653 19.00 -30.83 13.99
N MET B 654 20.02 -31.48 14.53
CA MET B 654 20.56 -32.67 13.92
C MET B 654 19.53 -33.76 13.81
N GLU B 655 18.65 -33.86 14.80
CA GLU B 655 17.58 -34.86 14.76
C GLU B 655 16.67 -34.64 13.57
N PHE B 656 16.45 -33.39 13.17
CA PHE B 656 15.59 -33.07 12.00
C PHE B 656 16.34 -33.35 10.70
N TYR B 657 17.62 -33.00 10.70
CA TYR B 657 18.52 -33.32 9.60
C TYR B 657 18.59 -34.82 9.31
N TYR B 658 18.75 -35.61 10.37
CA TYR B 658 18.76 -37.05 10.24
C TYR B 658 17.39 -37.57 9.70
N LYS B 659 16.30 -37.07 10.25
CA LYS B 659 14.94 -37.48 9.84
C LYS B 659 14.75 -37.24 8.35
N ASP B 660 15.24 -36.10 7.89
CA ASP B 660 15.15 -35.73 6.48
C ASP B 660 16.06 -36.58 5.59
N GLN B 661 17.27 -36.83 6.06
CA GLN B 661 18.23 -37.64 5.33
C GLN B 661 17.73 -39.06 5.05
N GLU B 662 17.14 -39.68 6.07
CA GLU B 662 16.72 -41.08 6.03
C GLU B 662 15.23 -41.24 5.67
N ASN B 663 14.64 -40.16 5.14
CA ASN B 663 13.22 -40.13 4.84
C ASN B 663 12.84 -41.18 3.80
N PRO B 664 11.92 -42.11 4.16
CA PRO B 664 11.49 -43.14 3.21
C PRO B 664 10.75 -42.60 1.99
N SER B 665 10.12 -41.45 2.11
CA SER B 665 9.47 -40.80 0.99
C SER B 665 10.43 -40.67 -0.17
N GLY B 666 11.69 -40.41 0.13
CA GLY B 666 12.72 -40.25 -0.87
C GLY B 666 13.05 -38.81 -1.19
N PHE B 667 12.26 -37.91 -0.63
CA PHE B 667 12.42 -36.50 -0.82
C PHE B 667 13.37 -36.07 0.27
N LYS B 668 14.22 -35.10 -0.08
CA LYS B 668 15.21 -34.51 0.84
C LYS B 668 15.15 -32.98 0.75
N LYS B 669 14.97 -32.32 1.89
CA LYS B 669 14.84 -30.87 1.92
C LYS B 669 16.19 -30.19 2.13
N TYR B 670 16.99 -30.74 3.04
CA TYR B 670 18.32 -30.21 3.32
C TYR B 670 19.42 -31.09 2.75
N ASN B 671 19.24 -32.39 2.83
CA ASN B 671 20.25 -33.37 2.45
C ASN B 671 20.37 -33.58 0.94
N ASP B 672 21.44 -34.27 0.54
CA ASP B 672 21.75 -34.56 -0.88
C ASP B 672 21.14 -35.86 -1.39
N TYR B 673 20.74 -35.83 -2.66
CA TYR B 673 20.13 -36.98 -3.32
C TYR B 673 21.21 -37.83 -3.96
N ASN B 674 20.91 -39.10 -4.15
CA ASN B 674 21.71 -39.99 -5.01
C ASN B 674 23.16 -40.18 -4.58
N LEU B 675 23.40 -40.15 -3.27
CA LEU B 675 24.79 -40.25 -2.80
C LEU B 675 25.46 -41.57 -3.13
N PRO B 676 24.73 -42.67 -2.99
CA PRO B 676 25.29 -43.94 -3.44
C PRO B 676 25.70 -43.92 -4.90
N SER B 677 24.86 -43.37 -5.75
CA SER B 677 25.11 -43.33 -7.19
C SER B 677 26.33 -42.45 -7.49
N ALA B 678 26.41 -41.33 -6.77
CA ALA B 678 27.56 -40.45 -6.88
C ALA B 678 28.87 -41.13 -6.47
N TYR B 679 28.86 -41.86 -5.35
CA TYR B 679 30.04 -42.62 -4.90
C TYR B 679 30.40 -43.72 -5.89
N ALA B 680 29.39 -44.34 -6.50
CA ALA B 680 29.66 -45.37 -7.50
C ALA B 680 30.52 -44.82 -8.62
N MET B 681 30.26 -43.59 -9.03
CA MET B 681 31.02 -42.98 -10.11
C MET B 681 32.36 -42.47 -9.61
N LEU B 682 32.35 -41.82 -8.45
CA LEU B 682 33.57 -41.31 -7.87
C LEU B 682 34.60 -42.41 -7.71
N LEU B 683 34.15 -43.57 -7.24
CA LEU B 683 35.04 -44.64 -6.85
C LEU B 683 35.47 -45.57 -7.99
N THR B 684 34.90 -45.39 -9.19
CA THR B 684 35.29 -46.15 -10.38
C THR B 684 36.04 -45.31 -11.41
N ASN B 685 36.14 -43.99 -11.16
CA ASN B 685 36.82 -43.09 -12.10
C ASN B 685 38.32 -43.28 -12.13
N LYS B 686 38.84 -43.38 -13.34
CA LYS B 686 40.27 -43.40 -13.60
C LYS B 686 40.88 -42.01 -13.40
N ASP B 687 42.17 -41.95 -13.12
CA ASP B 687 42.92 -40.69 -13.00
C ASP B 687 42.32 -39.73 -11.96
N THR B 688 42.21 -40.20 -10.74
CA THR B 688 41.83 -39.39 -9.58
C THR B 688 42.09 -40.17 -8.31
N VAL B 689 42.38 -39.43 -7.25
CA VAL B 689 42.42 -40.00 -5.92
C VAL B 689 41.12 -39.62 -5.26
N PRO B 690 40.21 -40.56 -5.16
CA PRO B 690 38.94 -40.17 -4.56
C PRO B 690 39.03 -39.92 -3.05
N ARG B 691 38.18 -39.03 -2.56
CA ARG B 691 38.08 -38.77 -1.17
C ARG B 691 36.68 -39.00 -0.67
N VAL B 692 36.60 -39.66 0.48
CA VAL B 692 35.33 -40.08 1.08
C VAL B 692 35.06 -39.31 2.36
N TYR B 693 33.85 -38.79 2.48
CA TYR B 693 33.49 -37.93 3.60
C TYR B 693 32.91 -38.73 4.75
N TYR B 694 33.51 -38.60 5.94
CA TYR B 694 33.00 -39.24 7.17
C TYR B 694 31.48 -39.18 7.32
N GLY B 695 30.93 -38.01 7.02
CA GLY B 695 29.50 -37.77 7.16
C GLY B 695 28.58 -38.44 6.17
N ASP B 696 29.13 -39.04 5.13
CA ASP B 696 28.37 -39.90 4.25
C ASP B 696 28.38 -41.34 4.75
N MET B 697 29.30 -41.65 5.67
CA MET B 697 29.47 -42.98 6.22
C MET B 697 28.85 -43.09 7.61
N TYR B 698 29.05 -42.05 8.41
CA TYR B 698 28.47 -41.99 9.74
C TYR B 698 27.74 -40.67 9.88
N LEU B 699 26.86 -40.56 10.87
CA LEU B 699 26.05 -39.37 11.05
C LEU B 699 26.92 -38.22 11.49
N GLU B 700 26.65 -37.05 10.91
CA GLU B 700 27.49 -35.88 11.10
C GLU B 700 27.50 -35.27 12.51
N GLY B 701 26.46 -35.53 13.30
CA GLY B 701 26.39 -35.04 14.67
C GLY B 701 26.62 -36.11 15.73
N GLY B 702 26.47 -35.72 16.98
CA GLY B 702 26.64 -36.65 18.08
C GLY B 702 28.07 -37.13 18.15
N GLN B 703 28.23 -38.37 18.59
CA GLN B 703 29.53 -38.92 18.89
C GLN B 703 30.20 -39.48 17.64
N TYR B 704 31.53 -39.55 17.67
CA TYR B 704 32.30 -40.00 16.52
C TYR B 704 31.99 -41.46 16.28
N MET B 705 31.59 -41.77 15.05
CA MET B 705 31.24 -43.14 14.66
C MET B 705 30.11 -43.74 15.52
N GLU B 706 29.20 -42.90 16.01
CA GLU B 706 28.13 -43.38 16.89
C GLU B 706 27.15 -44.26 16.17
N LYS B 707 26.83 -43.89 14.93
CA LYS B 707 25.82 -44.59 14.14
C LYS B 707 26.05 -44.40 12.66
N GLY B 708 26.05 -45.49 11.92
CA GLY B 708 26.29 -45.44 10.49
C GLY B 708 25.12 -44.80 9.81
N THR B 709 25.34 -44.35 8.58
CA THR B 709 24.29 -43.77 7.78
C THR B 709 23.65 -44.88 6.98
N ILE B 710 22.54 -44.55 6.33
CA ILE B 710 21.89 -45.54 5.46
C ILE B 710 22.72 -45.85 4.22
N TYR B 711 23.62 -44.94 3.84
CA TYR B 711 24.45 -45.16 2.67
C TYR B 711 25.65 -46.08 2.93
N ASN B 712 26.01 -46.26 4.20
CA ASN B 712 27.23 -47.01 4.59
C ASN B 712 27.43 -48.36 3.91
N PRO B 713 26.39 -49.21 3.87
CA PRO B 713 26.58 -50.51 3.24
C PRO B 713 27.05 -50.40 1.79
N VAL B 714 26.38 -49.56 1.02
CA VAL B 714 26.61 -49.47 -0.41
C VAL B 714 27.99 -48.89 -0.68
N ILE B 715 28.33 -47.85 0.03
CA ILE B 715 29.62 -47.20 -0.16
C ILE B 715 30.73 -48.16 0.29
N SER B 716 30.51 -48.88 1.38
CA SER B 716 31.51 -49.82 1.90
C SER B 716 31.79 -50.92 0.89
N ALA B 717 30.72 -51.35 0.23
CA ALA B 717 30.83 -52.39 -0.81
C ALA B 717 31.60 -51.89 -2.02
N LEU B 718 31.25 -50.68 -2.47
CA LEU B 718 31.95 -50.02 -3.55
C LEU B 718 33.45 -49.91 -3.25
N LEU B 719 33.76 -49.59 -2.01
CA LEU B 719 35.14 -49.37 -1.59
C LEU B 719 35.96 -50.66 -1.64
N LYS B 720 35.36 -51.76 -1.18
CA LYS B 720 36.04 -53.04 -1.18
C LYS B 720 36.16 -53.60 -2.59
N ALA B 721 35.13 -53.35 -3.39
CA ALA B 721 35.09 -53.75 -4.79
C ALA B 721 36.17 -52.98 -5.57
N ARG B 722 36.43 -51.74 -5.17
CA ARG B 722 37.43 -50.93 -5.84
C ARG B 722 38.80 -51.58 -5.70
N ILE B 723 39.07 -52.18 -4.54
CA ILE B 723 40.33 -52.87 -4.30
C ILE B 723 40.47 -54.06 -5.25
N LYS B 724 39.40 -54.84 -5.37
CA LYS B 724 39.37 -56.10 -6.14
C LYS B 724 39.33 -55.93 -7.65
N TYR B 725 38.53 -54.99 -8.13
CA TYR B 725 38.21 -54.95 -9.54
C TYR B 725 38.62 -53.70 -10.30
N VAL B 726 38.81 -52.57 -9.64
CA VAL B 726 39.03 -51.32 -10.36
C VAL B 726 40.48 -51.17 -10.82
N SER B 727 40.69 -51.39 -12.11
CA SER B 727 41.91 -51.01 -12.78
C SER B 727 41.72 -50.95 -14.29
N GLY B 728 42.75 -50.56 -15.01
CA GLY B 728 42.70 -50.49 -16.46
C GLY B 728 41.97 -49.28 -16.98
N GLY B 729 41.78 -49.27 -18.28
CA GLY B 729 41.25 -48.10 -18.96
C GLY B 729 39.81 -47.87 -18.58
N GLN B 730 39.27 -46.74 -19.03
CA GLN B 730 37.89 -46.40 -18.76
C GLN B 730 37.19 -45.96 -20.01
N THR B 731 35.89 -46.23 -20.05
CA THR B 731 34.99 -45.61 -20.99
C THR B 731 33.77 -45.15 -20.26
N MET B 732 33.11 -44.19 -20.87
CA MET B 732 31.91 -43.61 -20.31
C MET B 732 31.08 -43.11 -21.48
N ALA B 733 29.79 -43.44 -21.44
CA ALA B 733 28.83 -43.02 -22.46
C ALA B 733 27.47 -42.83 -21.82
N THR B 734 26.54 -42.24 -22.57
CA THR B 734 25.16 -42.05 -22.09
C THR B 734 24.20 -42.29 -23.22
N ASP B 735 23.01 -42.75 -22.88
CA ASP B 735 21.96 -42.92 -23.87
C ASP B 735 21.34 -41.57 -24.15
N SER B 736 22.14 -40.70 -24.74
CA SER B 736 21.79 -39.30 -24.81
C SER B 736 22.82 -38.56 -25.67
N SER B 737 22.37 -37.51 -26.33
CA SER B 737 23.24 -36.74 -27.21
C SER B 737 23.36 -35.25 -26.85
N GLY B 738 22.71 -34.81 -25.76
CA GLY B 738 22.69 -33.39 -25.39
C GLY B 738 21.71 -33.06 -24.28
N LYS B 739 21.22 -31.82 -24.29
CA LYS B 739 20.21 -31.38 -23.31
C LYS B 739 18.90 -32.16 -23.42
N ASP B 740 18.50 -32.47 -24.65
CA ASP B 740 17.14 -32.96 -24.91
C ASP B 740 17.16 -34.43 -25.30
N LEU B 741 16.12 -35.16 -24.91
CA LEU B 741 16.06 -36.61 -25.16
C LEU B 741 15.05 -36.94 -26.26
N LYS B 742 15.53 -37.67 -27.26
CA LYS B 742 14.68 -38.24 -28.29
C LYS B 742 13.83 -39.38 -27.74
N ASP B 743 12.94 -39.92 -28.57
CA ASP B 743 11.91 -40.89 -28.15
C ASP B 743 12.40 -42.07 -27.26
N GLY B 744 13.31 -42.89 -27.78
CA GLY B 744 13.79 -44.05 -27.05
C GLY B 744 14.78 -43.75 -25.92
N GLU B 745 15.34 -42.54 -25.94
CA GLU B 745 16.48 -42.19 -25.08
C GLU B 745 16.16 -42.09 -23.58
N THR B 746 17.02 -42.68 -22.78
CA THR B 746 16.85 -42.83 -21.35
C THR B 746 17.71 -41.87 -20.52
N ASP B 747 18.81 -41.41 -21.12
CA ASP B 747 19.86 -40.62 -20.46
C ASP B 747 20.49 -41.36 -19.27
N LEU B 748 20.76 -42.65 -19.51
CA LEU B 748 21.34 -43.53 -18.51
C LEU B 748 22.82 -43.63 -18.84
N LEU B 749 23.66 -43.42 -17.83
CA LEU B 749 25.10 -43.34 -18.05
C LEU B 749 25.73 -44.71 -17.82
N THR B 750 26.64 -45.09 -18.71
CA THR B 750 27.32 -46.37 -18.60
C THR B 750 28.84 -46.17 -18.50
N SER B 751 29.39 -46.56 -17.34
CA SER B 751 30.83 -46.37 -17.04
C SER B 751 31.46 -47.72 -16.78
N VAL B 752 32.58 -47.99 -17.44
CA VAL B 752 33.22 -49.30 -17.44
C VAL B 752 34.70 -49.16 -17.16
N ARG B 753 35.24 -50.10 -16.38
CA ARG B 753 36.68 -50.30 -16.28
C ARG B 753 37.01 -51.73 -16.72
N PHE B 754 38.15 -51.92 -17.40
CA PHE B 754 38.45 -53.19 -18.07
C PHE B 754 39.28 -54.22 -17.31
N GLY B 755 40.17 -53.82 -16.40
CA GLY B 755 41.09 -54.78 -15.74
C GLY B 755 42.51 -54.26 -15.86
N LYS B 756 43.49 -54.97 -15.31
CA LYS B 756 44.81 -54.36 -15.05
C LYS B 756 45.56 -53.81 -16.27
N GLY B 757 45.73 -54.62 -17.30
CA GLY B 757 46.48 -54.13 -18.45
C GLY B 757 45.64 -53.67 -19.62
N ILE B 758 44.33 -53.72 -19.45
CA ILE B 758 43.41 -53.50 -20.56
C ILE B 758 42.99 -52.05 -20.60
N MET B 759 43.36 -51.37 -21.67
CA MET B 759 43.17 -49.94 -21.75
C MET B 759 42.04 -49.50 -22.68
N THR B 760 41.49 -50.42 -23.47
CA THR B 760 40.52 -50.08 -24.51
C THR B 760 39.41 -51.11 -24.58
N SER B 761 38.28 -50.70 -25.17
CA SER B 761 37.17 -51.60 -25.51
C SER B 761 37.61 -52.81 -26.31
N ASP B 762 38.43 -52.56 -27.31
CA ASP B 762 38.78 -53.53 -28.34
C ASP B 762 40.04 -54.30 -28.04
N GLN B 763 40.81 -53.88 -27.04
CA GLN B 763 41.96 -54.64 -26.62
C GLN B 763 41.51 -55.93 -26.00
N THR B 764 42.10 -57.03 -26.47
CA THR B 764 41.71 -58.37 -26.08
C THR B 764 42.64 -58.99 -25.05
N THR B 765 43.89 -58.53 -24.99
CA THR B 765 44.83 -59.10 -24.03
C THR B 765 45.98 -58.15 -23.71
N THR B 766 46.60 -58.40 -22.56
CA THR B 766 47.68 -57.56 -22.06
C THR B 766 48.91 -57.74 -22.89
N GLN B 767 49.78 -56.74 -22.90
CA GLN B 767 51.04 -56.87 -23.62
C GLN B 767 52.04 -57.77 -22.89
N ASP B 768 52.05 -57.63 -21.56
CA ASP B 768 52.89 -58.46 -20.68
C ASP B 768 52.34 -59.86 -20.42
N ASN B 769 51.26 -60.24 -21.10
CA ASN B 769 50.61 -61.56 -20.95
C ASN B 769 50.22 -61.96 -19.52
N SER B 770 49.97 -60.95 -18.68
CA SER B 770 49.48 -61.17 -17.33
C SER B 770 48.01 -61.45 -17.47
N GLN B 771 47.50 -62.35 -16.65
CA GLN B 771 46.11 -62.76 -16.73
C GLN B 771 45.23 -62.07 -15.69
N ASP B 772 45.82 -61.20 -14.85
CA ASP B 772 45.12 -60.50 -13.77
C ASP B 772 43.82 -59.87 -14.23
N TYR B 773 43.84 -59.35 -15.46
CA TYR B 773 42.68 -58.64 -16.04
C TYR B 773 41.37 -59.39 -16.13
N LYS B 774 41.44 -60.69 -16.33
CA LYS B 774 40.23 -61.45 -16.64
C LYS B 774 39.17 -61.38 -15.55
N ASN B 775 39.57 -61.38 -14.28
CA ASN B 775 38.59 -61.28 -13.19
C ASN B 775 38.49 -59.91 -12.56
N GLN B 776 39.00 -58.93 -13.28
CA GLN B 776 38.94 -57.55 -12.86
C GLN B 776 37.98 -56.78 -13.77
N GLY B 777 37.88 -55.49 -13.54
CA GLY B 777 37.00 -54.63 -14.29
C GLY B 777 35.66 -54.53 -13.59
N ILE B 778 34.89 -53.52 -13.95
CA ILE B 778 33.60 -53.25 -13.32
C ILE B 778 32.68 -52.48 -14.29
N GLY B 779 31.38 -52.68 -14.14
CA GLY B 779 30.38 -51.98 -14.94
C GLY B 779 29.42 -51.19 -14.07
N VAL B 780 29.22 -49.91 -14.40
CA VAL B 780 28.35 -49.03 -13.61
C VAL B 780 27.34 -48.36 -14.52
N ILE B 781 26.08 -48.47 -14.11
CA ILE B 781 24.95 -47.84 -14.79
C ILE B 781 24.22 -46.95 -13.78
N VAL B 782 23.98 -45.69 -14.14
CA VAL B 782 23.33 -44.76 -13.23
C VAL B 782 22.41 -43.79 -13.95
N GLY B 783 21.29 -43.47 -13.31
CA GLY B 783 20.33 -42.51 -13.83
C GLY B 783 19.94 -41.52 -12.76
N ASN B 784 19.40 -40.39 -13.23
CA ASN B 784 18.87 -39.34 -12.35
C ASN B 784 17.38 -39.15 -12.45
N ASN B 785 16.65 -40.15 -12.94
CA ASN B 785 15.22 -40.04 -13.19
C ASN B 785 14.45 -41.14 -12.46
N PRO B 786 13.80 -40.81 -11.32
CA PRO B 786 13.14 -41.83 -10.53
C PRO B 786 11.86 -42.30 -11.15
N ASP B 787 11.36 -41.53 -12.11
CA ASP B 787 10.14 -41.85 -12.83
C ASP B 787 10.50 -42.42 -14.20
N LEU B 788 11.69 -42.99 -14.33
CA LEU B 788 12.12 -43.52 -15.62
C LEU B 788 11.55 -44.88 -15.90
N LYS B 789 10.80 -44.96 -17.00
CA LYS B 789 10.29 -46.22 -17.50
C LYS B 789 10.85 -46.44 -18.90
N LEU B 790 11.40 -47.62 -19.17
CA LEU B 790 11.90 -47.92 -20.52
C LEU B 790 10.76 -48.28 -21.46
N ASN B 791 10.94 -48.00 -22.74
CA ASN B 791 10.09 -48.59 -23.77
C ASN B 791 10.33 -50.11 -23.88
N ASN B 792 9.32 -50.83 -24.35
CA ASN B 792 9.47 -52.27 -24.53
C ASN B 792 10.51 -52.60 -25.59
N ASP B 793 10.69 -51.74 -26.59
CA ASP B 793 11.77 -51.90 -27.60
C ASP B 793 13.22 -51.85 -27.03
N LYS B 794 13.40 -50.97 -26.05
CA LYS B 794 14.74 -50.52 -25.64
C LYS B 794 15.66 -51.55 -24.97
N THR B 795 16.93 -51.51 -25.36
CA THR B 795 17.99 -52.30 -24.74
C THR B 795 19.16 -51.39 -24.32
N ILE B 796 19.71 -51.64 -23.13
CA ILE B 796 20.79 -50.83 -22.58
C ILE B 796 22.03 -51.67 -22.35
N THR B 797 23.16 -51.19 -22.85
CA THR B 797 24.36 -52.01 -22.96
C THR B 797 25.60 -51.48 -22.24
N LEU B 798 26.26 -52.38 -21.52
CA LEU B 798 27.55 -52.14 -20.92
C LEU B 798 28.64 -52.82 -21.75
N HIS B 799 29.46 -52.07 -22.47
CA HIS B 799 30.53 -52.68 -23.25
C HIS B 799 31.70 -53.00 -22.31
N MET B 800 31.63 -54.17 -21.70
CA MET B 800 32.64 -54.65 -20.77
C MET B 800 33.95 -54.94 -21.46
N GLY B 801 33.91 -55.03 -22.79
CA GLY B 801 35.12 -55.05 -23.60
C GLY B 801 35.46 -56.40 -24.21
N LYS B 802 36.24 -56.36 -25.27
CA LYS B 802 36.62 -57.56 -26.00
C LYS B 802 37.66 -58.40 -25.27
N ALA B 803 38.16 -57.92 -24.14
CA ALA B 803 38.95 -58.74 -23.24
C ALA B 803 38.06 -59.57 -22.32
N HIS B 804 36.73 -59.39 -22.39
CA HIS B 804 35.79 -60.15 -21.57
C HIS B 804 34.66 -60.77 -22.38
N LYS B 805 35.00 -61.44 -23.48
CA LYS B 805 34.02 -62.13 -24.32
C LYS B 805 33.44 -63.32 -23.56
N ASN B 806 32.14 -63.52 -23.66
CA ASN B 806 31.45 -64.72 -23.16
C ASN B 806 31.55 -64.98 -21.65
N GLN B 807 32.02 -63.98 -20.92
CA GLN B 807 32.24 -64.10 -19.50
C GLN B 807 30.96 -63.92 -18.68
N LEU B 808 30.88 -64.60 -17.55
CA LEU B 808 29.80 -64.41 -16.61
C LEU B 808 30.09 -63.26 -15.69
N TYR B 809 29.14 -62.35 -15.56
CA TYR B 809 29.21 -61.22 -14.62
C TYR B 809 28.10 -61.34 -13.56
N ARG B 810 28.35 -60.82 -12.36
CA ARG B 810 27.35 -60.81 -11.27
C ARG B 810 27.20 -59.44 -10.64
N ALA B 811 25.99 -59.13 -10.16
CA ALA B 811 25.71 -57.80 -9.62
C ALA B 811 26.39 -57.60 -8.26
N LEU B 812 26.92 -56.40 -8.07
CA LEU B 812 27.38 -55.94 -6.75
C LEU B 812 26.29 -55.16 -6.05
N VAL B 813 25.56 -54.38 -6.84
CA VAL B 813 24.63 -53.40 -6.33
C VAL B 813 23.55 -53.15 -7.37
N LEU B 814 22.29 -53.25 -6.93
CA LEU B 814 21.12 -53.03 -7.79
C LEU B 814 20.04 -52.30 -7.04
N SER B 815 19.55 -51.21 -7.64
CA SER B 815 18.50 -50.40 -7.04
C SER B 815 17.10 -50.99 -7.27
N ASN B 816 16.18 -50.66 -6.38
CA ASN B 816 14.80 -51.10 -6.50
C ASN B 816 13.93 -50.12 -5.74
N ASP B 817 12.64 -50.37 -5.65
CA ASP B 817 11.71 -49.36 -5.16
C ASP B 817 11.71 -49.14 -3.65
N SER B 818 12.33 -50.06 -2.89
CA SER B 818 12.42 -49.93 -1.41
C SER B 818 13.82 -49.64 -0.90
N GLY B 819 14.83 -49.95 -1.71
CA GLY B 819 16.23 -49.63 -1.37
C GLY B 819 17.22 -49.96 -2.49
N ILE B 820 18.45 -50.31 -2.10
CA ILE B 820 19.46 -50.77 -3.02
C ILE B 820 20.03 -52.04 -2.40
N ASP B 821 19.93 -53.14 -3.12
CA ASP B 821 20.45 -54.42 -2.67
C ASP B 821 21.95 -54.46 -2.86
N VAL B 822 22.65 -55.04 -1.89
CA VAL B 822 24.11 -55.17 -1.90
C VAL B 822 24.46 -56.64 -1.83
N TYR B 823 25.32 -57.08 -2.75
CA TYR B 823 25.68 -58.47 -2.83
C TYR B 823 27.15 -58.67 -2.45
N ASP B 824 27.37 -59.40 -1.36
CA ASP B 824 28.70 -59.52 -0.73
C ASP B 824 29.64 -60.47 -1.45
N SER B 825 29.09 -61.44 -2.17
CA SER B 825 29.89 -62.47 -2.82
C SER B 825 29.14 -63.01 -4.02
N ASP B 826 29.82 -63.79 -4.85
CA ASP B 826 29.27 -64.24 -6.12
C ASP B 826 27.98 -65.07 -5.93
N ASP B 827 27.92 -65.89 -4.87
CA ASP B 827 26.80 -66.84 -4.71
C ASP B 827 25.46 -66.19 -4.46
N LYS B 828 25.46 -65.09 -3.72
CA LYS B 828 24.21 -64.45 -3.32
C LYS B 828 23.65 -63.50 -4.38
N ALA B 829 24.39 -63.31 -5.47
CA ALA B 829 24.00 -62.35 -6.49
C ALA B 829 23.53 -62.99 -7.79
N PRO B 830 22.65 -62.27 -8.53
CA PRO B 830 22.26 -62.64 -9.86
C PRO B 830 23.41 -62.52 -10.83
N THR B 831 23.57 -63.51 -11.70
CA THR B 831 24.59 -63.48 -12.73
C THR B 831 23.97 -63.11 -14.05
N LEU B 832 24.81 -62.71 -14.99
CA LEU B 832 24.42 -62.46 -16.35
C LEU B 832 25.70 -62.60 -17.17
N ARG B 833 25.60 -63.18 -18.35
CA ARG B 833 26.78 -63.46 -19.16
C ARG B 833 26.89 -62.49 -20.33
N THR B 834 28.11 -62.10 -20.63
CA THR B 834 28.39 -61.20 -21.75
C THR B 834 28.39 -62.00 -23.04
N ASN B 835 28.16 -61.31 -24.15
CA ASN B 835 28.09 -61.98 -25.44
C ASN B 835 29.48 -62.13 -26.09
N ASP B 836 29.50 -62.47 -27.39
CA ASP B 836 30.73 -62.64 -28.15
C ASP B 836 31.59 -61.36 -28.18
N ASN B 837 30.94 -60.23 -28.40
CA ASN B 837 31.65 -58.94 -28.40
C ASN B 837 31.94 -58.38 -27.01
N GLY B 838 31.41 -59.03 -25.97
CA GLY B 838 31.72 -58.67 -24.60
C GLY B 838 30.76 -57.68 -23.98
N ASP B 839 29.54 -57.60 -24.52
CA ASP B 839 28.55 -56.67 -24.01
C ASP B 839 27.56 -57.38 -23.10
N LEU B 840 27.27 -56.75 -21.96
CA LEU B 840 26.12 -57.14 -21.14
C LEU B 840 24.89 -56.41 -21.66
N ILE B 841 23.90 -57.13 -22.18
CA ILE B 841 22.69 -56.48 -22.70
C ILE B 841 21.58 -56.51 -21.65
N PHE B 842 20.91 -55.36 -21.48
CA PHE B 842 19.82 -55.20 -20.52
C PHE B 842 18.55 -54.74 -21.24
N HIS B 843 17.40 -55.23 -20.76
CA HIS B 843 16.10 -54.86 -21.34
C HIS B 843 15.24 -54.22 -20.27
N LYS B 844 14.06 -53.74 -20.66
CA LYS B 844 13.07 -53.22 -19.71
C LYS B 844 12.80 -54.26 -18.64
N THR B 845 12.59 -55.51 -19.07
CA THR B 845 12.35 -56.60 -18.15
C THR B 845 13.50 -57.60 -18.29
N ASN B 846 14.02 -58.08 -17.15
CA ASN B 846 15.15 -59.01 -17.16
C ASN B 846 14.88 -60.23 -16.29
N THR B 847 15.31 -61.39 -16.76
CA THR B 847 15.27 -62.61 -15.95
C THR B 847 16.72 -63.08 -15.76
N PHE B 848 17.26 -62.87 -14.56
CA PHE B 848 18.64 -63.26 -14.23
C PHE B 848 18.64 -64.57 -13.48
N VAL B 849 19.72 -65.33 -13.58
CA VAL B 849 19.84 -66.57 -12.81
C VAL B 849 21.00 -66.46 -11.85
N LYS B 850 20.80 -66.90 -10.61
CA LYS B 850 21.92 -67.08 -9.68
C LYS B 850 22.76 -68.24 -10.11
N GLN B 851 24.02 -68.22 -9.72
CA GLN B 851 24.96 -69.23 -10.21
C GLN B 851 24.57 -70.62 -9.77
N ASP B 852 24.06 -70.73 -8.55
CA ASP B 852 23.44 -71.96 -8.12
C ASP B 852 22.00 -71.78 -7.68
N GLY B 853 21.79 -70.89 -6.71
CA GLY B 853 20.53 -70.69 -6.00
C GLY B 853 19.20 -70.72 -6.75
N THR B 854 18.99 -69.86 -7.75
CA THR B 854 17.64 -69.64 -8.32
C THR B 854 17.59 -68.71 -9.54
N ILE B 855 16.38 -68.49 -10.05
CA ILE B 855 16.09 -67.48 -11.07
C ILE B 855 15.55 -66.20 -10.40
N ILE B 856 15.98 -65.03 -10.89
CA ILE B 856 15.59 -63.71 -10.32
C ILE B 856 14.97 -62.76 -11.36
N ASN B 857 13.92 -62.03 -10.99
CA ASN B 857 13.29 -61.03 -11.89
C ASN B 857 13.65 -59.60 -11.54
N TYR B 858 13.96 -58.78 -12.55
CA TYR B 858 14.40 -57.39 -12.31
C TYR B 858 14.09 -56.42 -13.46
N GLU B 859 13.45 -55.32 -13.11
CA GLU B 859 13.13 -54.28 -14.09
C GLU B 859 14.13 -53.12 -14.05
N MET B 860 14.59 -52.69 -15.24
CA MET B 860 15.30 -51.42 -15.41
C MET B 860 14.28 -50.32 -15.25
N LYS B 861 14.20 -49.88 -14.00
CA LYS B 861 13.17 -49.01 -13.52
C LYS B 861 13.85 -47.95 -12.67
N GLY B 862 13.59 -46.69 -12.97
CA GLY B 862 13.92 -45.64 -12.04
C GLY B 862 13.14 -45.86 -10.75
N SER B 863 13.77 -45.62 -9.62
CA SER B 863 13.16 -45.84 -8.32
C SER B 863 13.24 -44.55 -7.48
N LEU B 864 12.43 -44.48 -6.42
CA LEU B 864 12.45 -43.36 -5.48
C LEU B 864 12.33 -43.88 -4.07
N ASN B 865 13.37 -43.69 -3.27
CA ASN B 865 13.39 -44.03 -1.85
C ASN B 865 14.55 -43.27 -1.16
N ALA B 866 14.78 -43.52 0.13
CA ALA B 866 15.82 -42.79 0.87
C ALA B 866 17.20 -42.89 0.19
N LEU B 867 17.51 -44.05 -0.40
CA LEU B 867 18.84 -44.33 -0.97
C LEU B 867 19.04 -43.88 -2.44
N ILE B 868 17.95 -43.66 -3.17
CA ILE B 868 18.11 -43.21 -4.56
C ILE B 868 16.92 -42.43 -5.10
N SER B 869 17.22 -41.53 -6.03
CA SER B 869 16.23 -40.92 -6.93
C SER B 869 16.75 -41.05 -8.37
N GLY B 870 16.56 -42.25 -8.94
CA GLY B 870 17.09 -42.57 -10.27
C GLY B 870 17.35 -44.05 -10.40
N TYR B 871 18.32 -44.46 -11.22
CA TYR B 871 18.72 -45.88 -11.29
C TYR B 871 20.18 -46.07 -10.89
N LEU B 872 20.49 -47.23 -10.31
CA LEU B 872 21.89 -47.65 -10.05
C LEU B 872 22.10 -49.18 -10.19
N GLY B 873 22.97 -49.59 -11.10
CA GLY B 873 23.37 -50.99 -11.22
C GLY B 873 24.87 -51.11 -11.38
N VAL B 874 25.47 -51.95 -10.56
CA VAL B 874 26.92 -52.23 -10.67
C VAL B 874 27.18 -53.72 -10.81
N TRP B 875 28.05 -54.09 -11.75
CA TRP B 875 28.28 -55.48 -12.10
C TRP B 875 29.77 -55.79 -12.13
N VAL B 876 30.12 -56.97 -11.63
CA VAL B 876 31.50 -57.42 -11.55
C VAL B 876 31.63 -58.85 -12.12
N PRO B 877 32.82 -59.20 -12.61
CA PRO B 877 33.01 -60.56 -13.06
C PRO B 877 33.02 -61.53 -11.89
N VAL B 878 32.36 -62.67 -12.10
CA VAL B 878 32.33 -63.71 -11.10
C VAL B 878 33.68 -64.38 -11.13
N GLY B 879 34.03 -65.04 -10.05
CA GLY B 879 35.29 -65.77 -9.96
C GLY B 879 36.41 -64.97 -9.33
N ALA B 880 36.07 -63.90 -8.62
CA ALA B 880 37.10 -63.08 -8.01
C ALA B 880 37.67 -63.74 -6.76
N SER B 881 38.98 -63.89 -6.72
CA SER B 881 39.70 -64.38 -5.55
C SER B 881 39.39 -63.56 -4.30
N ASP B 882 39.54 -64.15 -3.11
CA ASP B 882 39.32 -63.45 -1.83
C ASP B 882 40.32 -62.35 -1.53
N SER B 883 41.56 -62.55 -1.98
CA SER B 883 42.61 -61.60 -1.70
C SER B 883 42.91 -60.77 -2.94
N GLN B 884 42.03 -60.81 -3.95
CA GLN B 884 42.33 -60.15 -5.21
C GLN B 884 42.54 -58.66 -4.99
N ASP B 885 43.64 -58.16 -5.53
CA ASP B 885 44.06 -56.76 -5.40
C ASP B 885 44.44 -56.23 -6.78
N ALA B 886 43.69 -55.27 -7.28
CA ALA B 886 43.87 -54.75 -8.63
C ALA B 886 44.71 -53.46 -8.64
N ARG B 887 45.17 -53.07 -7.47
CA ARG B 887 45.90 -51.82 -7.30
C ARG B 887 47.31 -51.95 -7.84
N THR B 888 47.92 -50.82 -8.17
CA THR B 888 49.28 -50.78 -8.65
C THR B 888 50.19 -50.16 -7.57
N VAL B 889 51.25 -50.86 -7.21
CA VAL B 889 52.24 -50.33 -6.28
C VAL B 889 53.04 -49.23 -6.98
N ALA B 890 53.41 -48.21 -6.23
CA ALA B 890 54.15 -47.08 -6.77
C ALA B 890 55.61 -47.46 -7.01
N THR B 891 56.15 -47.01 -8.15
CA THR B 891 57.48 -47.45 -8.62
C THR B 891 58.62 -46.62 -8.07
N GLU B 892 59.70 -47.28 -7.65
CA GLU B 892 60.82 -46.60 -6.99
C GLU B 892 61.76 -45.92 -7.98
N SER B 893 61.54 -46.16 -9.27
CA SER B 893 62.42 -45.69 -10.32
C SER B 893 62.16 -44.25 -10.60
N SER B 894 63.17 -43.56 -11.12
CA SER B 894 63.02 -42.19 -11.59
C SER B 894 62.34 -42.21 -12.96
N SER B 895 61.03 -42.46 -12.93
CA SER B 895 60.20 -42.62 -14.13
C SER B 895 60.15 -41.35 -14.98
N SER B 896 60.09 -40.19 -14.32
CA SER B 896 59.96 -38.89 -15.02
C SER B 896 61.08 -37.89 -14.71
N ASN B 897 61.55 -37.26 -15.79
CA ASN B 897 62.50 -36.17 -15.71
C ASN B 897 61.79 -34.83 -15.83
N ASP B 898 60.45 -34.83 -15.85
CA ASP B 898 59.66 -33.56 -15.95
C ASP B 898 59.79 -32.57 -14.76
N GLY B 899 60.36 -33.00 -13.62
CA GLY B 899 60.52 -32.15 -12.43
C GLY B 899 59.34 -32.20 -11.46
N SER B 900 58.20 -32.70 -11.94
CA SER B 900 56.94 -32.76 -11.19
C SER B 900 57.00 -33.77 -10.05
N VAL B 901 56.14 -33.59 -9.06
CA VAL B 901 56.03 -34.49 -7.92
C VAL B 901 54.98 -35.56 -8.19
N PHE B 902 53.70 -35.20 -8.17
CA PHE B 902 52.63 -36.19 -8.43
C PHE B 902 52.41 -36.45 -9.92
N HIS B 903 52.08 -37.70 -10.24
CA HIS B 903 51.72 -38.05 -11.60
C HIS B 903 50.44 -38.87 -11.58
N SER B 904 49.46 -38.53 -12.41
CA SER B 904 48.24 -39.30 -12.47
C SER B 904 48.51 -40.60 -13.22
N ASN B 905 48.45 -41.70 -12.50
CA ASN B 905 48.64 -43.01 -13.11
C ASN B 905 47.97 -44.06 -12.24
N ALA B 906 48.09 -45.33 -12.63
CA ALA B 906 47.40 -46.39 -11.93
C ALA B 906 47.80 -46.50 -10.46
N ALA B 907 49.04 -46.15 -10.17
CA ALA B 907 49.55 -46.20 -8.81
C ALA B 907 48.90 -45.13 -7.95
N LEU B 908 48.89 -43.88 -8.43
CA LEU B 908 48.24 -42.80 -7.68
C LEU B 908 46.74 -43.11 -7.51
N ASP B 909 46.12 -43.64 -8.57
CA ASP B 909 44.70 -43.97 -8.53
C ASP B 909 44.38 -45.06 -7.54
N SER B 910 45.38 -45.81 -7.09
CA SER B 910 45.18 -46.91 -6.11
C SER B 910 44.93 -46.39 -4.70
N ASN B 911 45.15 -45.09 -4.50
CA ASN B 911 44.94 -44.45 -3.23
C ASN B 911 43.48 -43.99 -3.04
N VAL B 912 43.11 -43.90 -1.76
CA VAL B 912 41.82 -43.38 -1.35
C VAL B 912 42.04 -42.61 -0.07
N ILE B 913 41.58 -41.36 -0.03
CA ILE B 913 41.67 -40.55 1.15
C ILE B 913 40.35 -40.62 1.86
N TYR B 914 40.38 -40.68 3.19
CA TYR B 914 39.17 -40.61 3.98
C TYR B 914 39.24 -39.36 4.82
N GLU B 915 38.33 -38.44 4.54
CA GLU B 915 38.21 -37.21 5.32
C GLU B 915 37.37 -37.51 6.53
N GLY B 916 38.04 -37.75 7.65
CA GLY B 916 37.45 -38.52 8.75
C GLY B 916 37.04 -37.71 9.96
N PHE B 917 36.19 -36.73 9.71
CA PHE B 917 35.62 -35.91 10.76
C PHE B 917 34.50 -35.09 10.17
N SER B 918 33.68 -34.56 11.07
CA SER B 918 32.61 -33.66 10.70
C SER B 918 32.70 -32.46 11.61
N ASN B 919 32.42 -31.29 11.06
CA ASN B 919 32.48 -30.07 11.88
C ASN B 919 31.40 -30.01 12.94
N PHE B 920 30.39 -30.85 12.84
CA PHE B 920 29.27 -30.76 13.73
C PHE B 920 29.18 -31.92 14.71
N GLN B 921 30.28 -32.63 14.90
CA GLN B 921 30.36 -33.65 15.92
C GLN B 921 30.08 -33.00 17.24
N ALA B 922 29.43 -33.74 18.13
CA ALA B 922 29.31 -33.34 19.52
C ALA B 922 30.66 -33.44 20.26
N MET B 923 30.77 -32.77 21.40
CA MET B 923 31.93 -32.91 22.25
C MET B 923 31.91 -34.30 22.88
N PRO B 924 33.08 -34.90 23.10
CA PRO B 924 33.11 -36.24 23.68
C PRO B 924 32.45 -36.28 25.04
N THR B 925 31.53 -37.21 25.22
CA THR B 925 30.90 -37.40 26.51
C THR B 925 31.89 -38.03 27.52
N SER B 926 32.87 -38.77 27.03
CA SER B 926 33.89 -39.37 27.89
C SER B 926 35.22 -39.47 27.16
N PRO B 927 36.33 -39.57 27.90
CA PRO B 927 37.64 -39.74 27.25
C PRO B 927 37.74 -40.91 26.27
N GLU B 928 36.97 -41.96 26.54
CA GLU B 928 37.00 -43.19 25.76
C GLU B 928 36.39 -43.00 24.38
N GLN B 929 35.47 -42.03 24.24
CA GLN B 929 34.76 -41.81 22.97
C GLN B 929 35.33 -40.64 22.16
N SER B 930 36.50 -40.14 22.55
CA SER B 930 37.16 -39.11 21.79
C SER B 930 37.57 -39.66 20.44
N THR B 931 37.35 -38.87 19.39
CA THR B 931 37.62 -39.25 18.00
C THR B 931 38.91 -40.07 17.83
N ASN B 932 40.02 -39.55 18.32
CA ASN B 932 41.33 -40.16 18.08
C ASN B 932 41.58 -41.45 18.87
N VAL B 933 40.90 -41.62 20.00
CA VAL B 933 40.90 -42.90 20.69
C VAL B 933 40.15 -43.90 19.82
N VAL B 934 38.95 -43.50 19.37
CA VAL B 934 38.15 -44.36 18.47
C VAL B 934 38.91 -44.73 17.20
N ILE B 935 39.61 -43.77 16.59
CA ILE B 935 40.35 -44.07 15.37
C ILE B 935 41.39 -45.17 15.65
N ALA B 936 42.04 -45.13 16.81
CA ALA B 936 43.02 -46.16 17.16
C ALA B 936 42.40 -47.55 17.25
N THR B 937 41.27 -47.68 17.95
CA THR B 937 40.62 -48.99 18.06
C THR B 937 40.10 -49.49 16.67
N LYS B 938 39.71 -48.57 15.79
CA LYS B 938 39.07 -48.91 14.50
C LYS B 938 39.98 -48.85 13.25
N ALA B 939 41.27 -48.63 13.42
CA ALA B 939 42.18 -48.52 12.27
C ALA B 939 41.99 -49.66 11.25
N ASN B 940 42.01 -50.90 11.73
CA ASN B 940 41.64 -52.11 10.95
C ASN B 940 40.56 -51.87 9.88
N LEU B 941 39.40 -51.34 10.30
CA LEU B 941 38.23 -51.15 9.43
C LEU B 941 38.52 -50.32 8.18
N PHE B 942 39.41 -49.33 8.30
CA PHE B 942 39.76 -48.47 7.16
C PHE B 942 40.81 -49.08 6.24
N LYS B 943 41.66 -49.94 6.79
CA LYS B 943 42.63 -50.67 5.97
C LYS B 943 41.82 -51.45 4.97
N GLU B 944 40.76 -52.11 5.45
CA GLU B 944 39.96 -53.04 4.65
C GLU B 944 38.99 -52.36 3.70
N LEU B 945 38.75 -51.08 3.87
CA LEU B 945 38.05 -50.27 2.86
C LEU B 945 38.98 -49.66 1.80
N GLY B 946 40.28 -49.90 1.94
CA GLY B 946 41.24 -49.43 0.94
C GLY B 946 41.73 -47.99 1.16
N ILE B 947 41.51 -47.43 2.35
CA ILE B 947 42.00 -46.10 2.65
C ILE B 947 43.50 -46.19 2.76
N THR B 948 44.20 -45.36 2.00
CA THR B 948 45.66 -45.31 2.06
C THR B 948 46.13 -44.08 2.80
N SER B 949 45.28 -43.04 2.88
CA SER B 949 45.55 -41.84 3.70
C SER B 949 44.32 -41.37 4.50
N PHE B 950 44.53 -41.11 5.79
CA PHE B 950 43.46 -40.72 6.69
C PHE B 950 43.59 -39.22 6.95
N GLU B 951 42.62 -38.43 6.46
CA GLU B 951 42.64 -36.99 6.64
C GLU B 951 41.96 -36.73 7.96
N LEU B 952 42.77 -36.36 8.95
CA LEU B 952 42.28 -36.03 10.28
C LEU B 952 41.84 -34.56 10.33
N ALA B 953 40.92 -34.28 11.24
CA ALA B 953 40.56 -32.90 11.53
C ALA B 953 41.80 -32.12 12.00
N PRO B 954 41.72 -30.79 11.89
CA PRO B 954 42.76 -29.96 12.45
C PRO B 954 42.77 -30.08 13.98
N GLN B 955 43.94 -30.37 14.51
CA GLN B 955 44.08 -30.81 15.90
C GLN B 955 44.36 -29.68 16.87
N TYR B 956 44.18 -28.45 16.41
CA TYR B 956 44.68 -27.29 17.17
C TYR B 956 43.66 -26.91 18.21
N ARG B 957 44.12 -26.37 19.32
CA ARG B 957 43.24 -26.07 20.44
C ARG B 957 42.26 -24.97 20.06
N SER B 958 40.98 -25.27 20.23
CA SER B 958 39.92 -24.37 19.82
C SER B 958 39.91 -23.14 20.67
N SER B 959 39.63 -22.01 20.00
CA SER B 959 39.50 -20.75 20.66
C SER B 959 38.15 -20.67 21.38
N GLY B 960 37.22 -21.56 21.05
CA GLY B 960 36.06 -21.76 21.87
C GLY B 960 35.05 -20.61 21.91
N ASP B 961 34.54 -20.32 23.10
CA ASP B 961 33.60 -19.23 23.33
C ASP B 961 34.27 -17.87 23.48
N THR B 962 35.60 -17.82 23.46
CA THR B 962 36.33 -16.58 23.59
C THR B 962 36.01 -15.63 22.44
N ASN B 963 35.75 -14.39 22.80
CA ASN B 963 35.28 -13.38 21.86
C ASN B 963 35.61 -11.99 22.36
N TYR B 964 36.65 -11.37 21.82
CA TYR B 964 37.09 -10.05 22.28
C TYR B 964 36.31 -8.90 21.65
N GLY B 965 35.76 -9.12 20.47
CA GLY B 965 34.78 -8.20 19.89
C GLY B 965 34.29 -8.87 18.64
N GLY B 966 33.24 -8.34 18.04
CA GLY B 966 32.86 -8.79 16.69
C GLY B 966 32.15 -10.12 16.69
N MET B 967 31.87 -10.62 15.49
CA MET B 967 31.04 -11.82 15.40
C MET B 967 31.91 -13.06 15.59
N SER B 968 31.45 -13.95 16.48
CA SER B 968 32.02 -15.28 16.65
C SER B 968 31.72 -16.11 15.39
N PHE B 969 32.57 -17.07 15.06
CA PHE B 969 32.29 -18.00 13.94
C PHE B 969 32.04 -19.44 14.41
N LEU B 970 31.31 -20.23 13.66
CA LEU B 970 30.95 -21.58 14.17
C LEU B 970 32.13 -22.50 14.42
N ASP B 971 33.21 -22.33 13.63
CA ASP B 971 34.45 -23.07 13.85
C ASP B 971 34.91 -22.95 15.29
N SER B 972 34.71 -21.76 15.85
CA SER B 972 35.22 -21.45 17.15
C SER B 972 34.34 -22.04 18.20
N PHE B 973 33.04 -21.79 18.14
CA PHE B 973 32.17 -22.27 19.24
C PHE B 973 31.82 -23.74 19.12
N LEU B 974 32.01 -24.33 17.94
CA LEU B 974 31.87 -25.78 17.79
C LEU B 974 33.20 -26.53 17.96
N ASN B 975 34.27 -25.81 18.29
CA ASN B 975 35.54 -26.43 18.66
C ASN B 975 36.11 -27.41 17.63
N ASN B 976 35.86 -27.14 16.35
CA ASN B 976 36.25 -28.09 15.33
C ASN B 976 37.72 -28.04 15.00
N GLY B 977 38.44 -27.04 15.48
CA GLY B 977 39.89 -27.01 15.31
C GLY B 977 40.38 -26.04 14.22
N TYR B 978 39.48 -25.59 13.35
CA TYR B 978 39.84 -24.57 12.35
C TYR B 978 39.98 -23.16 12.93
N ALA B 979 39.39 -22.93 14.10
CA ALA B 979 39.57 -21.68 14.83
C ALA B 979 40.35 -21.95 16.12
N PHE B 980 41.56 -21.41 16.19
CA PHE B 980 42.49 -21.73 17.28
C PHE B 980 43.27 -20.51 17.74
N THR B 981 43.68 -20.55 19.01
CA THR B 981 44.50 -19.49 19.63
C THR B 981 45.98 -19.84 19.56
N ASP B 982 46.31 -21.11 19.81
CA ASP B 982 47.69 -21.61 19.85
C ASP B 982 47.90 -22.64 18.74
N ARG B 983 48.79 -22.37 17.80
CA ARG B 983 48.94 -23.28 16.65
C ARG B 983 49.67 -24.58 16.98
N TYR B 984 50.43 -24.58 18.07
CA TYR B 984 51.23 -25.72 18.44
C TYR B 984 50.61 -26.56 19.55
N ASP B 985 49.51 -26.11 20.14
CA ASP B 985 48.84 -26.89 21.18
C ASP B 985 47.84 -27.83 20.53
N LEU B 986 48.17 -29.11 20.48
CA LEU B 986 47.32 -30.12 19.85
C LEU B 986 46.66 -31.04 20.86
N GLY B 987 46.54 -30.55 22.10
CA GLY B 987 45.87 -31.30 23.16
C GLY B 987 46.71 -31.57 24.40
N PHE B 988 47.72 -30.76 24.62
CA PHE B 988 48.60 -30.97 25.76
C PHE B 988 47.87 -30.64 27.05
N ASN B 989 48.40 -31.21 28.11
CA ASN B 989 47.86 -30.97 29.43
C ASN B 989 48.01 -29.52 29.90
N LYS B 990 47.11 -29.13 30.79
CA LYS B 990 47.24 -27.85 31.47
C LYS B 990 48.56 -27.85 32.20
N ALA B 991 49.05 -26.67 32.55
CA ALA B 991 50.33 -26.56 33.24
C ALA B 991 50.27 -27.16 34.65
N ASP B 992 49.07 -27.18 35.25
CA ASP B 992 48.85 -27.82 36.54
C ASP B 992 48.91 -29.35 36.48
N GLY B 993 48.98 -29.92 35.28
CA GLY B 993 49.15 -31.36 35.11
C GLY B 993 47.89 -32.06 34.66
N ASN B 994 46.76 -31.38 34.79
CA ASN B 994 45.48 -31.95 34.42
C ASN B 994 45.35 -32.10 32.91
N PRO B 995 44.55 -33.09 32.48
CA PRO B 995 44.29 -33.27 31.06
C PRO B 995 43.57 -32.07 30.46
N ASN B 996 43.80 -31.83 29.19
CA ASN B 996 43.12 -30.73 28.51
C ASN B 996 42.95 -31.10 27.05
N PRO B 997 42.09 -32.08 26.79
CA PRO B 997 41.95 -32.54 25.42
C PRO B 997 41.37 -31.49 24.52
N THR B 998 41.63 -31.60 23.22
CA THR B 998 40.88 -30.86 22.23
C THR B 998 39.54 -31.57 22.12
N LYS B 999 38.78 -31.26 21.08
CA LYS B 999 37.53 -31.98 20.81
C LYS B 999 37.80 -33.43 20.46
N TYR B 1000 39.02 -33.70 20.01
CA TYR B 1000 39.41 -34.98 19.49
C TYR B 1000 40.31 -35.81 20.45
N GLY B 1001 40.70 -35.24 21.59
CA GLY B 1001 41.49 -35.97 22.57
C GLY B 1001 42.83 -35.33 22.84
N THR B 1002 43.59 -35.95 23.74
CA THR B 1002 44.87 -35.40 24.16
C THR B 1002 45.91 -35.53 23.06
N ASP B 1003 47.10 -34.99 23.31
CA ASP B 1003 48.20 -35.13 22.36
C ASP B 1003 48.66 -36.60 22.27
N GLN B 1004 48.61 -37.33 23.39
CA GLN B 1004 48.93 -38.76 23.35
C GLN B 1004 47.88 -39.49 22.51
N ASP B 1005 46.61 -39.14 22.67
CA ASP B 1005 45.57 -39.78 21.88
C ASP B 1005 45.83 -39.61 20.38
N LEU B 1006 46.35 -38.45 19.99
CA LEU B 1006 46.70 -38.17 18.59
C LEU B 1006 47.88 -39.02 18.12
N ARG B 1007 48.95 -39.05 18.92
CA ARG B 1007 50.10 -39.87 18.55
C ARG B 1007 49.72 -41.35 18.47
N ASN B 1008 48.81 -41.79 19.36
CA ASN B 1008 48.31 -43.16 19.32
C ASN B 1008 47.52 -43.43 18.06
N ALA B 1009 46.70 -42.45 17.71
CA ALA B 1009 45.89 -42.56 16.51
C ALA B 1009 46.75 -42.60 15.24
N ILE B 1010 47.80 -41.78 15.18
CA ILE B 1010 48.65 -41.75 14.00
C ILE B 1010 49.47 -43.04 13.88
N GLU B 1011 50.00 -43.52 15.00
CA GLU B 1011 50.74 -44.79 15.01
C GLU B 1011 49.84 -45.91 14.53
N ALA B 1012 48.64 -46.01 15.11
CA ALA B 1012 47.65 -47.00 14.70
C ALA B 1012 47.40 -47.02 13.19
N LEU B 1013 47.41 -45.87 12.56
CA LEU B 1013 47.20 -45.81 11.13
C LEU B 1013 48.40 -46.33 10.37
N HIS B 1014 49.61 -46.09 10.88
CA HIS B 1014 50.83 -46.61 10.28
C HIS B 1014 50.96 -48.11 10.46
N LYS B 1015 50.68 -48.61 11.67
CA LYS B 1015 50.55 -50.05 11.91
C LYS B 1015 49.58 -50.74 10.92
N ASN B 1016 48.57 -50.02 10.42
CA ASN B 1016 47.65 -50.54 9.37
C ASN B 1016 47.89 -49.95 7.96
N GLY B 1017 49.12 -49.47 7.72
CA GLY B 1017 49.58 -49.10 6.39
C GLY B 1017 48.92 -47.86 5.80
N MET B 1018 48.38 -47.01 6.65
CA MET B 1018 47.72 -45.80 6.20
C MET B 1018 48.52 -44.61 6.64
N GLN B 1019 48.46 -43.55 5.83
CA GLN B 1019 49.07 -42.26 6.17
C GLN B 1019 48.15 -41.40 7.01
N ALA B 1020 48.72 -40.42 7.69
CA ALA B 1020 47.95 -39.40 8.42
C ALA B 1020 48.20 -38.00 7.85
N ILE B 1021 47.13 -37.29 7.52
CA ILE B 1021 47.21 -35.94 6.93
C ILE B 1021 46.97 -34.87 7.97
N ALA B 1022 47.88 -33.92 8.01
CA ALA B 1022 47.79 -32.81 8.91
C ALA B 1022 47.08 -31.65 8.20
N ASP B 1023 46.12 -31.01 8.87
CA ASP B 1023 45.47 -29.80 8.31
C ASP B 1023 46.36 -28.59 8.59
N TRP B 1024 47.00 -28.07 7.54
CA TRP B 1024 47.88 -26.90 7.64
C TRP B 1024 47.03 -25.65 7.40
N VAL B 1025 46.92 -24.82 8.43
CA VAL B 1025 45.99 -23.69 8.44
C VAL B 1025 46.74 -22.38 8.69
N PRO B 1026 47.44 -21.91 7.66
CA PRO B 1026 48.25 -20.72 7.80
C PRO B 1026 47.53 -19.37 7.68
N ASP B 1027 46.28 -19.36 7.22
CA ASP B 1027 45.61 -18.09 6.90
C ASP B 1027 45.26 -17.24 8.10
N GLN B 1028 44.83 -17.85 9.21
CA GLN B 1028 44.40 -17.04 10.34
C GLN B 1028 44.61 -17.65 11.72
N ILE B 1029 44.40 -16.80 12.73
CA ILE B 1029 44.41 -17.22 14.12
C ILE B 1029 43.34 -16.41 14.91
N TYR B 1030 42.74 -17.00 15.93
CA TYR B 1030 41.61 -16.38 16.61
C TYR B 1030 41.98 -15.96 18.02
N ALA B 1031 41.19 -15.03 18.54
CA ALA B 1031 41.15 -14.74 19.98
C ALA B 1031 42.52 -14.57 20.64
N LEU B 1032 43.26 -13.56 20.18
CA LEU B 1032 44.55 -13.18 20.78
C LEU B 1032 44.31 -12.21 21.95
N PRO B 1033 44.84 -12.50 23.14
CA PRO B 1033 44.41 -11.79 24.34
C PRO B 1033 45.00 -10.38 24.57
N GLY B 1034 46.02 -9.99 23.81
CA GLY B 1034 46.65 -8.70 24.02
C GLY B 1034 46.30 -7.64 22.99
N LYS B 1035 46.09 -6.38 23.46
CA LYS B 1035 45.62 -5.28 22.60
C LYS B 1035 46.75 -4.44 22.10
N GLU B 1036 46.61 -3.94 20.88
CA GLU B 1036 47.54 -2.97 20.30
C GLU B 1036 46.73 -1.99 19.51
N VAL B 1037 47.35 -0.87 19.18
CA VAL B 1037 46.68 0.15 18.39
C VAL B 1037 47.24 0.05 16.98
N VAL B 1038 46.36 -0.26 16.03
CA VAL B 1038 46.71 -0.31 14.62
C VAL B 1038 46.13 0.88 13.88
N THR B 1039 46.68 1.12 12.69
CA THR B 1039 46.09 2.06 11.73
C THR B 1039 45.31 1.24 10.70
N ALA B 1040 44.01 1.49 10.60
CA ALA B 1040 43.16 0.58 9.89
C ALA B 1040 42.29 1.24 8.82
N THR B 1041 42.08 0.53 7.73
CA THR B 1041 41.13 0.94 6.71
C THR B 1041 40.06 -0.15 6.52
N ARG B 1042 38.79 0.24 6.34
CA ARG B 1042 37.69 -0.69 6.11
C ARG B 1042 37.69 -1.21 4.67
N VAL B 1043 37.72 -2.53 4.53
CA VAL B 1043 37.96 -3.18 3.24
C VAL B 1043 37.05 -4.36 3.04
N ASP B 1044 36.94 -4.76 1.78
CA ASP B 1044 36.26 -6.00 1.38
C ASP B 1044 37.24 -7.18 1.40
N GLU B 1045 36.76 -8.35 1.02
CA GLU B 1045 37.57 -9.56 1.11
C GLU B 1045 38.91 -9.46 0.39
N ARG B 1046 38.97 -8.69 -0.70
CA ARG B 1046 40.21 -8.51 -1.47
C ARG B 1046 41.12 -7.40 -0.95
N GLY B 1047 40.77 -6.82 0.19
CA GLY B 1047 41.56 -5.73 0.75
C GLY B 1047 41.42 -4.41 0.01
N ASN B 1048 40.33 -4.23 -0.71
CA ASN B 1048 40.05 -2.97 -1.35
C ASN B 1048 39.13 -2.14 -0.50
N GLN B 1049 39.45 -0.88 -0.39
CA GLN B 1049 38.71 0.05 0.45
C GLN B 1049 37.28 0.10 -0.01
N LEU B 1050 36.33 0.03 0.91
CA LEU B 1050 34.91 0.07 0.54
C LEU B 1050 34.65 1.40 -0.16
N LYS B 1051 33.71 1.46 -1.11
CA LYS B 1051 33.57 2.69 -1.96
C LYS B 1051 33.18 3.94 -1.16
N ASP B 1052 32.21 3.78 -0.28
CA ASP B 1052 31.66 4.89 0.46
C ASP B 1052 31.92 4.68 1.95
N THR B 1053 33.19 4.72 2.35
CA THR B 1053 33.55 4.59 3.76
C THR B 1053 34.38 5.77 4.24
N ASP B 1054 34.08 6.20 5.46
CA ASP B 1054 34.88 7.20 6.14
C ASP B 1054 36.07 6.54 6.81
N PHE B 1055 36.00 5.22 7.00
CA PHE B 1055 36.96 4.52 7.85
C PHE B 1055 38.21 4.23 7.04
N VAL B 1056 39.11 5.19 6.99
CA VAL B 1056 40.33 5.09 6.23
C VAL B 1056 41.46 5.62 7.12
N ASN B 1057 42.55 4.87 7.18
CA ASN B 1057 43.67 5.17 8.04
C ASN B 1057 43.34 5.66 9.45
N LEU B 1058 42.32 5.13 10.09
CA LEU B 1058 42.01 5.50 11.48
C LEU B 1058 42.66 4.60 12.51
N LEU B 1059 42.88 5.14 13.69
CA LEU B 1059 43.47 4.36 14.77
C LEU B 1059 42.37 3.52 15.40
N TYR B 1060 42.73 2.27 15.67
CA TYR B 1060 41.81 1.25 16.13
C TYR B 1060 42.53 0.37 17.13
N VAL B 1061 41.80 -0.08 18.15
CA VAL B 1061 42.32 -1.06 19.08
C VAL B 1061 41.91 -2.43 18.59
N ALA B 1062 42.91 -3.25 18.23
CA ALA B 1062 42.69 -4.62 17.79
C ALA B 1062 43.27 -5.60 18.81
N ASN B 1063 42.80 -6.84 18.78
CA ASN B 1063 43.38 -7.91 19.60
C ASN B 1063 44.33 -8.74 18.73
N THR B 1064 45.61 -8.40 18.80
CA THR B 1064 46.59 -8.91 17.87
C THR B 1064 47.80 -9.59 18.52
N LYS B 1065 47.90 -9.53 19.84
CA LYS B 1065 49.09 -9.98 20.50
C LYS B 1065 48.81 -11.29 21.23
N SER B 1066 49.66 -12.28 21.01
CA SER B 1066 49.56 -13.61 21.62
C SER B 1066 50.02 -13.58 23.06
N SER B 1067 49.69 -14.61 23.83
CA SER B 1067 50.02 -14.61 25.28
C SER B 1067 51.52 -14.55 25.60
N GLY B 1068 52.34 -15.10 24.70
CA GLY B 1068 53.78 -15.12 24.86
C GLY B 1068 54.26 -16.17 25.83
N VAL B 1069 53.34 -16.96 26.37
CA VAL B 1069 53.66 -17.99 27.35
C VAL B 1069 52.94 -19.33 26.98
N ASP B 1070 52.61 -19.50 25.70
CA ASP B 1070 51.80 -20.61 25.19
C ASP B 1070 52.71 -21.56 24.42
N TYR B 1071 52.15 -22.51 23.68
CA TYR B 1071 53.02 -23.42 22.92
C TYR B 1071 53.66 -22.77 21.67
N GLN B 1072 53.07 -21.69 21.18
CA GLN B 1072 53.69 -20.89 20.13
C GLN B 1072 55.00 -20.26 20.61
N ALA B 1073 55.07 -19.95 21.90
CA ALA B 1073 56.27 -19.38 22.50
C ALA B 1073 57.31 -20.44 22.72
N LYS B 1074 56.89 -21.65 23.12
CA LYS B 1074 57.83 -22.75 23.28
C LYS B 1074 58.50 -23.14 21.96
N TYR B 1075 57.68 -23.53 20.99
CA TYR B 1075 58.15 -24.14 19.74
C TYR B 1075 58.34 -23.17 18.54
N GLY B 1076 57.95 -21.91 18.69
CA GLY B 1076 58.06 -20.96 17.59
C GLY B 1076 59.48 -20.81 17.13
N GLY B 1077 59.69 -20.91 15.81
CA GLY B 1077 61.03 -20.81 15.21
C GLY B 1077 62.15 -21.80 15.58
N GLU B 1078 61.86 -22.76 16.46
CA GLU B 1078 62.91 -23.55 17.09
C GLU B 1078 63.64 -24.50 16.16
N PHE B 1079 62.95 -24.92 15.11
CA PHE B 1079 63.47 -25.96 14.22
C PHE B 1079 64.16 -25.38 12.98
N LEU B 1080 64.12 -24.06 12.81
CA LEU B 1080 64.63 -23.42 11.61
C LEU B 1080 66.14 -23.45 11.51
N ASP B 1081 66.85 -23.25 12.62
CA ASP B 1081 68.31 -23.23 12.59
C ASP B 1081 68.85 -24.60 12.22
N LYS B 1082 68.30 -25.63 12.83
CA LYS B 1082 68.67 -26.98 12.46
C LYS B 1082 68.43 -27.20 10.96
N LEU B 1083 67.30 -26.72 10.46
CA LEU B 1083 66.93 -26.90 9.05
C LEU B 1083 67.78 -26.11 8.07
N ARG B 1084 68.25 -24.92 8.48
CA ARG B 1084 69.09 -24.09 7.62
C ARG B 1084 70.45 -24.76 7.46
N GLU B 1085 70.96 -25.29 8.57
CA GLU B 1085 72.21 -26.06 8.57
C GLU B 1085 72.11 -27.25 7.64
N GLU B 1086 71.03 -28.01 7.73
CA GLU B 1086 70.86 -29.23 6.96
C GLU B 1086 70.44 -29.06 5.49
N TYR B 1087 69.67 -28.04 5.14
CA TYR B 1087 69.18 -27.88 3.76
C TYR B 1087 69.27 -26.42 3.34
N PRO B 1088 70.48 -25.91 3.19
CA PRO B 1088 70.68 -24.48 2.96
C PRO B 1088 69.82 -23.86 1.86
N SER B 1089 69.57 -24.59 0.78
CA SER B 1089 68.88 -24.02 -0.39
C SER B 1089 67.47 -23.57 -0.08
N LEU B 1090 66.77 -24.24 0.84
CA LEU B 1090 65.44 -23.78 1.28
C LEU B 1090 65.44 -22.32 1.77
N PHE B 1091 66.52 -21.94 2.42
CA PHE B 1091 66.64 -20.61 2.99
C PHE B 1091 67.29 -19.60 2.06
N LYS B 1092 67.85 -20.10 0.94
CA LYS B 1092 68.46 -19.27 -0.10
C LYS B 1092 67.58 -19.07 -1.35
N GLN B 1093 66.65 -19.97 -1.57
CA GLN B 1093 65.76 -19.88 -2.71
C GLN B 1093 64.74 -18.74 -2.59
N ASN B 1094 64.66 -17.92 -3.64
CA ASN B 1094 63.68 -16.82 -3.68
C ASN B 1094 62.26 -17.29 -3.92
N GLN B 1095 61.34 -16.64 -3.25
CA GLN B 1095 59.92 -16.82 -3.47
C GLN B 1095 59.41 -15.85 -4.52
N VAL B 1096 58.33 -16.19 -5.21
CA VAL B 1096 57.90 -15.42 -6.37
C VAL B 1096 57.30 -14.09 -5.99
N SER B 1097 56.38 -14.12 -5.03
CA SER B 1097 55.58 -12.94 -4.70
C SER B 1097 56.42 -11.84 -4.08
N THR B 1098 57.51 -12.21 -3.41
CA THR B 1098 58.35 -11.24 -2.68
C THR B 1098 59.68 -10.91 -3.35
N GLY B 1099 60.17 -11.77 -4.22
CA GLY B 1099 61.51 -11.63 -4.76
C GLY B 1099 62.60 -11.97 -3.73
N GLN B 1100 62.19 -12.40 -2.55
CA GLN B 1100 63.08 -12.62 -1.42
C GLN B 1100 62.98 -14.06 -1.01
N PRO B 1101 63.99 -14.57 -0.31
CA PRO B 1101 63.87 -15.86 0.30
C PRO B 1101 63.21 -15.73 1.66
N ILE B 1102 62.77 -16.83 2.23
CA ILE B 1102 62.28 -16.81 3.59
C ILE B 1102 63.38 -16.36 4.55
N ASP B 1103 62.96 -15.72 5.65
CA ASP B 1103 63.85 -15.09 6.60
C ASP B 1103 63.71 -15.74 7.97
N ALA B 1104 64.65 -16.62 8.30
CA ALA B 1104 64.70 -17.26 9.60
C ALA B 1104 65.53 -16.49 10.63
N SER B 1105 66.01 -15.29 10.26
CA SER B 1105 66.81 -14.44 11.14
C SER B 1105 66.00 -13.94 12.32
N THR B 1106 64.67 -13.96 12.20
CA THR B 1106 63.78 -13.55 13.27
C THR B 1106 62.78 -14.67 13.58
N LYS B 1107 62.65 -15.00 14.85
CA LYS B 1107 61.77 -16.09 15.28
C LYS B 1107 60.48 -15.52 15.84
N ILE B 1108 59.34 -16.18 15.60
CA ILE B 1108 58.05 -15.68 16.10
C ILE B 1108 57.57 -16.52 17.28
N LYS B 1109 57.90 -16.08 18.50
CA LYS B 1109 57.39 -16.73 19.71
C LYS B 1109 56.09 -16.09 20.16
N GLN B 1110 55.82 -14.89 19.66
CA GLN B 1110 54.60 -14.15 20.02
C GLN B 1110 54.03 -13.37 18.83
N TRP B 1111 52.78 -13.60 18.52
CA TRP B 1111 52.14 -12.87 17.45
C TRP B 1111 51.86 -11.45 17.86
N SER B 1112 51.84 -10.55 16.89
CA SER B 1112 51.40 -9.18 17.09
C SER B 1112 51.01 -8.60 15.77
N ALA B 1113 50.42 -7.43 15.80
CA ALA B 1113 49.80 -6.84 14.62
C ALA B 1113 50.74 -6.69 13.41
N LYS B 1114 52.01 -6.45 13.65
CA LYS B 1114 52.92 -6.26 12.50
C LYS B 1114 53.00 -7.46 11.58
N TYR B 1115 52.65 -8.63 12.08
CA TYR B 1115 52.64 -9.83 11.26
C TYR B 1115 51.23 -10.19 10.74
N MET B 1116 50.29 -9.28 10.87
CA MET B 1116 48.92 -9.52 10.40
C MET B 1116 48.52 -8.56 9.29
N ASN B 1117 47.65 -8.99 8.41
CA ASN B 1117 47.11 -8.13 7.38
C ASN B 1117 45.94 -7.34 7.90
N GLY B 1118 45.18 -7.94 8.81
CA GLY B 1118 44.00 -7.31 9.35
C GLY B 1118 43.19 -8.17 10.29
N THR B 1119 41.92 -7.80 10.42
CA THR B 1119 40.99 -8.49 11.29
C THR B 1119 39.57 -8.26 10.81
N ASN B 1120 38.67 -9.13 11.24
CA ASN B 1120 37.26 -8.84 11.14
C ASN B 1120 36.95 -7.68 12.05
N ILE B 1121 35.98 -6.86 11.67
CA ILE B 1121 35.58 -5.71 12.49
C ILE B 1121 35.20 -6.17 13.89
N LEU B 1122 35.67 -5.42 14.90
CA LEU B 1122 35.53 -5.80 16.29
C LEU B 1122 34.45 -5.02 17.06
N HIS B 1123 33.65 -4.22 16.36
CA HIS B 1123 32.50 -3.51 16.95
C HIS B 1123 32.88 -2.49 18.01
N ARG B 1124 34.03 -1.86 17.84
CA ARG B 1124 34.57 -0.96 18.86
C ARG B 1124 34.38 0.51 18.53
N GLY B 1125 34.36 0.81 17.23
CA GLY B 1125 34.04 2.13 16.72
C GLY B 1125 35.21 2.73 15.98
N ALA B 1126 34.91 3.62 15.06
CA ALA B 1126 35.95 4.30 14.30
C ALA B 1126 36.81 5.22 15.17
N TYR B 1127 36.22 5.74 16.25
CA TYR B 1127 36.91 6.71 17.12
C TYR B 1127 36.86 6.34 18.58
N TYR B 1128 37.07 5.06 18.86
CA TYR B 1128 37.22 4.52 20.20
C TYR B 1128 38.53 5.01 20.75
N VAL B 1129 39.50 5.17 19.86
CA VAL B 1129 40.79 5.74 20.18
C VAL B 1129 40.57 7.23 20.11
N LEU B 1130 40.82 7.93 21.22
CA LEU B 1130 40.33 9.29 21.36
C LEU B 1130 41.21 10.29 20.67
N LYS B 1131 40.53 11.29 20.12
CA LYS B 1131 41.06 12.23 19.17
C LYS B 1131 40.45 13.61 19.48
N ASP B 1132 41.18 14.68 19.19
CA ASP B 1132 40.66 16.02 19.29
C ASP B 1132 40.13 16.44 17.93
N TRP B 1133 38.85 16.86 17.83
CA TRP B 1133 38.26 17.14 16.50
C TRP B 1133 38.93 18.32 15.82
N ALA B 1134 39.41 19.27 16.61
CA ALA B 1134 39.93 20.52 16.09
C ALA B 1134 41.25 20.40 15.31
N THR B 1135 42.21 19.68 15.88
CA THR B 1135 43.53 19.47 15.27
C THR B 1135 43.65 18.11 14.57
N ASN B 1136 42.71 17.22 14.89
CA ASN B 1136 42.70 15.83 14.44
C ASN B 1136 43.84 15.00 14.98
N GLN B 1137 44.50 15.47 16.04
CA GLN B 1137 45.56 14.70 16.66
C GLN B 1137 45.01 13.79 17.76
N TYR B 1138 45.57 12.61 17.88
CA TYR B 1138 45.15 11.64 18.89
C TYR B 1138 45.88 11.89 20.21
N PHE B 1139 45.17 11.69 21.32
CA PHE B 1139 45.79 11.89 22.62
C PHE B 1139 46.77 10.78 22.86
N ASN B 1140 47.89 11.13 23.49
CA ASN B 1140 48.95 10.18 23.81
C ASN B 1140 49.78 10.58 25.04
N ILE B 1141 50.28 9.57 25.74
CA ILE B 1141 51.02 9.76 26.99
C ILE B 1141 52.23 8.84 27.17
N ALA B 1142 52.72 8.28 26.06
CA ALA B 1142 53.76 7.26 26.12
C ALA B 1142 55.10 7.81 26.53
N LYS B 1143 55.51 8.88 25.85
CA LYS B 1143 56.73 9.58 26.15
C LYS B 1143 56.43 11.02 26.59
N THR B 1144 57.01 11.42 27.72
CA THR B 1144 56.82 12.75 28.29
C THR B 1144 57.19 13.94 27.37
N ASN B 1145 58.03 13.70 26.36
CA ASN B 1145 58.35 14.74 25.34
C ASN B 1145 57.32 14.95 24.20
N GLU B 1146 56.32 14.08 24.11
CA GLU B 1146 55.35 14.16 23.01
C GLU B 1146 53.94 13.88 23.54
N VAL B 1147 53.65 14.42 24.73
CA VAL B 1147 52.34 14.26 25.35
C VAL B 1147 51.32 15.13 24.64
N PHE B 1148 50.11 14.61 24.49
CA PHE B 1148 49.01 15.42 24.01
C PHE B 1148 47.79 14.98 24.80
N LEU B 1149 47.26 15.90 25.60
CA LEU B 1149 46.05 15.66 26.38
C LEU B 1149 45.13 16.87 26.26
N PRO B 1150 43.87 16.70 26.64
CA PRO B 1150 43.01 17.86 26.72
C PRO B 1150 43.57 18.76 27.79
N LEU B 1151 43.43 20.06 27.62
CA LEU B 1151 44.03 21.00 28.54
C LEU B 1151 43.41 20.96 29.94
N GLN B 1152 42.12 20.61 30.09
CA GLN B 1152 41.49 20.38 31.42
C GLN B 1152 42.29 19.43 32.30
N LEU B 1153 42.79 18.37 31.68
CA LEU B 1153 43.42 17.29 32.42
C LEU B 1153 44.80 17.68 32.87
N GLN B 1154 45.39 18.71 32.24
CA GLN B 1154 46.68 19.24 32.68
C GLN B 1154 46.58 20.49 33.57
N ASN B 1155 45.39 20.75 34.09
CA ASN B 1155 45.07 21.99 34.82
C ASN B 1155 45.49 23.25 34.07
N LYS B 1156 45.12 23.32 32.81
CA LYS B 1156 45.22 24.53 32.05
C LYS B 1156 43.83 24.88 31.64
N ASP B 1157 43.66 26.06 31.08
CA ASP B 1157 42.34 26.57 30.77
C ASP B 1157 41.97 26.17 29.36
N ALA B 1158 40.85 25.50 29.25
CA ALA B 1158 40.37 25.06 27.96
C ALA B 1158 39.21 25.93 27.57
N GLN B 1159 39.34 26.69 26.50
CA GLN B 1159 38.23 27.47 26.06
C GLN B 1159 37.62 26.80 24.89
N THR B 1160 36.31 26.86 24.81
CA THR B 1160 35.62 26.15 23.75
C THR B 1160 34.46 26.95 23.18
N GLY B 1161 34.31 26.92 21.86
CA GLY B 1161 33.18 27.55 21.20
C GLY B 1161 33.61 28.31 19.98
N PHE B 1162 32.64 28.96 19.36
CA PHE B 1162 32.86 29.77 18.18
C PHE B 1162 33.10 31.21 18.62
N ILE B 1163 34.09 31.88 18.05
CA ILE B 1163 34.29 33.29 18.32
C ILE B 1163 34.58 34.05 17.03
N SER B 1164 33.90 35.16 16.81
CA SER B 1164 34.17 35.97 15.63
C SER B 1164 35.32 36.92 15.88
N ASP B 1165 35.99 37.31 14.80
CA ASP B 1165 36.95 38.43 14.82
C ASP B 1165 36.86 39.16 13.47
N ALA B 1166 37.66 40.21 13.30
CA ALA B 1166 37.50 41.04 12.10
C ALA B 1166 37.72 40.26 10.84
N SER B 1167 38.59 39.26 10.89
CA SER B 1167 38.87 38.44 9.72
C SER B 1167 37.80 37.36 9.45
N GLY B 1168 37.28 36.72 10.50
CA GLY B 1168 36.27 35.66 10.31
C GLY B 1168 35.95 34.93 11.59
N VAL B 1169 35.39 33.73 11.47
CA VAL B 1169 34.98 32.97 12.67
C VAL B 1169 35.96 31.87 12.99
N LYS B 1170 36.24 31.68 14.27
CA LYS B 1170 37.16 30.64 14.74
C LYS B 1170 36.42 29.70 15.65
N TYR B 1171 37.00 28.53 15.91
CA TYR B 1171 36.35 27.59 16.82
C TYR B 1171 37.35 26.88 17.67
N TYR B 1172 37.00 26.66 18.93
CA TYR B 1172 37.84 25.91 19.89
C TYR B 1172 37.12 24.68 20.40
N SER B 1173 37.76 23.51 20.36
CA SER B 1173 37.13 22.27 20.80
C SER B 1173 37.02 22.17 22.29
N ILE B 1174 36.31 21.16 22.79
CA ILE B 1174 36.17 20.99 24.24
C ILE B 1174 37.50 20.84 24.94
N SER B 1175 38.50 20.38 24.22
CA SER B 1175 39.80 20.18 24.83
C SER B 1175 40.65 21.45 24.81
N GLY B 1176 40.13 22.51 24.19
CA GLY B 1176 40.74 23.84 24.24
C GLY B 1176 41.66 24.17 23.08
N TYR B 1177 41.56 23.47 21.96
CA TYR B 1177 42.45 23.73 20.83
C TYR B 1177 41.70 24.34 19.65
N GLN B 1178 42.41 25.12 18.84
CA GLN B 1178 41.78 25.80 17.72
C GLN B 1178 41.61 24.87 16.53
N ALA B 1179 40.44 24.95 15.89
CA ALA B 1179 40.14 24.16 14.71
C ALA B 1179 40.85 24.75 13.52
N LYS B 1180 41.69 23.92 12.90
CA LYS B 1180 42.31 24.25 11.62
C LYS B 1180 42.30 23.03 10.74
N ASP B 1181 41.95 23.26 9.47
CA ASP B 1181 42.00 22.24 8.42
C ASP B 1181 41.20 21.04 8.89
N THR B 1182 39.93 21.29 9.20
CA THR B 1182 39.07 20.29 9.80
C THR B 1182 37.62 20.69 9.69
N PHE B 1183 36.75 19.70 9.68
CA PHE B 1183 35.31 19.94 9.61
C PHE B 1183 34.80 19.87 11.03
N ILE B 1184 33.83 20.71 11.37
CA ILE B 1184 33.31 20.78 12.73
C ILE B 1184 31.81 20.89 12.68
N GLU B 1185 31.17 20.27 13.64
CA GLU B 1185 29.72 20.23 13.71
C GLU B 1185 29.29 20.93 14.97
N ASP B 1186 28.33 21.82 14.83
CA ASP B 1186 27.85 22.54 15.99
C ASP B 1186 26.78 21.75 16.73
N GLY B 1187 26.24 22.35 17.77
CA GLY B 1187 25.26 21.69 18.61
C GLY B 1187 23.90 21.59 18.01
N ASN B 1188 23.58 22.37 16.99
CA ASN B 1188 22.32 22.23 16.26
C ASN B 1188 22.40 21.30 15.05
N GLY B 1189 23.55 20.70 14.82
CA GLY B 1189 23.70 19.71 13.76
C GLY B 1189 24.25 20.26 12.45
N ASN B 1190 24.58 21.54 12.39
CA ASN B 1190 25.15 22.11 11.19
C ASN B 1190 26.65 21.80 11.09
N TRP B 1191 27.13 21.70 9.86
CA TRP B 1191 28.54 21.40 9.61
C TRP B 1191 29.30 22.58 9.02
N TYR B 1192 30.57 22.72 9.42
CA TYR B 1192 31.43 23.82 8.96
C TYR B 1192 32.80 23.30 8.59
N TYR B 1193 33.50 24.00 7.70
CA TYR B 1193 34.90 23.72 7.44
C TYR B 1193 35.80 24.90 7.84
N PHE B 1194 36.83 24.61 8.63
CA PHE B 1194 37.80 25.60 9.03
C PHE B 1194 39.10 25.40 8.24
N ASP B 1195 39.55 26.45 7.55
CA ASP B 1195 40.70 26.37 6.64
C ASP B 1195 42.01 26.26 7.41
N LYS B 1196 43.10 26.18 6.66
CA LYS B 1196 44.42 26.03 7.27
C LYS B 1196 44.72 27.17 8.24
N ASP B 1197 44.27 28.38 7.90
CA ASP B 1197 44.50 29.56 8.73
C ASP B 1197 43.69 29.59 10.03
N GLY B 1198 42.72 28.72 10.18
CA GLY B 1198 41.92 28.63 11.39
C GLY B 1198 40.57 29.32 11.32
N TYR B 1199 40.14 29.64 10.09
CA TYR B 1199 38.95 30.42 9.85
C TYR B 1199 37.89 29.67 9.07
N MET B 1200 36.65 29.70 9.57
CA MET B 1200 35.50 29.11 8.91
C MET B 1200 35.41 29.60 7.47
N VAL B 1201 35.09 28.71 6.55
CA VAL B 1201 34.87 29.12 5.16
C VAL B 1201 33.42 29.62 5.03
N ARG B 1202 33.22 30.79 4.41
CA ARG B 1202 31.89 31.31 4.16
C ARG B 1202 31.81 31.98 2.80
N SER B 1203 30.63 31.99 2.20
CA SER B 1203 30.45 32.59 0.88
C SER B 1203 30.23 34.10 1.00
N GLN B 1204 30.81 34.84 0.06
CA GLN B 1204 30.66 36.29 -0.05
C GLN B 1204 29.54 36.55 -1.06
N GLN B 1205 28.95 37.75 -1.05
CA GLN B 1205 27.97 38.12 -2.10
C GLN B 1205 28.66 38.25 -3.48
N GLY B 1206 27.98 37.79 -4.52
CA GLY B 1206 28.51 37.84 -5.89
C GLY B 1206 29.66 36.89 -6.20
N GLU B 1207 30.04 36.06 -5.23
CA GLU B 1207 31.13 35.09 -5.38
C GLU B 1207 30.59 33.64 -5.30
N ASN B 1208 31.34 32.69 -5.85
CA ASN B 1208 30.91 31.30 -5.92
C ASN B 1208 30.95 30.65 -4.54
N PRO B 1209 29.80 30.15 -4.08
CA PRO B 1209 29.75 29.51 -2.77
C PRO B 1209 30.39 28.14 -2.76
N ILE B 1210 30.58 27.55 -3.94
CA ILE B 1210 31.16 26.22 -4.05
C ILE B 1210 32.65 26.29 -3.86
N ARG B 1211 33.18 25.54 -2.90
CA ARG B 1211 34.62 25.58 -2.65
C ARG B 1211 35.19 24.17 -2.65
N THR B 1212 36.37 24.03 -3.23
CA THR B 1212 37.10 22.77 -3.28
C THR B 1212 37.90 22.64 -2.00
N VAL B 1213 37.72 21.55 -1.28
CA VAL B 1213 38.41 21.34 0.00
C VAL B 1213 39.42 20.20 -0.11
N GLU B 1214 40.67 20.45 0.31
CA GLU B 1214 41.70 19.43 0.47
C GLU B 1214 42.14 19.42 1.94
N THR B 1215 41.81 18.37 2.69
CA THR B 1215 42.03 18.29 4.14
C THR B 1215 43.00 17.18 4.53
N SER B 1216 43.58 17.32 5.73
CA SER B 1216 44.30 16.24 6.42
C SER B 1216 43.50 14.94 6.41
N VAL B 1217 42.20 15.00 6.68
CA VAL B 1217 41.31 13.86 6.50
C VAL B 1217 40.91 13.78 5.02
N ASN B 1218 41.60 12.89 4.28
CA ASN B 1218 41.50 12.74 2.80
C ASN B 1218 40.15 12.32 2.27
N THR B 1219 39.45 11.50 3.02
CA THR B 1219 38.16 11.01 2.60
C THR B 1219 37.18 12.15 2.40
N ARG B 1220 37.34 13.21 3.19
CA ARG B 1220 36.41 14.33 3.13
C ARG B 1220 36.72 15.29 1.97
N ASN B 1221 37.80 15.06 1.22
CA ASN B 1221 38.09 15.93 0.08
C ASN B 1221 36.93 15.95 -0.89
N GLY B 1222 36.72 17.08 -1.53
CA GLY B 1222 35.64 17.23 -2.49
C GLY B 1222 35.23 18.68 -2.66
N ASN B 1223 34.17 18.92 -3.40
CA ASN B 1223 33.60 20.24 -3.55
C ASN B 1223 32.36 20.39 -2.67
N TYR B 1224 32.39 21.44 -1.84
CA TYR B 1224 31.33 21.72 -0.92
C TYR B 1224 30.68 23.03 -1.26
N TYR B 1225 29.51 23.24 -0.67
CA TYR B 1225 28.75 24.48 -0.85
C TYR B 1225 28.55 25.13 0.52
N PHE B 1226 29.34 26.18 0.84
CA PHE B 1226 29.22 26.87 2.13
C PHE B 1226 28.43 28.14 2.00
N MET B 1227 27.50 28.36 2.92
CA MET B 1227 26.60 29.50 2.83
C MET B 1227 27.24 30.71 3.52
N PRO B 1228 26.55 31.87 3.53
CA PRO B 1228 27.23 33.03 4.06
C PRO B 1228 27.53 32.90 5.55
N ASN B 1229 26.76 32.10 6.26
CA ASN B 1229 27.03 31.85 7.68
C ASN B 1229 27.83 30.60 7.93
N GLY B 1230 28.40 30.07 6.85
CA GLY B 1230 29.38 29.00 6.95
C GLY B 1230 28.85 27.59 6.96
N VAL B 1231 27.51 27.49 6.94
CA VAL B 1231 26.82 26.21 7.01
C VAL B 1231 27.02 25.51 5.70
N GLU B 1232 27.37 24.24 5.79
CA GLU B 1232 27.59 23.39 4.64
C GLU B 1232 26.23 22.85 4.20
N LEU B 1233 25.93 22.95 2.90
CA LEU B 1233 24.67 22.42 2.34
C LEU B 1233 24.77 20.89 2.19
N ARG B 1234 23.71 20.19 2.58
CA ARG B 1234 23.70 18.74 2.60
C ARG B 1234 22.38 18.12 2.07
N LYS B 1235 22.52 17.21 1.11
CA LYS B 1235 21.39 16.47 0.60
C LYS B 1235 20.45 17.44 -0.10
N GLY B 1236 21.01 18.26 -0.99
CA GLY B 1236 20.19 19.25 -1.67
C GLY B 1236 20.91 19.99 -2.78
N PHE B 1237 20.15 20.79 -3.53
CA PHE B 1237 20.70 21.47 -4.68
C PHE B 1237 21.20 22.86 -4.33
N GLY B 1238 22.30 23.27 -4.97
CA GLY B 1238 22.89 24.58 -4.72
C GLY B 1238 23.25 25.32 -6.00
N THR B 1239 22.79 26.56 -6.12
CA THR B 1239 23.05 27.35 -7.32
C THR B 1239 24.37 28.10 -7.14
N ASP B 1240 25.19 28.18 -8.18
CA ASP B 1240 26.39 28.99 -8.13
C ASP B 1240 26.06 30.44 -8.51
N ASN B 1241 27.05 31.31 -8.47
CA ASN B 1241 26.86 32.72 -8.83
C ASN B 1241 26.36 32.95 -10.27
N SER B 1242 26.63 32.01 -11.18
CA SER B 1242 26.25 32.12 -12.59
C SER B 1242 24.93 31.43 -12.98
N GLY B 1243 24.17 30.91 -12.01
CA GLY B 1243 22.88 30.26 -12.30
C GLY B 1243 22.89 28.74 -12.55
N ASN B 1244 24.06 28.11 -12.58
CA ASN B 1244 24.16 26.64 -12.73
C ASN B 1244 23.79 25.90 -11.45
N VAL B 1245 23.05 24.81 -11.57
CA VAL B 1245 22.63 24.05 -10.38
C VAL B 1245 23.49 22.81 -10.20
N TYR B 1246 23.89 22.56 -8.95
CA TYR B 1246 24.63 21.35 -8.61
C TYR B 1246 23.90 20.66 -7.47
N TYR B 1247 24.27 19.41 -7.16
CA TYR B 1247 23.70 18.68 -6.01
C TYR B 1247 24.80 18.25 -5.07
N PHE B 1248 24.48 18.23 -3.78
CA PHE B 1248 25.44 17.93 -2.70
C PHE B 1248 24.87 16.90 -1.78
N ASP B 1249 25.67 15.89 -1.47
CA ASP B 1249 25.16 14.65 -0.86
C ASP B 1249 24.99 14.70 0.66
N ASP B 1250 24.67 13.55 1.25
CA ASP B 1250 24.44 13.40 2.68
C ASP B 1250 25.49 14.12 3.51
N GLN B 1251 26.73 14.08 3.04
CA GLN B 1251 27.87 14.62 3.79
C GLN B 1251 28.44 15.91 3.21
N GLY B 1252 27.70 16.54 2.29
CA GLY B 1252 28.09 17.83 1.75
C GLY B 1252 28.84 17.84 0.44
N LYS B 1253 29.33 16.67 0.00
CA LYS B 1253 30.12 16.57 -1.25
C LYS B 1253 29.27 16.74 -2.51
N MET B 1254 29.87 17.36 -3.53
CA MET B 1254 29.23 17.50 -4.82
C MET B 1254 29.14 16.15 -5.46
N VAL B 1255 28.06 15.91 -6.19
CA VAL B 1255 27.85 14.67 -6.91
C VAL B 1255 27.99 14.93 -8.40
N ARG B 1256 28.68 14.01 -9.07
CA ARG B 1256 28.98 14.12 -10.50
C ARG B 1256 28.59 12.86 -11.28
N ASP B 1257 28.12 13.08 -12.51
CA ASP B 1257 28.07 12.03 -13.51
C ASP B 1257 27.18 10.87 -13.09
N LYS B 1258 25.92 11.18 -12.79
CA LYS B 1258 24.93 10.16 -12.49
C LYS B 1258 23.50 10.71 -12.40
N TYR B 1259 22.53 9.81 -12.45
CA TYR B 1259 21.16 10.20 -12.25
C TYR B 1259 20.90 10.17 -10.73
N ILE B 1260 19.98 11.02 -10.30
CA ILE B 1260 19.64 11.13 -8.90
C ILE B 1260 18.11 11.14 -8.77
N ASN B 1261 17.57 10.42 -7.79
CA ASN B 1261 16.11 10.38 -7.61
C ASN B 1261 15.64 11.03 -6.34
N ASP B 1262 14.35 11.33 -6.31
CA ASP B 1262 13.73 12.20 -5.33
C ASP B 1262 12.63 11.36 -4.64
N ASP B 1263 12.30 11.65 -3.39
CA ASP B 1263 11.16 10.97 -2.72
C ASP B 1263 9.80 11.09 -3.48
N ALA B 1264 9.59 12.19 -4.22
CA ALA B 1264 8.37 12.40 -5.02
C ALA B 1264 8.49 11.84 -6.45
N ASN B 1265 9.60 11.14 -6.70
CA ASN B 1265 9.82 10.43 -7.96
C ASN B 1265 10.28 11.35 -9.11
N ASN B 1266 10.82 12.51 -8.74
CA ASN B 1266 11.46 13.38 -9.71
C ASN B 1266 12.88 12.85 -9.99
N PHE B 1267 13.27 12.86 -11.26
CA PHE B 1267 14.61 12.43 -11.63
C PHE B 1267 15.42 13.61 -12.15
N TYR B 1268 16.70 13.64 -11.77
CA TYR B 1268 17.63 14.66 -12.24
C TYR B 1268 18.90 13.98 -12.68
N HIS B 1269 19.63 14.63 -13.59
CA HIS B 1269 20.92 14.13 -14.07
C HIS B 1269 21.99 15.14 -13.80
N LEU B 1270 23.14 14.66 -13.34
CA LEU B 1270 24.29 15.50 -13.11
C LEU B 1270 25.39 15.12 -14.09
N ASN B 1271 25.82 16.11 -14.86
CA ASN B 1271 26.91 15.96 -15.84
C ASN B 1271 28.22 15.64 -15.13
N VAL B 1272 29.28 15.51 -15.92
CA VAL B 1272 30.62 15.20 -15.38
C VAL B 1272 31.16 16.40 -14.60
N ASP B 1273 31.01 17.60 -15.17
CA ASP B 1273 31.45 18.82 -14.50
C ASP B 1273 30.57 19.20 -13.29
N GLY B 1274 29.57 18.38 -12.98
CA GLY B 1274 28.71 18.59 -11.82
C GLY B 1274 27.34 19.18 -12.13
N THR B 1275 27.23 19.88 -13.26
CA THR B 1275 26.01 20.64 -13.54
C THR B 1275 24.84 19.71 -13.74
N MET B 1276 23.64 20.24 -13.53
CA MET B 1276 22.41 19.46 -13.65
C MET B 1276 21.67 19.71 -14.97
N SER B 1277 21.69 18.72 -15.85
CA SER B 1277 20.94 18.77 -17.10
C SER B 1277 19.44 18.61 -16.82
N ARG B 1278 19.12 17.66 -15.92
CA ARG B 1278 17.74 17.36 -15.46
C ARG B 1278 16.80 16.96 -16.61
C1 GLC C . -14.96 37.20 -9.66
C2 GLC C . -15.22 37.42 -8.18
C3 GLC C . -16.68 37.08 -7.89
C4 GLC C . -17.64 37.75 -8.91
C5 GLC C . -17.15 37.50 -10.34
C6 GLC C . -18.02 38.21 -11.36
O2 GLC C . -14.37 36.60 -7.43
O3 GLC C . -17.04 37.47 -6.57
O4 GLC C . -18.94 37.23 -8.78
O5 GLC C . -15.82 37.97 -10.44
O6 GLC C . -18.14 39.55 -10.93
C1 GLC C . -19.29 40.24 -11.68
C2 GLC C . -19.16 41.71 -11.33
C3 GLC C . -19.33 41.88 -9.82
C4 GLC C . -20.54 41.13 -9.26
C5 GLC C . -20.69 39.74 -9.87
C6 GLC C . -22.02 39.10 -9.50
O2 GLC C . -17.89 42.18 -11.74
O3 GLC C . -19.45 43.26 -9.56
O4 GLC C . -20.42 41.00 -7.84
O5 GLC C . -20.56 39.77 -11.28
O6 GLC C . -22.03 37.78 -10.00
C1 GLC D . 0.25 5.16 7.47
C2 GLC D . 1.66 5.20 8.06
C3 GLC D . 2.28 3.88 7.59
C4 GLC D . 1.37 2.75 8.06
C5 GLC D . -0.06 2.89 7.47
C6 GLC D . -0.96 1.71 7.89
O1 GLC D . -0.02 5.68 6.23
O2 GLC D . 2.39 6.27 7.53
O3 GLC D . 3.58 3.71 8.13
O4 GLC D . 1.95 1.50 7.74
O5 GLC D . -0.62 4.12 7.90
O6 GLC D . -1.13 1.69 9.29
C1 GLC D . 2.18 0.72 8.96
C2 GLC D . 3.67 0.48 9.17
C3 GLC D . 4.11 -0.61 8.20
C4 GLC D . 3.21 -1.83 8.35
C5 GLC D . 1.73 -1.46 8.28
C6 GLC D . 0.86 -2.71 8.48
O2 GLC D . 4.38 1.67 8.86
O3 GLC D . 5.47 -0.98 8.37
O4 GLC D . 3.52 -2.73 7.31
O5 GLC D . 1.43 -0.44 9.23
O6 GLC D . 0.65 -2.90 9.85
C1 GLC E . -6.27 -3.76 3.37
C2 GLC E . -7.11 -2.50 3.26
C3 GLC E . -6.30 -1.28 3.72
C4 GLC E . -5.68 -1.54 5.10
C5 GLC E . -4.94 -2.89 5.14
C6 GLC E . -4.40 -3.22 6.52
O2 GLC E . -7.56 -2.33 1.92
O3 GLC E . -7.11 -0.12 3.73
O4 GLC E . -4.80 -0.51 5.47
O5 GLC E . -5.82 -3.94 4.70
O6 GLC E . -5.49 -3.14 7.41
C1 GLC E . -5.04 -2.76 8.84
C2 GLC E . -6.04 -3.25 9.86
C3 GLC E . -7.34 -2.45 9.64
C4 GLC E . -6.99 -0.97 9.78
C5 GLC E . -5.86 -0.56 8.84
C6 GLC E . -5.48 0.90 9.03
O2 GLC E . -6.23 -4.64 9.70
O3 GLC E . -8.37 -2.84 10.53
O4 GLC E . -8.11 -0.12 9.63
O5 GLC E . -4.73 -1.40 9.02
O6 GLC E . -4.36 1.19 8.21
CA CA F . -41.58 19.08 -11.67
C1 GLC G . -0.83 -3.35 10.10
C2 GLC G . -1.73 -2.21 10.57
C3 GLC G . -1.27 -1.78 11.96
C4 GLC G . -1.08 -2.98 12.90
C5 GLC G . -0.30 -4.11 12.24
C6 GLC G . -0.27 -5.34 13.15
O2 GLC G . -1.65 -1.09 9.69
O3 GLC G . -2.15 -0.81 12.49
O4 GLC G . -0.44 -2.58 14.10
O5 GLC G . -0.88 -4.44 10.99
O6 GLC G . 0.59 -6.31 12.61
C1 GLC H . -12.06 33.17 -11.46
C2 GLC H . -12.09 33.34 -9.94
C3 GLC H . -13.38 34.06 -9.49
C4 GLC H . -13.65 35.30 -10.34
C5 GLC H . -13.46 35.05 -11.84
C6 GLC H . -13.55 36.32 -12.68
O1 GLC H . -13.15 32.40 -11.88
O2 GLC H . -11.95 32.07 -9.34
O3 GLC H . -13.33 34.38 -8.11
O4 GLC H . -14.98 35.70 -10.07
O5 GLC H . -12.20 34.44 -12.07
O6 GLC H . -12.36 37.07 -12.58
CA CA I . 44.70 -14.30 4.30
C1 GLC J . 30.69 -28.02 -18.68
C2 GLC J . 30.89 -29.28 -19.49
C3 GLC J . 30.41 -30.47 -18.66
C4 GLC J . 31.11 -30.49 -17.30
C5 GLC J . 31.04 -29.11 -16.62
C6 GLC J . 31.89 -29.10 -15.35
O2 GLC J . 30.13 -29.18 -20.67
O3 GLC J . 30.70 -31.66 -19.34
O4 GLC J . 30.57 -31.50 -16.45
O5 GLC J . 31.44 -28.06 -17.49
O6 GLC J . 32.08 -27.78 -14.91
C1 GLC K . 25.19 -26.45 -17.76
C2 GLC K . 24.85 -27.78 -17.15
C3 GLC K . 25.79 -28.00 -15.96
C4 GLC K . 27.20 -28.02 -16.52
C5 GLC K . 27.49 -26.67 -17.21
C6 GLC K . 28.91 -26.64 -17.78
O2 GLC K . 23.50 -27.71 -16.76
O3 GLC K . 25.50 -29.18 -15.25
O4 GLC K . 28.14 -28.27 -15.48
O5 GLC K . 26.52 -26.38 -18.23
O6 GLC K . 29.15 -27.87 -18.41
C1 GLC L . 25.30 -21.19 -17.37
C2 GLC L . 24.99 -21.93 -18.67
C3 GLC L . 24.34 -23.27 -18.35
C4 GLC L . 25.23 -24.04 -17.38
C5 GLC L . 25.61 -23.19 -16.17
C6 GLC L . 26.59 -23.92 -15.24
O1 GLC L . 24.12 -21.00 -16.62
O2 GLC L . 24.16 -21.14 -19.47
O3 GLC L . 24.11 -23.99 -19.55
O4 GLC L . 24.62 -25.25 -16.94
O5 GLC L . 26.20 -21.99 -16.64
O6 GLC L . 26.24 -23.71 -13.88
C1 GLC M . -4.02 -5.74 -0.74
C2 GLC M . -5.39 -5.09 -0.93
C3 GLC M . -5.39 -3.98 0.12
C4 GLC M . -4.98 -4.53 1.49
C5 GLC M . -3.58 -5.14 1.38
C6 GLC M . -2.97 -5.49 2.73
O1 GLC M . -2.95 -5.19 -1.40
O2 GLC M . -5.47 -4.44 -2.18
O3 GLC M . -6.66 -3.37 0.20
O4 GLC M . -5.01 -3.52 2.47
O5 GLC M . -3.68 -6.29 0.52
O6 GLC M . -3.30 -6.80 3.12
#